data_9DYI
#
_entry.id   9DYI
#
_cell.length_a   1.00
_cell.length_b   1.00
_cell.length_c   1.00
_cell.angle_alpha   90.00
_cell.angle_beta   90.00
_cell.angle_gamma   90.00
#
_symmetry.space_group_name_H-M   'P 1'
#
loop_
_entity.id
_entity.type
_entity.pdbx_description
1 polymer Bestrophin-2a
2 non-polymer 'GLUTAMIC ACID'
3 non-polymer 'CALCIUM ION'
4 non-polymer 'CHLORIDE ION'
#
_entity_poly.entity_id   1
_entity_poly.type   'polypeptide(L)'
_entity_poly.pdbx_seq_one_letter_code
;MTVTYTARVANARFGGFSQLLLLWRGSIYKLLWRELLCFLGFYMALSAAYRFVLTEGQKRYFEKLVIYCDQYASLIPVSF
VLGFYVTLVVNRWWSQYLCMPLPDALMCVVAGTVHGRDDRGRLYRRTLMRYAGLSAVLILRSVSTAVFKRFPTIDHVVEA
GFMTREERKKFENLNSSYNKYWVPCVWFSNLAAQARREGRIRDNSALKLLLEELNVFRGKCGMLFHYDWISVPLVYTQVV
TIALYSYFLACLIGRQFLDPAQGYKDHDLDLCVPIFTLLQFFFYAGWLKVAEQLINPFGEDDDDFETNFLIDRNFQVSML
AVDEMYDDLAVLEKDLYWDAAEARAPYTAATVFQLRQPSFQGSTFDITLAKEDMQFQRLDGLDGPMGEAPGDFLQRLLPA
GAGMVAGGPLGRRLSFLLRKNSCVSEASTGASCSCAVVPEGAAPECSCGDPLLDPGLPEPEAPPPAGPEPLTLIPGPVEP
FSIVTMPGPRGPAPPWLPSPIGEEEENLA
;
_entity_poly.pdbx_strand_id   E,D,A,C,B
#
# COMPACT_ATOMS: atom_id res chain seq x y z
N THR A 2 14.53 -18.30 -10.56
CA THR A 2 13.11 -18.02 -10.46
C THR A 2 12.42 -19.17 -11.18
N VAL A 3 11.54 -19.87 -10.50
CA VAL A 3 10.68 -20.89 -11.14
C VAL A 3 9.49 -20.16 -11.75
N THR A 4 9.53 -19.91 -13.05
CA THR A 4 8.46 -19.20 -13.79
C THR A 4 7.45 -20.23 -14.28
N TYR A 5 6.20 -20.12 -13.83
CA TYR A 5 5.11 -21.02 -14.31
C TYR A 5 3.99 -20.16 -14.86
N THR A 6 4.28 -18.91 -15.24
CA THR A 6 3.27 -17.98 -15.83
C THR A 6 2.56 -18.62 -17.04
N ALA A 7 3.22 -19.43 -17.85
CA ALA A 7 2.63 -20.02 -19.05
C ALA A 7 1.61 -21.06 -18.62
N ARG A 8 1.90 -21.84 -17.59
CA ARG A 8 1.03 -22.97 -17.17
C ARG A 8 -0.27 -22.43 -16.63
N VAL A 9 -0.32 -21.16 -16.25
CA VAL A 9 -1.50 -20.59 -15.56
C VAL A 9 -2.01 -19.38 -16.38
N ALA A 10 -1.81 -19.39 -17.69
CA ALA A 10 -2.34 -18.35 -18.59
C ALA A 10 -3.86 -18.30 -18.50
N ASN A 11 -4.49 -19.45 -18.62
CA ASN A 11 -5.96 -19.60 -18.57
C ASN A 11 -6.30 -20.42 -17.35
N ALA A 12 -7.39 -20.07 -16.68
CA ALA A 12 -7.96 -20.86 -15.58
C ALA A 12 -8.56 -22.11 -16.22
N ARG A 13 -7.73 -23.16 -16.31
CA ARG A 13 -8.07 -24.47 -16.91
C ARG A 13 -8.55 -25.41 -15.82
N PHE A 14 -9.02 -26.58 -16.23
CA PHE A 14 -9.59 -27.59 -15.31
C PHE A 14 -8.48 -28.05 -14.37
N GLY A 15 -7.37 -28.48 -14.98
CA GLY A 15 -6.17 -28.88 -14.21
C GLY A 15 -5.74 -27.71 -13.36
N GLY A 16 -5.50 -26.56 -14.00
CA GLY A 16 -5.23 -25.30 -13.29
C GLY A 16 -4.03 -25.43 -12.37
N PHE A 17 -4.27 -25.20 -11.09
CA PHE A 17 -3.25 -25.24 -10.03
C PHE A 17 -2.91 -26.68 -9.65
N SER A 18 -3.78 -27.64 -9.92
CA SER A 18 -3.54 -29.06 -9.62
C SER A 18 -2.27 -29.55 -10.30
N GLN A 19 -2.10 -29.21 -11.57
CA GLN A 19 -0.90 -29.63 -12.34
C GLN A 19 0.34 -29.01 -11.69
N LEU A 20 0.22 -27.81 -11.09
CA LEU A 20 1.36 -27.16 -10.40
C LEU A 20 1.79 -28.00 -9.22
N LEU A 21 0.94 -28.90 -8.74
CA LEU A 21 1.36 -29.79 -7.64
C LEU A 21 2.32 -30.84 -8.15
N LEU A 22 2.52 -30.98 -9.45
CA LEU A 22 3.48 -31.99 -9.99
C LEU A 22 4.80 -31.33 -10.34
N LEU A 23 5.03 -30.09 -9.93
CA LEU A 23 6.35 -29.47 -10.17
C LEU A 23 7.24 -29.70 -8.93
N TRP A 24 8.53 -29.93 -9.17
CA TRP A 24 9.54 -30.20 -8.11
C TRP A 24 10.39 -28.96 -7.88
N ARG A 25 10.92 -28.31 -8.91
CA ARG A 25 11.81 -27.17 -8.63
C ARG A 25 10.94 -26.13 -7.92
N GLY A 26 11.47 -25.43 -6.94
CA GLY A 26 10.80 -24.24 -6.37
C GLY A 26 9.60 -24.69 -5.59
N SER A 27 9.44 -26.01 -5.44
CA SER A 27 8.18 -26.57 -4.91
C SER A 27 8.20 -26.64 -3.41
N ILE A 28 7.02 -26.85 -2.85
CA ILE A 28 6.81 -27.10 -1.42
C ILE A 28 7.43 -28.45 -1.08
N TYR A 29 7.40 -29.42 -1.97
CA TYR A 29 7.97 -30.77 -1.69
C TYR A 29 9.45 -30.64 -1.43
N LYS A 30 10.14 -29.94 -2.32
CA LYS A 30 11.61 -29.81 -2.25
C LYS A 30 11.97 -29.11 -0.95
N LEU A 31 11.25 -28.04 -0.59
CA LEU A 31 11.55 -27.18 0.57
C LEU A 31 11.15 -27.89 1.83
N LEU A 32 10.25 -28.85 1.80
CA LEU A 32 9.65 -29.37 3.06
C LEU A 32 9.77 -30.88 3.29
N TRP A 33 10.37 -31.67 2.40
CA TRP A 33 10.34 -33.14 2.58
C TRP A 33 11.18 -33.56 3.80
N ARG A 34 12.29 -32.91 4.06
CA ARG A 34 13.13 -33.23 5.25
C ARG A 34 12.32 -32.96 6.53
N GLU A 35 11.65 -31.81 6.60
CA GLU A 35 10.90 -31.42 7.82
C GLU A 35 9.71 -32.36 7.95
N LEU A 36 9.13 -32.77 6.83
CA LEU A 36 7.98 -33.70 6.84
C LEU A 36 8.47 -35.05 7.36
N LEU A 37 9.60 -35.53 6.92
CA LEU A 37 10.13 -36.82 7.40
C LEU A 37 10.48 -36.69 8.87
N CYS A 38 10.98 -35.56 9.34
CA CYS A 38 11.35 -35.39 10.76
C CYS A 38 10.08 -35.42 11.61
N PHE A 39 9.06 -34.69 11.19
CA PHE A 39 7.73 -34.63 11.85
C PHE A 39 7.19 -36.05 11.92
N LEU A 40 7.22 -36.74 10.80
CA LEU A 40 6.69 -38.11 10.70
C LEU A 40 7.55 -39.05 11.55
N GLY A 41 8.84 -38.82 11.63
CA GLY A 41 9.72 -39.68 12.44
C GLY A 41 9.41 -39.54 13.91
N PHE A 42 9.18 -38.33 14.38
CA PHE A 42 8.83 -38.11 15.80
C PHE A 42 7.47 -38.71 16.05
N TYR A 43 6.55 -38.56 15.10
CA TYR A 43 5.16 -39.06 15.28
C TYR A 43 5.21 -40.58 15.39
N MET A 44 5.93 -41.23 14.51
CA MET A 44 5.98 -42.72 14.53
C MET A 44 6.87 -43.20 15.68
N ALA A 45 7.83 -42.40 16.13
CA ALA A 45 8.62 -42.74 17.32
C ALA A 45 7.71 -42.81 18.55
N LEU A 46 6.85 -41.80 18.74
CA LEU A 46 5.86 -41.84 19.84
C LEU A 46 4.81 -42.90 19.61
N SER A 47 4.45 -43.16 18.37
CA SER A 47 3.47 -44.21 18.04
C SER A 47 4.04 -45.56 18.44
N ALA A 48 5.30 -45.82 18.08
CA ALA A 48 5.94 -47.12 18.40
C ALA A 48 6.10 -47.22 19.93
N ALA A 49 6.43 -46.12 20.59
CA ALA A 49 6.62 -46.09 22.06
C ALA A 49 5.30 -46.51 22.69
N TYR A 50 4.21 -45.95 22.18
CA TYR A 50 2.89 -46.13 22.83
C TYR A 50 2.41 -47.54 22.56
N ARG A 51 2.69 -48.07 21.38
CA ARG A 51 2.08 -49.34 20.94
C ARG A 51 2.87 -50.50 21.52
N PHE A 52 4.20 -50.39 21.58
CA PHE A 52 5.07 -51.55 21.90
C PHE A 52 5.89 -51.37 23.17
N VAL A 53 6.23 -50.14 23.58
CA VAL A 53 7.23 -49.89 24.64
C VAL A 53 6.56 -49.56 25.98
N LEU A 54 5.68 -48.57 26.02
CA LEU A 54 4.97 -48.11 27.24
C LEU A 54 4.13 -49.26 27.80
N THR A 55 4.09 -49.35 29.14
CA THR A 55 3.23 -50.33 29.87
C THR A 55 1.78 -49.82 29.95
N GLU A 56 0.88 -50.59 30.56
CA GLU A 56 -0.56 -50.27 30.60
C GLU A 56 -0.79 -48.96 31.35
N GLY A 57 -0.22 -48.81 32.54
CA GLY A 57 -0.27 -47.52 33.29
C GLY A 57 0.33 -46.40 32.46
N GLN A 58 1.47 -46.70 31.86
CA GLN A 58 2.23 -45.73 31.05
C GLN A 58 1.40 -45.35 29.84
N LYS A 59 0.75 -46.32 29.23
CA LYS A 59 -0.15 -46.08 28.06
C LYS A 59 -1.33 -45.18 28.49
N ARG A 60 -1.91 -45.42 29.66
CA ARG A 60 -3.05 -44.60 30.15
C ARG A 60 -2.57 -43.17 30.33
N TYR A 61 -1.41 -42.99 30.94
CA TYR A 61 -0.87 -41.64 31.21
C TYR A 61 -0.65 -40.94 29.87
N PHE A 62 -0.08 -41.66 28.92
CA PHE A 62 0.25 -41.09 27.59
C PHE A 62 -1.05 -40.63 26.98
N GLU A 63 -2.12 -41.43 27.09
CA GLU A 63 -3.41 -41.10 26.44
C GLU A 63 -3.97 -39.85 27.10
N LYS A 64 -3.81 -39.70 28.42
CA LYS A 64 -4.27 -38.47 29.15
C LYS A 64 -3.52 -37.24 28.64
N LEU A 65 -2.22 -37.40 28.43
CA LEU A 65 -1.33 -36.35 27.90
C LEU A 65 -1.77 -36.02 26.47
N VAL A 66 -2.12 -37.02 25.67
CA VAL A 66 -2.49 -36.83 24.25
C VAL A 66 -3.80 -36.04 24.20
N ILE A 67 -4.75 -36.40 25.05
CA ILE A 67 -6.04 -35.68 25.07
C ILE A 67 -5.78 -34.24 25.51
N TYR A 68 -4.92 -34.04 26.50
CA TYR A 68 -4.57 -32.68 27.00
C TYR A 68 -3.93 -31.87 25.88
N CYS A 69 -2.99 -32.44 25.16
CA CYS A 69 -2.20 -31.72 24.12
C CYS A 69 -3.10 -31.40 22.92
N ASP A 70 -4.07 -32.25 22.60
CA ASP A 70 -4.95 -31.99 21.44
C ASP A 70 -5.72 -30.69 21.66
N GLN A 71 -6.03 -30.34 22.92
CA GLN A 71 -6.74 -29.09 23.28
C GLN A 71 -5.96 -27.86 22.81
N TYR A 72 -4.63 -27.91 22.90
CA TYR A 72 -3.74 -26.74 22.68
C TYR A 72 -3.37 -26.59 21.21
N ALA A 73 -3.84 -27.47 20.35
CA ALA A 73 -3.56 -27.38 18.90
C ALA A 73 -4.46 -26.27 18.32
N SER A 74 -4.23 -25.03 18.77
CA SER A 74 -4.97 -23.82 18.32
C SER A 74 -4.43 -23.41 16.95
N LEU A 75 -5.05 -23.89 15.87
CA LEU A 75 -4.61 -23.57 14.48
C LEU A 75 -4.97 -22.13 14.08
N ILE A 76 -5.90 -21.48 14.75
CA ILE A 76 -6.36 -20.12 14.33
C ILE A 76 -5.28 -19.09 14.65
N PRO A 77 -4.67 -19.05 15.86
CA PRO A 77 -3.54 -18.15 16.12
C PRO A 77 -2.36 -18.33 15.13
N VAL A 78 -2.02 -19.58 14.84
CA VAL A 78 -0.90 -19.88 13.91
C VAL A 78 -1.26 -19.33 12.55
N SER A 79 -2.49 -19.56 12.09
CA SER A 79 -2.95 -19.08 10.75
C SER A 79 -2.87 -17.56 10.74
N PHE A 80 -3.33 -16.87 11.79
CA PHE A 80 -3.25 -15.40 11.91
C PHE A 80 -1.80 -14.94 11.76
N VAL A 81 -0.94 -15.44 12.61
CA VAL A 81 0.44 -14.88 12.67
C VAL A 81 1.20 -15.27 11.39
N LEU A 82 1.01 -16.48 10.88
CA LEU A 82 1.64 -16.87 9.59
C LEU A 82 1.13 -15.90 8.53
N GLY A 83 -0.18 -15.66 8.48
CA GLY A 83 -0.78 -14.84 7.43
C GLY A 83 -0.10 -13.50 7.39
N PHE A 84 -0.05 -12.85 8.53
CA PHE A 84 0.49 -11.48 8.65
C PHE A 84 1.99 -11.47 8.34
N TYR A 85 2.75 -12.40 8.94
CA TYR A 85 4.23 -12.44 8.76
C TYR A 85 4.60 -12.76 7.32
N VAL A 86 3.93 -13.75 6.75
CA VAL A 86 4.31 -14.20 5.39
C VAL A 86 3.84 -13.14 4.39
N THR A 87 2.74 -12.45 4.66
CA THR A 87 2.29 -11.35 3.79
C THR A 87 3.36 -10.27 3.83
N LEU A 88 3.88 -9.96 5.02
CA LEU A 88 4.98 -8.97 5.15
C LEU A 88 6.17 -9.44 4.31
N VAL A 89 6.52 -10.71 4.40
CA VAL A 89 7.76 -11.22 3.79
C VAL A 89 7.57 -11.20 2.28
N VAL A 90 6.37 -11.51 1.79
CA VAL A 90 6.14 -11.58 0.32
C VAL A 90 6.18 -10.17 -0.24
N ASN A 91 5.57 -9.24 0.47
CA ASN A 91 5.55 -7.83 0.01
C ASN A 91 6.99 -7.33 -0.03
N ARG A 92 7.77 -7.65 1.00
CA ARG A 92 9.16 -7.21 1.10
C ARG A 92 9.95 -7.84 -0.05
N TRP A 93 9.61 -9.08 -0.38
CA TRP A 93 10.32 -9.85 -1.44
C TRP A 93 10.10 -9.15 -2.77
N TRP A 94 8.85 -8.80 -3.09
CA TRP A 94 8.53 -8.11 -4.37
C TRP A 94 9.17 -6.71 -4.39
N SER A 95 9.18 -6.03 -3.26
CA SER A 95 9.85 -4.71 -3.15
C SER A 95 11.34 -4.87 -3.44
N GLN A 96 11.95 -5.91 -2.90
CA GLN A 96 13.40 -6.16 -3.10
C GLN A 96 13.63 -6.43 -4.58
N TYR A 97 12.74 -7.17 -5.25
CA TYR A 97 12.91 -7.46 -6.70
C TYR A 97 12.82 -6.14 -7.47
N LEU A 98 11.86 -5.30 -7.12
CA LEU A 98 11.73 -3.99 -7.81
C LEU A 98 12.90 -3.07 -7.49
N CYS A 99 13.62 -3.27 -6.39
CA CYS A 99 14.76 -2.42 -5.96
C CYS A 99 16.05 -2.92 -6.57
N MET A 100 16.03 -3.96 -7.40
CA MET A 100 17.26 -4.38 -8.09
C MET A 100 17.55 -3.40 -9.21
N PRO A 101 18.79 -2.92 -9.36
CA PRO A 101 19.10 -1.89 -10.35
C PRO A 101 19.12 -2.48 -11.77
N LEU A 102 18.55 -1.74 -12.71
CA LEU A 102 18.64 -2.07 -14.16
C LEU A 102 19.10 -0.82 -14.88
N PRO A 103 19.91 -0.96 -15.95
CA PRO A 103 20.36 0.19 -16.73
C PRO A 103 19.44 0.69 -17.86
N ASP A 104 18.21 0.19 -17.91
CA ASP A 104 17.30 0.40 -19.06
C ASP A 104 17.01 1.89 -19.20
N ALA A 105 16.62 2.59 -18.12
CA ALA A 105 16.37 4.07 -18.21
C ALA A 105 17.66 4.77 -18.57
N LEU A 106 18.74 4.31 -17.94
CA LEU A 106 20.05 4.95 -18.19
C LEU A 106 20.46 4.69 -19.64
N MET A 107 20.20 3.51 -20.19
CA MET A 107 20.73 3.22 -21.54
C MET A 107 19.94 4.01 -22.57
N CYS A 108 18.66 4.21 -22.32
CA CYS A 108 17.83 5.03 -23.23
C CYS A 108 18.38 6.45 -23.20
N VAL A 109 18.61 6.98 -21.98
CA VAL A 109 19.13 8.36 -21.80
C VAL A 109 20.55 8.51 -22.35
N VAL A 110 21.43 7.53 -22.18
CA VAL A 110 22.83 7.65 -22.63
C VAL A 110 22.88 7.53 -24.14
N ALA A 111 22.08 6.67 -24.75
CA ALA A 111 22.06 6.53 -26.22
C ALA A 111 21.49 7.84 -26.81
N GLY A 112 20.58 8.48 -26.07
CA GLY A 112 19.91 9.70 -26.52
C GLY A 112 20.70 10.96 -26.22
N THR A 113 21.65 10.93 -25.32
CA THR A 113 22.23 12.19 -24.78
C THR A 113 23.75 12.20 -24.94
N VAL A 114 24.47 11.12 -24.70
CA VAL A 114 25.95 11.13 -24.80
C VAL A 114 26.35 10.76 -26.23
N HIS A 115 26.85 11.73 -26.98
CA HIS A 115 26.93 11.65 -28.45
C HIS A 115 28.35 11.42 -28.92
N GLY A 116 28.49 11.05 -30.18
CA GLY A 116 29.78 10.86 -30.87
C GLY A 116 29.84 9.50 -31.49
N ARG A 117 30.13 9.41 -32.79
CA ARG A 117 30.33 8.10 -33.46
C ARG A 117 31.77 7.62 -33.27
N ASP A 118 32.66 8.50 -32.85
CA ASP A 118 34.12 8.22 -32.78
C ASP A 118 34.39 7.37 -31.56
N ASP A 119 35.67 7.01 -31.34
CA ASP A 119 36.05 6.08 -30.25
C ASP A 119 35.80 6.76 -28.92
N ARG A 120 35.96 8.09 -28.84
CA ARG A 120 35.79 8.78 -27.54
C ARG A 120 34.34 8.69 -27.09
N GLY A 121 33.40 8.91 -28.01
CA GLY A 121 31.97 8.83 -27.71
C GLY A 121 31.59 7.44 -27.32
N ARG A 122 32.10 6.46 -28.04
CA ARG A 122 31.90 5.04 -27.62
C ARG A 122 32.45 4.87 -26.20
N LEU A 123 33.69 5.34 -25.93
CA LEU A 123 34.28 5.22 -24.58
C LEU A 123 33.33 5.82 -23.55
N TYR A 124 32.87 7.04 -23.76
CA TYR A 124 32.00 7.75 -22.77
C TYR A 124 30.72 6.94 -22.52
N ARG A 125 30.05 6.52 -23.59
CA ARG A 125 28.77 5.81 -23.41
C ARG A 125 29.00 4.48 -22.72
N ARG A 126 29.98 3.72 -23.23
CA ARG A 126 30.27 2.38 -22.68
C ARG A 126 30.74 2.53 -21.22
N THR A 127 31.50 3.59 -20.92
CA THR A 127 32.04 3.77 -19.56
C THR A 127 30.95 4.13 -18.59
N LEU A 128 29.99 4.99 -19.02
CA LEU A 128 28.84 5.34 -18.14
C LEU A 128 28.00 4.12 -17.75
N MET A 129 27.72 3.26 -18.73
CA MET A 129 26.94 2.02 -18.45
C MET A 129 27.80 1.04 -17.64
N ARG A 130 29.13 1.05 -17.84
CA ARG A 130 29.98 0.04 -17.18
C ARG A 130 29.97 0.49 -15.74
N TYR A 131 30.02 1.79 -15.48
CA TYR A 131 29.95 2.32 -14.09
C TYR A 131 28.63 1.85 -13.48
N ALA A 132 27.53 1.98 -14.19
CA ALA A 132 26.22 1.58 -13.65
C ALA A 132 26.24 0.08 -13.38
N GLY A 133 26.68 -0.72 -14.33
CA GLY A 133 26.79 -2.17 -14.15
C GLY A 133 27.72 -2.54 -13.01
N LEU A 134 28.78 -1.76 -12.82
CA LEU A 134 29.79 -2.02 -11.74
C LEU A 134 29.20 -1.71 -10.40
N SER A 135 28.44 -0.64 -10.30
CA SER A 135 27.72 -0.31 -9.04
C SER A 135 26.74 -1.44 -8.71
N ALA A 136 26.05 -1.93 -9.71
CA ALA A 136 25.10 -3.04 -9.53
C ALA A 136 25.87 -4.29 -9.08
N VAL A 137 27.00 -4.57 -9.69
CA VAL A 137 27.74 -5.81 -9.36
C VAL A 137 28.27 -5.71 -7.94
N LEU A 138 28.72 -4.53 -7.53
CA LEU A 138 29.31 -4.40 -6.17
C LEU A 138 28.20 -4.61 -5.16
N ILE A 139 27.06 -3.98 -5.36
CA ILE A 139 26.00 -4.13 -4.35
C ILE A 139 25.49 -5.57 -4.37
N LEU A 140 25.43 -6.20 -5.53
CA LEU A 140 24.88 -7.58 -5.61
C LEU A 140 25.85 -8.54 -4.93
N ARG A 141 27.15 -8.43 -5.21
CA ARG A 141 28.12 -9.30 -4.51
C ARG A 141 28.10 -8.99 -3.02
N SER A 142 27.62 -7.82 -2.61
CA SER A 142 27.46 -7.52 -1.18
C SER A 142 26.22 -8.24 -0.62
N VAL A 143 25.19 -8.42 -1.42
CA VAL A 143 23.85 -8.82 -0.89
C VAL A 143 23.48 -10.20 -1.40
N SER A 144 24.08 -10.63 -2.50
CA SER A 144 23.75 -11.92 -3.14
C SER A 144 24.84 -12.93 -2.83
N THR A 145 24.46 -14.14 -2.43
CA THR A 145 25.45 -15.22 -2.20
C THR A 145 25.98 -15.73 -3.55
N ALA A 146 25.08 -15.88 -4.50
CA ALA A 146 25.38 -16.41 -5.83
C ALA A 146 26.34 -15.49 -6.60
N VAL A 147 26.20 -14.18 -6.46
CA VAL A 147 27.12 -13.19 -7.10
C VAL A 147 28.42 -13.14 -6.31
N PHE A 148 28.37 -13.33 -4.98
CA PHE A 148 29.62 -13.39 -4.19
C PHE A 148 30.46 -14.62 -4.63
N LYS A 149 29.82 -15.75 -4.85
CA LYS A 149 30.56 -16.96 -5.31
C LYS A 149 31.07 -16.73 -6.70
N ARG A 150 30.42 -15.88 -7.47
CA ARG A 150 30.91 -15.52 -8.81
C ARG A 150 32.05 -14.50 -8.67
N PHE A 151 31.95 -13.57 -7.73
CA PHE A 151 32.94 -12.46 -7.59
C PHE A 151 33.43 -12.45 -6.16
N PRO A 152 34.18 -13.49 -5.74
CA PRO A 152 34.62 -13.56 -4.35
C PRO A 152 35.61 -12.44 -3.99
N THR A 153 36.28 -11.87 -4.96
CA THR A 153 37.24 -10.78 -4.74
C THR A 153 36.98 -9.64 -5.74
N ILE A 154 37.48 -8.45 -5.45
CA ILE A 154 37.47 -7.36 -6.44
C ILE A 154 38.30 -7.76 -7.64
N ASP A 155 39.32 -8.61 -7.45
CA ASP A 155 40.12 -9.10 -8.60
C ASP A 155 39.19 -9.81 -9.57
N HIS A 156 38.18 -10.50 -9.06
CA HIS A 156 37.23 -11.23 -9.93
C HIS A 156 36.38 -10.26 -10.73
N VAL A 157 36.00 -9.16 -10.12
CA VAL A 157 35.24 -8.08 -10.82
C VAL A 157 36.16 -7.47 -11.87
N VAL A 158 37.44 -7.30 -11.57
CA VAL A 158 38.38 -6.68 -12.54
C VAL A 158 38.57 -7.63 -13.72
N GLU A 159 38.70 -8.93 -13.46
CA GLU A 159 38.89 -9.93 -14.54
C GLU A 159 37.62 -10.03 -15.37
N ALA A 160 36.46 -9.79 -14.78
CA ALA A 160 35.17 -9.91 -15.51
C ALA A 160 34.92 -8.71 -16.42
N GLY A 161 35.74 -7.67 -16.39
CA GLY A 161 35.63 -6.52 -17.30
C GLY A 161 34.78 -5.40 -16.74
N PHE A 162 34.17 -5.56 -15.56
CA PHE A 162 33.33 -4.52 -14.94
C PHE A 162 34.22 -3.39 -14.42
N MET A 163 35.42 -3.68 -13.93
CA MET A 163 36.30 -2.64 -13.36
C MET A 163 37.64 -2.77 -14.01
N THR A 164 38.22 -1.65 -14.42
CA THR A 164 39.60 -1.66 -14.98
C THR A 164 40.62 -1.76 -13.85
N ARG A 165 41.85 -2.03 -14.18
CA ARG A 165 42.93 -2.05 -13.17
C ARG A 165 43.13 -0.64 -12.60
N GLU A 166 43.05 0.38 -13.43
CA GLU A 166 43.22 1.76 -12.95
C GLU A 166 42.08 2.10 -12.01
N GLU A 167 40.89 1.68 -12.38
CA GLU A 167 39.69 1.95 -11.56
C GLU A 167 39.83 1.17 -10.28
N ARG A 168 40.46 -0.01 -10.32
CA ARG A 168 40.66 -0.82 -9.10
C ARG A 168 41.60 -0.07 -8.18
N LYS A 169 42.65 0.55 -8.71
CA LYS A 169 43.64 1.29 -7.89
C LYS A 169 42.91 2.45 -7.24
N LYS A 170 42.10 3.18 -7.99
CA LYS A 170 41.34 4.35 -7.45
C LYS A 170 40.37 3.86 -6.40
N PHE A 171 39.72 2.74 -6.65
CA PHE A 171 38.67 2.19 -5.77
C PHE A 171 39.27 1.71 -4.48
N GLU A 172 40.46 1.11 -4.51
CA GLU A 172 41.10 0.63 -3.26
C GLU A 172 41.74 1.80 -2.51
N ASN A 173 42.17 2.81 -3.23
CA ASN A 173 42.90 3.92 -2.58
C ASN A 173 41.93 4.78 -1.81
N LEU A 174 40.61 4.60 -1.97
CA LEU A 174 39.60 5.38 -1.18
C LEU A 174 39.71 4.94 0.26
N ASN A 175 39.89 5.90 1.16
CA ASN A 175 39.98 5.56 2.60
C ASN A 175 38.55 5.57 3.09
N SER A 176 37.82 4.51 2.82
CA SER A 176 36.47 4.29 3.36
C SER A 176 36.38 2.89 3.97
N SER A 177 35.84 2.80 5.16
CA SER A 177 35.59 1.52 5.85
C SER A 177 34.17 1.09 5.57
N TYR A 178 33.41 1.86 4.79
CA TYR A 178 32.00 1.51 4.46
C TYR A 178 31.93 0.95 3.05
N ASN A 179 30.89 0.14 2.78
CA ASN A 179 30.70 -0.53 1.46
C ASN A 179 30.77 0.55 0.35
N LYS A 180 31.54 0.27 -0.70
CA LYS A 180 31.88 1.28 -1.71
C LYS A 180 31.05 1.09 -2.98
N TYR A 181 29.90 0.44 -2.88
CA TYR A 181 29.02 0.28 -4.05
C TYR A 181 28.68 1.65 -4.68
N TRP A 182 28.63 2.72 -3.91
CA TRP A 182 28.30 4.08 -4.38
C TRP A 182 29.42 4.67 -5.23
N VAL A 183 30.62 4.08 -5.22
CA VAL A 183 31.80 4.74 -5.86
C VAL A 183 31.62 4.86 -7.36
N PRO A 184 31.22 3.81 -8.08
CA PRO A 184 30.98 3.99 -9.51
C PRO A 184 29.91 5.06 -9.79
N CYS A 185 28.95 5.26 -8.90
CA CYS A 185 27.87 6.25 -9.12
C CYS A 185 28.45 7.65 -9.06
N VAL A 186 29.39 7.90 -8.14
CA VAL A 186 30.06 9.21 -8.10
C VAL A 186 30.98 9.35 -9.32
N TRP A 187 31.57 8.24 -9.78
CA TRP A 187 32.36 8.27 -11.04
C TRP A 187 31.43 8.60 -12.20
N PHE A 188 30.22 8.08 -12.19
CA PHE A 188 29.25 8.31 -13.27
C PHE A 188 28.87 9.77 -13.25
N SER A 189 28.60 10.32 -12.07
CA SER A 189 28.26 11.75 -11.93
C SER A 189 29.41 12.57 -12.53
N ASN A 190 30.64 12.32 -12.07
CA ASN A 190 31.80 13.10 -12.56
C ASN A 190 31.98 12.94 -14.07
N LEU A 191 31.80 11.75 -14.60
CA LEU A 191 32.07 11.54 -16.04
C LEU A 191 30.97 12.22 -16.82
N ALA A 192 29.73 12.19 -16.35
CA ALA A 192 28.62 12.84 -17.09
C ALA A 192 28.90 14.33 -17.08
N ALA A 193 29.38 14.87 -15.96
CA ALA A 193 29.75 16.29 -15.92
C ALA A 193 30.83 16.57 -16.96
N GLN A 194 31.83 15.70 -17.07
CA GLN A 194 32.99 15.92 -17.98
C GLN A 194 32.48 15.85 -19.40
N ALA A 195 31.57 14.93 -19.67
CA ALA A 195 31.00 14.75 -21.04
C ALA A 195 30.27 16.05 -21.38
N ARG A 196 29.48 16.57 -20.46
CA ARG A 196 28.72 17.82 -20.70
C ARG A 196 29.70 18.98 -20.88
N ARG A 197 30.80 19.02 -20.16
CA ARG A 197 31.83 20.09 -20.34
C ARG A 197 32.51 19.95 -21.71
N GLU A 198 32.76 18.75 -22.18
CA GLU A 198 33.41 18.53 -23.51
C GLU A 198 32.41 18.69 -24.65
N GLY A 199 31.13 18.84 -24.32
CA GLY A 199 30.05 19.04 -25.31
C GLY A 199 29.53 17.73 -25.86
N ARG A 200 29.95 16.61 -25.31
CA ARG A 200 29.43 15.29 -25.73
C ARG A 200 27.97 15.20 -25.31
N ILE A 201 27.60 15.71 -24.15
CA ILE A 201 26.17 15.98 -23.85
C ILE A 201 25.80 17.38 -24.33
N ARG A 202 24.86 17.50 -25.25
CA ARG A 202 24.72 18.74 -26.05
C ARG A 202 23.94 19.80 -25.26
N ASP A 203 23.32 19.45 -24.14
CA ASP A 203 22.47 20.41 -23.40
C ASP A 203 22.43 20.08 -21.92
N ASN A 204 22.18 21.09 -21.10
CA ASN A 204 22.25 21.03 -19.61
C ASN A 204 21.08 20.20 -19.06
N SER A 205 19.97 20.21 -19.77
CA SER A 205 18.77 19.42 -19.40
C SER A 205 19.09 17.93 -19.60
N ALA A 206 19.86 17.59 -20.63
CA ALA A 206 20.25 16.18 -20.87
C ALA A 206 21.19 15.71 -19.76
N LEU A 207 22.07 16.59 -19.32
CA LEU A 207 22.92 16.24 -18.18
C LEU A 207 22.03 16.00 -16.94
N LYS A 208 21.03 16.84 -16.75
CA LYS A 208 20.10 16.75 -15.60
C LYS A 208 19.38 15.43 -15.71
N LEU A 209 19.00 15.03 -16.91
CA LEU A 209 18.26 13.76 -17.15
C LEU A 209 19.16 12.59 -16.80
N LEU A 210 20.43 12.64 -17.21
CA LEU A 210 21.39 11.56 -16.86
C LEU A 210 21.50 11.49 -15.35
N LEU A 211 21.64 12.63 -14.68
CA LEU A 211 21.90 12.58 -13.24
C LEU A 211 20.65 12.11 -12.51
N GLU A 212 19.47 12.42 -13.02
CA GLU A 212 18.19 11.94 -12.43
C GLU A 212 18.13 10.44 -12.52
N GLU A 213 18.49 9.92 -13.69
CA GLU A 213 18.42 8.46 -13.94
C GLU A 213 19.49 7.75 -13.15
N LEU A 214 20.66 8.37 -13.03
CA LEU A 214 21.75 7.84 -12.17
C LEU A 214 21.24 7.79 -10.75
N ASN A 215 20.53 8.82 -10.31
CA ASN A 215 20.11 8.87 -8.89
C ASN A 215 19.11 7.76 -8.65
N VAL A 216 18.28 7.47 -9.64
CA VAL A 216 17.30 6.37 -9.46
C VAL A 216 18.05 5.05 -9.34
N PHE A 217 19.03 4.86 -10.21
CA PHE A 217 19.86 3.64 -10.24
C PHE A 217 20.55 3.46 -8.90
N ARG A 218 21.18 4.54 -8.44
CA ARG A 218 21.98 4.49 -7.20
C ARG A 218 21.02 4.22 -6.04
N GLY A 219 19.82 4.79 -6.10
CA GLY A 219 18.79 4.57 -5.07
C GLY A 219 18.44 3.10 -4.98
N LYS A 220 18.30 2.46 -6.12
CA LYS A 220 17.99 1.03 -6.16
C LYS A 220 19.13 0.24 -5.51
N CYS A 221 20.37 0.55 -5.82
CA CYS A 221 21.54 -0.14 -5.24
C CYS A 221 21.55 0.07 -3.72
N GLY A 222 21.35 1.30 -3.26
CA GLY A 222 21.29 1.58 -1.83
C GLY A 222 20.13 0.85 -1.15
N MET A 223 19.02 0.72 -1.86
CA MET A 223 17.82 0.07 -1.30
C MET A 223 18.13 -1.40 -1.13
N LEU A 224 18.89 -1.96 -2.05
CA LEU A 224 19.29 -3.37 -1.94
C LEU A 224 20.11 -3.50 -0.66
N PHE A 225 21.02 -2.56 -0.44
CA PHE A 225 21.88 -2.58 0.76
C PHE A 225 21.03 -2.51 2.02
N HIS A 226 20.00 -1.65 2.02
CA HIS A 226 19.17 -1.40 3.23
C HIS A 226 18.31 -2.63 3.52
N TYR A 227 17.81 -3.27 2.49
CA TYR A 227 16.98 -4.47 2.67
C TYR A 227 17.87 -5.59 3.18
N ASP A 228 19.12 -5.63 2.74
CA ASP A 228 20.08 -6.66 3.20
C ASP A 228 20.38 -6.46 4.68
N TRP A 229 20.63 -5.21 5.04
CA TRP A 229 21.07 -4.88 6.41
C TRP A 229 19.90 -4.95 7.37
N ILE A 230 18.79 -4.32 7.01
CA ILE A 230 17.61 -4.23 7.92
C ILE A 230 16.74 -5.43 7.64
N SER A 231 17.04 -6.53 8.31
CA SER A 231 16.28 -7.80 8.20
C SER A 231 14.87 -7.60 8.72
N VAL A 232 13.93 -8.48 8.34
CA VAL A 232 12.61 -8.57 9.02
C VAL A 232 12.93 -8.86 10.48
N PRO A 233 12.41 -8.08 11.44
CA PRO A 233 12.91 -8.16 12.81
C PRO A 233 12.98 -9.59 13.34
N LEU A 234 14.09 -9.88 14.00
CA LEU A 234 14.40 -11.26 14.39
C LEU A 234 13.40 -11.68 15.46
N VAL A 235 12.91 -10.73 16.27
CA VAL A 235 11.87 -11.08 17.28
C VAL A 235 10.63 -11.55 16.53
N TYR A 236 10.25 -10.84 15.47
CA TYR A 236 9.01 -11.20 14.71
C TYR A 236 9.17 -12.58 14.09
N THR A 237 10.36 -12.87 13.57
CA THR A 237 10.60 -14.20 12.94
C THR A 237 10.54 -15.28 14.04
N GLN A 238 11.29 -15.10 15.12
CA GLN A 238 11.31 -16.10 16.23
C GLN A 238 9.87 -16.32 16.72
N VAL A 239 9.06 -15.28 16.78
CA VAL A 239 7.65 -15.40 17.22
C VAL A 239 6.90 -16.36 16.29
N VAL A 240 7.05 -16.23 14.99
CA VAL A 240 6.24 -17.06 14.05
CA VAL A 240 6.25 -17.06 14.04
C VAL A 240 6.83 -18.48 14.05
N THR A 241 8.14 -18.61 14.19
CA THR A 241 8.75 -19.95 14.17
C THR A 241 8.29 -20.67 15.43
N ILE A 242 8.28 -19.96 16.55
CA ILE A 242 7.86 -20.56 17.85
C ILE A 242 6.37 -20.89 17.79
N ALA A 243 5.57 -20.05 17.16
CA ALA A 243 4.13 -20.31 17.01
C ALA A 243 3.97 -21.65 16.27
N LEU A 244 4.66 -21.78 15.16
CA LEU A 244 4.42 -22.92 14.28
C LEU A 244 4.91 -24.18 15.00
N TYR A 245 6.02 -24.07 15.70
CA TYR A 245 6.63 -25.24 16.34
C TYR A 245 5.78 -25.64 17.53
N SER A 246 5.18 -24.68 18.25
CA SER A 246 4.26 -24.95 19.37
C SER A 246 3.03 -25.72 18.87
N TYR A 247 2.48 -25.28 17.76
CA TYR A 247 1.35 -25.97 17.12
C TYR A 247 1.78 -27.37 16.73
N PHE A 248 2.97 -27.53 16.17
CA PHE A 248 3.38 -28.85 15.67
C PHE A 248 3.72 -29.75 16.85
N LEU A 249 4.16 -29.23 17.99
CA LEU A 249 4.40 -30.10 19.16
C LEU A 249 3.04 -30.56 19.71
N ALA A 250 2.07 -29.65 19.75
CA ALA A 250 0.72 -29.99 20.22
C ALA A 250 0.14 -31.03 19.23
N CYS A 251 0.37 -30.91 17.93
CA CYS A 251 -0.15 -31.86 16.92
C CYS A 251 0.67 -33.14 16.96
N LEU A 252 1.89 -33.09 17.45
CA LEU A 252 2.78 -34.27 17.41
C LEU A 252 2.34 -35.15 18.57
N ILE A 253 1.87 -34.56 19.66
CA ILE A 253 1.41 -35.39 20.81
C ILE A 253 -0.10 -35.63 20.72
N GLY A 254 -0.88 -34.63 20.40
CA GLY A 254 -2.34 -34.73 20.47
C GLY A 254 -2.97 -35.47 19.32
N ARG A 255 -2.25 -35.58 18.22
CA ARG A 255 -2.79 -36.30 17.04
C ARG A 255 -2.32 -37.77 17.06
N GLN A 256 -1.76 -38.22 18.18
CA GLN A 256 -1.39 -39.63 18.32
C GLN A 256 -2.64 -40.47 18.38
N PHE A 257 -2.68 -41.55 17.64
CA PHE A 257 -3.92 -42.38 17.58
C PHE A 257 -3.97 -43.23 18.82
N LEU A 258 -5.05 -43.11 19.57
CA LEU A 258 -5.21 -43.88 20.83
C LEU A 258 -5.94 -45.17 20.48
N ASP A 259 -5.88 -46.14 21.40
CA ASP A 259 -6.60 -47.44 21.29
C ASP A 259 -8.09 -47.14 21.25
N PRO A 260 -8.82 -47.58 20.22
CA PRO A 260 -10.28 -47.52 20.28
C PRO A 260 -10.86 -48.33 21.44
N ALA A 261 -10.11 -49.32 21.92
CA ALA A 261 -10.45 -50.18 23.08
C ALA A 261 -10.77 -49.32 24.30
N GLN A 262 -9.98 -48.29 24.55
CA GLN A 262 -10.13 -47.43 25.76
C GLN A 262 -11.42 -46.63 25.66
N GLY A 263 -11.97 -46.47 24.45
CA GLY A 263 -13.28 -45.83 24.24
C GLY A 263 -13.22 -44.36 24.58
N TYR A 264 -12.10 -43.72 24.28
CA TYR A 264 -11.98 -42.25 24.46
C TYR A 264 -12.86 -41.59 23.40
N LYS A 265 -13.55 -40.53 23.78
CA LYS A 265 -14.36 -39.74 22.82
C LYS A 265 -13.41 -39.19 21.76
N ASP A 266 -13.83 -39.17 20.50
CA ASP A 266 -13.05 -38.52 19.42
C ASP A 266 -11.86 -39.42 19.03
N HIS A 267 -11.61 -40.51 19.76
CA HIS A 267 -10.49 -41.45 19.48
C HIS A 267 -11.10 -42.85 19.43
N ASP A 268 -11.69 -43.22 18.30
CA ASP A 268 -12.39 -44.51 18.12
C ASP A 268 -11.98 -45.18 16.82
N LEU A 269 -11.09 -44.56 16.06
CA LEU A 269 -10.55 -45.11 14.80
C LEU A 269 -9.05 -44.91 14.80
N ASP A 270 -8.32 -45.94 14.38
CA ASP A 270 -6.84 -45.93 14.41
C ASP A 270 -6.35 -46.16 12.99
N LEU A 271 -5.91 -45.08 12.33
CA LEU A 271 -5.46 -45.12 10.92
C LEU A 271 -3.97 -45.39 10.87
N CYS A 272 -3.26 -45.25 11.98
CA CYS A 272 -1.83 -45.60 12.15
C CYS A 272 -1.00 -44.52 11.46
N VAL A 273 -1.58 -43.68 10.59
CA VAL A 273 -0.85 -42.56 9.94
C VAL A 273 -1.81 -41.39 9.86
N PRO A 274 -1.42 -40.22 10.45
CA PRO A 274 -2.31 -39.06 10.48
C PRO A 274 -2.25 -38.29 9.16
N ILE A 275 -2.98 -38.81 8.18
CA ILE A 275 -3.08 -38.23 6.81
C ILE A 275 -3.38 -36.74 6.94
N PHE A 276 -4.40 -36.39 7.73
CA PHE A 276 -4.91 -35.01 7.75
C PHE A 276 -3.95 -34.17 8.56
N THR A 277 -3.38 -34.71 9.62
CA THR A 277 -2.38 -33.99 10.44
C THR A 277 -1.12 -33.78 9.60
N LEU A 278 -0.68 -34.76 8.82
CA LEU A 278 0.47 -34.58 7.90
C LEU A 278 0.14 -33.53 6.86
N LEU A 279 -1.09 -33.49 6.34
CA LEU A 279 -1.47 -32.44 5.36
C LEU A 279 -1.49 -31.08 6.05
N GLN A 280 -1.95 -30.98 7.30
CA GLN A 280 -1.95 -29.69 8.02
C GLN A 280 -0.49 -29.29 8.20
N PHE A 281 0.36 -30.22 8.58
CA PHE A 281 1.78 -29.93 8.79
C PHE A 281 2.35 -29.42 7.48
N PHE A 282 2.04 -30.10 6.40
CA PHE A 282 2.56 -29.76 5.05
C PHE A 282 2.09 -28.36 4.65
N PHE A 283 0.79 -28.08 4.79
CA PHE A 283 0.18 -26.75 4.62
C PHE A 283 0.88 -25.67 5.46
N TYR A 284 0.91 -25.79 6.77
CA TYR A 284 1.43 -24.72 7.65
C TYR A 284 2.94 -24.59 7.52
N ALA A 285 3.66 -25.70 7.43
CA ALA A 285 5.13 -25.63 7.31
C ALA A 285 5.49 -25.07 5.93
N GLY A 286 4.70 -25.39 4.89
CA GLY A 286 4.93 -24.81 3.55
C GLY A 286 4.66 -23.34 3.59
N TRP A 287 3.65 -22.93 4.33
CA TRP A 287 3.32 -21.50 4.46
C TRP A 287 4.51 -20.78 5.09
N LEU A 288 5.13 -21.38 6.09
CA LEU A 288 6.29 -20.72 6.71
C LEU A 288 7.48 -20.85 5.75
N LYS A 289 7.58 -21.94 4.99
CA LYS A 289 8.68 -22.13 4.01
C LYS A 289 8.60 -21.09 2.89
N VAL A 290 7.43 -20.57 2.60
CA VAL A 290 7.30 -19.44 1.66
C VAL A 290 8.13 -18.30 2.22
N ALA A 291 7.94 -17.93 3.49
CA ALA A 291 8.72 -16.83 4.12
C ALA A 291 10.19 -17.21 4.15
N GLU A 292 10.50 -18.46 4.44
CA GLU A 292 11.90 -18.91 4.58
C GLU A 292 12.60 -18.73 3.25
N GLN A 293 11.95 -19.10 2.15
CA GLN A 293 12.56 -18.95 0.81
C GLN A 293 12.63 -17.47 0.41
N LEU A 294 11.59 -16.70 0.74
CA LEU A 294 11.50 -15.31 0.26
C LEU A 294 12.19 -14.32 1.22
N ILE A 295 12.64 -14.75 2.39
CA ILE A 295 13.13 -13.78 3.41
C ILE A 295 14.45 -13.16 2.95
N ASN A 296 15.28 -13.94 2.30
CA ASN A 296 16.49 -13.43 1.60
C ASN A 296 16.40 -13.92 0.17
N PRO A 297 15.86 -13.12 -0.76
CA PRO A 297 15.67 -13.58 -2.12
C PRO A 297 16.93 -13.57 -2.98
N PHE A 298 18.06 -13.28 -2.38
CA PHE A 298 19.27 -13.17 -3.21
C PHE A 298 20.17 -14.31 -2.82
N GLY A 299 19.63 -15.33 -2.18
CA GLY A 299 20.40 -16.55 -1.92
C GLY A 299 20.51 -17.35 -3.21
N GLU A 300 20.58 -18.65 -3.09
CA GLU A 300 20.78 -19.56 -4.23
C GLU A 300 19.70 -20.62 -4.12
N ASP A 301 18.45 -20.19 -3.98
CA ASP A 301 17.33 -21.15 -3.88
C ASP A 301 16.86 -21.47 -5.29
N ASP A 302 15.55 -21.60 -5.47
CA ASP A 302 14.98 -21.88 -6.81
C ASP A 302 14.04 -20.74 -7.12
N ASP A 303 13.41 -20.17 -6.11
CA ASP A 303 12.59 -18.95 -6.28
C ASP A 303 13.40 -17.71 -5.93
N ASP A 304 14.63 -17.92 -5.44
CA ASP A 304 15.54 -16.78 -5.21
C ASP A 304 15.77 -16.12 -6.56
N PHE A 305 16.08 -14.82 -6.56
CA PHE A 305 16.23 -14.07 -7.82
C PHE A 305 17.43 -14.57 -8.57
N GLU A 306 17.37 -14.58 -9.90
CA GLU A 306 18.50 -15.02 -10.72
C GLU A 306 19.39 -13.80 -10.93
N THR A 307 20.29 -13.53 -10.00
CA THR A 307 21.03 -12.25 -9.97
C THR A 307 22.19 -12.34 -10.95
N ASN A 308 22.64 -13.54 -11.28
CA ASN A 308 23.83 -13.68 -12.16
C ASN A 308 23.32 -13.56 -13.60
N PHE A 309 22.14 -14.08 -13.90
CA PHE A 309 21.50 -13.93 -15.22
C PHE A 309 21.23 -12.46 -15.46
N LEU A 310 20.74 -11.75 -14.43
CA LEU A 310 20.38 -10.31 -14.59
C LEU A 310 21.65 -9.53 -14.80
N ILE A 311 22.73 -9.86 -14.11
CA ILE A 311 24.04 -9.17 -14.29
C ILE A 311 24.46 -9.31 -15.75
N ASP A 312 24.46 -10.53 -16.28
CA ASP A 312 24.91 -10.80 -17.66
C ASP A 312 23.98 -10.10 -18.67
N ARG A 313 22.69 -10.17 -18.46
CA ARG A 313 21.73 -9.54 -19.40
C ARG A 313 21.96 -8.05 -19.37
N ASN A 314 22.02 -7.48 -18.16
CA ASN A 314 22.08 -6.01 -18.02
C ASN A 314 23.34 -5.51 -18.71
N PHE A 315 24.45 -6.21 -18.52
CA PHE A 315 25.72 -5.77 -19.11
C PHE A 315 25.61 -5.80 -20.62
N GLN A 316 25.21 -6.94 -21.18
CA GLN A 316 25.20 -7.17 -22.66
C GLN A 316 24.24 -6.17 -23.29
N VAL A 317 23.07 -6.02 -22.70
CA VAL A 317 22.03 -5.17 -23.30
C VAL A 317 22.47 -3.72 -23.25
N SER A 318 23.00 -3.28 -22.10
CA SER A 318 23.42 -1.86 -21.94
C SER A 318 24.48 -1.56 -22.99
N MET A 319 25.48 -2.45 -23.09
CA MET A 319 26.55 -2.23 -24.09
C MET A 319 26.02 -2.21 -25.52
N LEU A 320 25.07 -3.08 -25.85
CA LEU A 320 24.42 -3.02 -27.18
C LEU A 320 23.77 -1.64 -27.34
N ALA A 321 23.04 -1.20 -26.31
CA ALA A 321 22.16 -0.04 -26.45
C ALA A 321 23.03 1.18 -26.70
N VAL A 322 24.17 1.29 -26.01
CA VAL A 322 24.97 2.55 -26.12
C VAL A 322 26.06 2.44 -27.19
N ASP A 323 26.42 1.23 -27.61
CA ASP A 323 27.57 1.14 -28.56
C ASP A 323 27.09 0.76 -29.94
N GLU A 324 26.38 -0.36 -30.10
CA GLU A 324 26.01 -0.87 -31.45
C GLU A 324 24.79 -0.15 -31.96
N MET A 325 23.87 0.26 -31.07
CA MET A 325 22.59 0.86 -31.55
C MET A 325 22.61 2.40 -31.43
N TYR A 326 23.76 3.00 -31.13
CA TYR A 326 23.80 4.47 -31.10
C TYR A 326 23.76 4.98 -32.54
N ASP A 327 22.78 5.86 -32.82
CA ASP A 327 22.67 6.64 -34.07
C ASP A 327 22.66 5.64 -35.21
N ASP A 328 21.97 4.53 -35.00
CA ASP A 328 21.91 3.40 -35.98
C ASP A 328 20.43 3.14 -36.26
N LEU A 329 19.77 4.18 -36.75
CA LEU A 329 18.33 4.10 -37.07
C LEU A 329 18.22 3.56 -38.50
N ALA A 330 17.18 2.77 -38.79
CA ALA A 330 16.74 2.54 -40.19
C ALA A 330 16.21 3.88 -40.72
N VAL A 331 16.35 4.12 -42.02
CA VAL A 331 15.96 5.43 -42.62
C VAL A 331 14.46 5.64 -42.39
N LEU A 332 14.05 6.82 -41.90
CA LEU A 332 12.62 7.19 -41.76
C LEU A 332 11.90 6.90 -43.09
N GLU A 333 11.07 5.86 -43.11
CA GLU A 333 10.23 5.57 -44.28
C GLU A 333 8.80 5.37 -43.78
N LYS A 334 7.87 5.74 -44.65
CA LYS A 334 6.42 5.71 -44.39
C LYS A 334 6.01 4.29 -43.98
N ASP A 335 5.29 4.19 -42.88
CA ASP A 335 4.82 2.90 -42.33
C ASP A 335 3.65 2.42 -43.18
N LEU A 336 3.11 1.27 -42.81
CA LEU A 336 2.07 0.55 -43.60
C LEU A 336 0.79 1.38 -43.63
N TYR A 337 0.51 2.14 -42.57
CA TYR A 337 -0.78 2.85 -42.39
C TYR A 337 -0.59 4.34 -42.65
N TRP A 338 0.30 4.73 -43.55
CA TRP A 338 0.54 6.18 -43.81
C TRP A 338 -0.72 6.82 -44.41
N ASP A 339 -1.32 6.17 -45.40
CA ASP A 339 -2.41 6.78 -46.20
C ASP A 339 -3.78 6.41 -45.59
N ALA A 340 -3.82 5.56 -44.56
CA ALA A 340 -5.08 5.07 -43.96
C ALA A 340 -5.47 5.95 -42.78
N ALA A 341 -6.67 6.52 -42.81
CA ALA A 341 -7.23 7.36 -41.73
C ALA A 341 -7.32 6.54 -40.43
N GLU A 342 -7.81 5.31 -40.53
CA GLU A 342 -7.84 4.36 -39.39
C GLU A 342 -6.61 3.45 -39.47
N ALA A 343 -6.31 2.71 -38.40
CA ALA A 343 -5.07 1.92 -38.33
C ALA A 343 -5.32 0.64 -37.55
N ARG A 344 -5.15 -0.51 -38.20
CA ARG A 344 -5.45 -1.81 -37.55
C ARG A 344 -4.63 -2.91 -38.21
N ALA A 345 -3.77 -3.53 -37.41
CA ALA A 345 -2.95 -4.67 -37.84
C ALA A 345 -3.88 -5.85 -38.12
N PRO A 346 -3.49 -6.76 -39.04
CA PRO A 346 -4.27 -7.97 -39.26
C PRO A 346 -4.28 -8.88 -38.02
N TYR A 347 -5.32 -9.69 -37.93
CA TYR A 347 -5.52 -10.71 -36.87
C TYR A 347 -5.36 -12.09 -37.52
N THR A 348 -4.78 -13.03 -36.77
CA THR A 348 -4.61 -14.44 -37.21
C THR A 348 -5.94 -15.17 -37.10
N ALA A 349 -6.04 -16.33 -37.74
CA ALA A 349 -7.21 -17.23 -37.67
C ALA A 349 -7.48 -17.63 -36.20
N ALA A 350 -6.41 -17.84 -35.42
CA ALA A 350 -6.50 -18.23 -33.99
C ALA A 350 -7.21 -17.13 -33.19
N THR A 351 -6.86 -15.86 -33.41
CA THR A 351 -7.35 -14.73 -32.56
C THR A 351 -8.32 -13.84 -33.34
N VAL A 352 -8.80 -14.27 -34.50
CA VAL A 352 -9.78 -13.45 -35.28
C VAL A 352 -11.10 -13.42 -34.50
N PHE A 353 -11.34 -14.39 -33.62
CA PHE A 353 -12.58 -14.48 -32.81
C PHE A 353 -12.66 -13.27 -31.86
N GLN A 354 -11.51 -12.69 -31.51
CA GLN A 354 -11.48 -11.55 -30.56
C GLN A 354 -12.18 -10.38 -31.23
N LEU A 355 -12.02 -10.26 -32.56
CA LEU A 355 -12.80 -9.27 -33.33
C LEU A 355 -14.31 -9.53 -33.15
N ARG A 356 -15.13 -8.59 -33.62
CA ARG A 356 -16.61 -8.63 -33.63
C ARG A 356 -17.18 -8.63 -32.20
N GLN A 357 -16.33 -8.68 -31.18
CA GLN A 357 -16.73 -8.36 -29.78
C GLN A 357 -16.86 -6.84 -29.70
N PRO A 358 -17.96 -6.29 -29.14
CA PRO A 358 -18.14 -4.83 -29.09
C PRO A 358 -16.96 -4.10 -28.42
N SER A 359 -16.48 -3.04 -29.08
CA SER A 359 -15.41 -2.17 -28.56
C SER A 359 -15.95 -1.38 -27.37
N PHE A 360 -15.27 -1.47 -26.23
CA PHE A 360 -15.71 -0.80 -24.98
C PHE A 360 -15.55 0.72 -25.15
N GLN A 361 -16.61 1.47 -24.85
CA GLN A 361 -16.60 2.94 -24.91
C GLN A 361 -16.74 3.57 -23.52
N GLY A 362 -17.32 2.86 -22.56
CA GLY A 362 -17.69 3.37 -21.22
C GLY A 362 -18.96 2.69 -20.73
N SER A 363 -19.17 2.66 -19.41
CA SER A 363 -20.34 2.03 -18.78
C SER A 363 -21.66 2.75 -19.12
N THR A 364 -21.64 4.02 -19.47
CA THR A 364 -22.86 4.88 -19.53
C THR A 364 -23.47 4.89 -20.94
N PHE A 365 -22.97 4.09 -21.89
CA PHE A 365 -23.36 4.22 -23.32
C PHE A 365 -24.47 3.21 -23.67
N ASP A 366 -25.26 2.79 -22.69
CA ASP A 366 -26.42 1.88 -22.93
C ASP A 366 -27.62 2.32 -22.07
N ILE A 367 -27.63 3.56 -21.57
CA ILE A 367 -28.65 4.00 -20.58
C ILE A 367 -30.00 4.18 -21.28
N THR A 368 -30.02 4.76 -22.48
CA THR A 368 -31.25 4.91 -23.31
C THR A 368 -32.29 5.73 -22.54
N LEU A 369 -31.98 6.99 -22.23
CA LEU A 369 -32.89 7.92 -21.51
C LEU A 369 -34.16 8.19 -22.35
N ALA A 370 -35.14 8.83 -21.75
CA ALA A 370 -36.35 9.34 -22.43
C ALA A 370 -36.05 10.71 -23.07
N LYS A 371 -36.85 11.07 -24.07
CA LYS A 371 -36.69 12.35 -24.83
C LYS A 371 -36.84 13.54 -23.88
N GLU A 372 -37.80 13.49 -22.95
CA GLU A 372 -38.12 14.62 -22.04
C GLU A 372 -36.97 14.81 -21.06
N ASP A 373 -36.34 13.73 -20.61
CA ASP A 373 -35.27 13.82 -19.57
C ASP A 373 -33.97 14.33 -20.20
N MET A 374 -33.84 14.31 -21.53
CA MET A 374 -32.62 14.78 -22.23
C MET A 374 -32.60 16.32 -22.34
N GLN A 375 -33.75 16.99 -22.17
CA GLN A 375 -33.82 18.47 -22.35
C GLN A 375 -33.16 19.16 -21.16
N PHE A 376 -32.26 20.11 -21.43
CA PHE A 376 -31.67 21.01 -20.41
C PHE A 376 -32.78 21.84 -19.75
N GLN A 377 -32.53 22.26 -18.51
CA GLN A 377 -33.44 23.10 -17.69
C GLN A 377 -33.71 24.44 -18.41
N THR B 2 20.87 -2.96 14.60
CA THR B 2 20.06 -3.82 13.76
C THR B 2 20.68 -5.20 13.85
N VAL B 3 19.90 -6.19 14.26
CA VAL B 3 20.36 -7.59 14.23
C VAL B 3 20.11 -8.11 12.82
N THR B 4 21.15 -8.15 12.00
CA THR B 4 21.07 -8.61 10.59
C THR B 4 21.32 -10.11 10.56
N TYR B 5 20.34 -10.89 10.09
CA TYR B 5 20.51 -12.35 9.95
C TYR B 5 20.21 -12.73 8.51
N THR B 6 20.29 -11.78 7.58
CA THR B 6 20.07 -12.03 6.13
C THR B 6 20.93 -13.19 5.60
N ALA B 7 22.16 -13.36 6.08
CA ALA B 7 23.08 -14.40 5.60
C ALA B 7 22.55 -15.75 6.04
N ARG B 8 22.04 -15.85 7.26
CA ARG B 8 21.63 -17.15 7.85
C ARG B 8 20.41 -17.68 7.09
N VAL B 9 19.71 -16.83 6.37
CA VAL B 9 18.41 -17.20 5.75
C VAL B 9 18.52 -16.94 4.23
N ALA B 10 19.72 -17.03 3.66
CA ALA B 10 19.93 -16.91 2.20
C ALA B 10 19.14 -17.98 1.47
N ASN B 11 19.30 -19.22 1.91
CA ASN B 11 18.63 -20.40 1.32
C ASN B 11 17.68 -20.97 2.34
N ALA B 12 16.52 -21.43 1.91
CA ALA B 12 15.57 -22.17 2.74
C ALA B 12 16.19 -23.53 3.00
N ARG B 13 16.96 -23.62 4.09
CA ARG B 13 17.69 -24.83 4.54
C ARG B 13 16.83 -25.59 5.53
N PHE B 14 17.31 -26.78 5.91
CA PHE B 14 16.57 -27.69 6.81
C PHE B 14 16.42 -27.00 8.17
N GLY B 15 17.57 -26.57 8.70
CA GLY B 15 17.58 -25.80 9.96
C GLY B 15 16.73 -24.57 9.80
N GLY B 16 17.03 -23.76 8.77
CA GLY B 16 16.19 -22.62 8.39
C GLY B 16 16.00 -21.66 9.54
N PHE B 17 14.75 -21.46 9.91
CA PHE B 17 14.34 -20.54 10.98
C PHE B 17 14.60 -21.15 12.37
N SER B 18 14.71 -22.47 12.48
CA SER B 18 14.98 -23.17 13.75
C SER B 18 16.27 -22.65 14.36
N GLN B 19 17.32 -22.52 13.56
CA GLN B 19 18.64 -22.05 14.05
C GLN B 19 18.48 -20.62 14.55
N LEU B 20 17.57 -19.83 13.96
CA LEU B 20 17.33 -18.43 14.42
C LEU B 20 16.76 -18.46 15.83
N LEU B 21 16.24 -19.58 16.29
CA LEU B 21 15.76 -19.65 17.68
C LEU B 21 16.94 -19.71 18.63
N LEU B 22 18.16 -19.88 18.17
CA LEU B 22 19.34 -19.92 19.07
C LEU B 22 20.06 -18.58 19.08
N LEU B 23 19.46 -17.53 18.53
CA LEU B 23 20.08 -16.18 18.63
C LEU B 23 19.51 -15.46 19.85
N TRP B 24 20.37 -14.70 20.53
CA TRP B 24 20.03 -13.95 21.77
C TRP B 24 19.85 -12.46 21.43
N ARG B 25 20.77 -11.83 20.71
CA ARG B 25 20.60 -10.38 20.48
C ARG B 25 19.31 -10.23 19.69
N GLY B 26 18.52 -9.21 19.96
CA GLY B 26 17.38 -8.84 19.09
C GLY B 26 16.31 -9.88 19.21
N SER B 27 16.49 -10.82 20.14
CA SER B 27 15.64 -12.03 20.17
C SER B 27 14.41 -11.80 21.02
N ILE B 28 13.47 -12.71 20.86
CA ILE B 28 12.25 -12.77 21.67
C ILE B 28 12.64 -13.13 23.10
N TYR B 29 13.65 -13.94 23.31
CA TYR B 29 14.07 -14.34 24.69
C TYR B 29 14.50 -13.11 25.46
N LYS B 30 15.34 -12.31 24.84
CA LYS B 30 15.93 -11.12 25.51
C LYS B 30 14.79 -10.16 25.88
N LEU B 31 13.85 -9.95 24.95
CA LEU B 31 12.76 -8.96 25.09
C LEU B 31 11.72 -9.49 26.04
N LEU B 32 11.63 -10.79 26.25
CA LEU B 32 10.45 -11.35 26.96
C LEU B 32 10.75 -12.20 28.20
N TRP B 33 11.99 -12.43 28.59
CA TRP B 33 12.26 -13.36 29.71
C TRP B 33 11.74 -12.80 31.04
N ARG B 34 11.84 -11.51 31.27
CA ARG B 34 11.31 -10.88 32.51
C ARG B 34 9.80 -11.08 32.59
N GLU B 35 9.10 -10.82 31.49
CA GLU B 35 7.62 -10.91 31.46
C GLU B 35 7.23 -12.38 31.60
N LEU B 36 8.04 -13.27 31.04
CA LEU B 36 7.77 -14.72 31.13
C LEU B 36 7.95 -15.15 32.58
N LEU B 37 8.98 -14.70 33.25
CA LEU B 37 9.20 -15.06 34.66
C LEU B 37 8.07 -14.45 35.50
N CYS B 38 7.59 -13.26 35.19
CA CYS B 38 6.51 -12.63 35.98
C CYS B 38 5.22 -13.44 35.81
N PHE B 39 4.90 -13.80 34.58
CA PHE B 39 3.73 -14.63 34.22
C PHE B 39 3.82 -15.94 34.98
N LEU B 40 4.99 -16.56 34.92
CA LEU B 40 5.24 -17.86 35.57
C LEU B 40 5.18 -17.68 37.09
N GLY B 41 5.63 -16.56 37.60
CA GLY B 41 5.61 -16.33 39.05
C GLY B 41 4.19 -16.20 39.56
N PHE B 42 3.34 -15.50 38.84
CA PHE B 42 1.93 -15.37 39.23
C PHE B 42 1.27 -16.73 39.11
N TYR B 43 1.60 -17.48 38.06
CA TYR B 43 0.96 -18.79 37.83
C TYR B 43 1.34 -19.72 38.98
N MET B 44 2.60 -19.77 39.35
CA MET B 44 3.04 -20.70 40.42
C MET B 44 2.62 -20.14 41.78
N ALA B 45 2.45 -18.83 41.93
CA ALA B 45 1.91 -18.25 43.18
C ALA B 45 0.47 -18.76 43.40
N LEU B 46 -0.37 -18.71 42.36
CA LEU B 46 -1.74 -19.28 42.47
C LEU B 46 -1.71 -20.78 42.58
N SER B 47 -0.75 -21.44 41.94
CA SER B 47 -0.62 -22.90 42.03
C SER B 47 -0.30 -23.28 43.47
N ALA B 48 0.65 -22.58 44.09
CA ALA B 48 1.05 -22.90 45.48
C ALA B 48 -0.12 -22.57 46.41
N ALA B 49 -0.86 -21.50 46.14
CA ALA B 49 -2.01 -21.08 46.97
C ALA B 49 -3.01 -22.22 46.93
N TYR B 50 -3.25 -22.75 45.74
CA TYR B 50 -4.35 -23.73 45.55
C TYR B 50 -3.92 -25.05 46.17
N ARG B 51 -2.64 -25.39 46.07
CA ARG B 51 -2.19 -26.75 46.44
C ARG B 51 -1.97 -26.80 47.95
N PHE B 52 -1.45 -25.74 48.55
CA PHE B 52 -0.98 -25.79 49.95
C PHE B 52 -1.73 -24.84 50.89
N VAL B 53 -2.27 -23.73 50.40
CA VAL B 53 -2.78 -22.63 51.26
C VAL B 53 -4.31 -22.67 51.39
N LEU B 54 -5.03 -22.68 50.28
CA LEU B 54 -6.51 -22.69 50.24
C LEU B 54 -7.04 -23.95 50.92
N THR B 55 -8.16 -23.82 51.64
CA THR B 55 -8.88 -24.95 52.27
C THR B 55 -9.76 -25.69 51.25
N GLU B 56 -10.45 -26.74 51.66
CA GLU B 56 -11.24 -27.60 50.75
C GLU B 56 -12.35 -26.79 50.10
N GLY B 57 -13.14 -26.05 50.89
CA GLY B 57 -14.16 -25.13 50.34
C GLY B 57 -13.53 -24.10 49.43
N GLN B 58 -12.41 -23.55 49.89
CA GLN B 58 -11.67 -22.51 49.16
C GLN B 58 -11.15 -23.09 47.86
N LYS B 59 -10.64 -24.31 47.91
CA LYS B 59 -10.14 -25.02 46.71
C LYS B 59 -11.31 -25.24 45.71
N ARG B 60 -12.49 -25.62 46.20
CA ARG B 60 -13.65 -25.85 45.30
C ARG B 60 -14.01 -24.53 44.62
N TYR B 61 -14.05 -23.45 45.39
CA TYR B 61 -14.42 -22.12 44.85
C TYR B 61 -13.40 -21.74 43.77
N PHE B 62 -12.13 -21.96 44.07
CA PHE B 62 -11.03 -21.58 43.16
C PHE B 62 -11.24 -22.35 41.87
N GLU B 63 -11.60 -23.64 41.97
CA GLU B 63 -11.73 -24.50 40.76
C GLU B 63 -12.90 -23.99 39.95
N LYS B 64 -13.98 -23.55 40.59
CA LYS B 64 -15.18 -22.95 39.88
C LYS B 64 -14.77 -21.68 39.13
N LEU B 65 -13.95 -20.87 39.77
CA LEU B 65 -13.40 -19.62 39.18
C LEU B 65 -12.49 -19.98 38.01
N VAL B 66 -11.68 -21.03 38.14
CA VAL B 66 -10.72 -21.43 37.08
C VAL B 66 -11.49 -21.90 35.85
N ILE B 67 -12.54 -22.68 36.09
CA ILE B 67 -13.37 -23.18 34.95
C ILE B 67 -14.03 -21.97 34.30
N TYR B 68 -14.53 -21.02 35.09
CA TYR B 68 -15.19 -19.81 34.56
C TYR B 68 -14.21 -19.00 33.73
N CYS B 69 -13.00 -18.80 34.23
CA CYS B 69 -11.97 -17.93 33.59
C CYS B 69 -11.48 -18.61 32.30
N ASP B 70 -11.39 -19.94 32.25
CA ASP B 70 -10.90 -20.62 31.04
C ASP B 70 -11.82 -20.31 29.86
N GLN B 71 -13.11 -20.08 30.11
CA GLN B 71 -14.12 -19.74 29.05
C GLN B 71 -13.73 -18.45 28.34
N TYR B 72 -13.17 -17.48 29.07
CA TYR B 72 -12.93 -16.11 28.58
C TYR B 72 -11.57 -15.99 27.90
N ALA B 73 -10.80 -17.06 27.85
CA ALA B 73 -9.48 -17.05 27.18
C ALA B 73 -9.73 -17.10 25.66
N SER B 74 -10.37 -16.05 25.13
CA SER B 74 -10.68 -15.89 23.69
C SER B 74 -9.40 -15.46 22.95
N LEU B 75 -8.64 -16.43 22.44
CA LEU B 75 -7.37 -16.14 21.71
C LEU B 75 -7.61 -15.54 20.32
N ILE B 76 -8.80 -15.70 19.74
CA ILE B 76 -9.05 -15.22 18.35
C ILE B 76 -9.12 -13.69 18.32
N PRO B 77 -9.87 -13.00 19.22
CA PRO B 77 -9.83 -11.54 19.28
C PRO B 77 -8.42 -10.96 19.47
N VAL B 78 -7.66 -11.57 20.37
CA VAL B 78 -6.27 -11.10 20.66
C VAL B 78 -5.45 -11.25 19.40
N SER B 79 -5.56 -12.39 18.72
CA SER B 79 -4.79 -12.66 17.47
C SER B 79 -5.19 -11.62 16.42
N PHE B 80 -6.48 -11.33 16.27
CA PHE B 80 -6.97 -10.29 15.33
C PHE B 80 -6.32 -8.94 15.63
N VAL B 81 -6.50 -8.47 16.85
CA VAL B 81 -6.08 -7.09 17.17
C VAL B 81 -4.55 -7.00 17.16
N LEU B 82 -3.85 -8.01 17.65
CA LEU B 82 -2.37 -8.02 17.58
C LEU B 82 -2.00 -7.96 16.11
N GLY B 83 -2.62 -8.79 15.26
CA GLY B 83 -2.24 -8.89 13.84
C GLY B 83 -2.29 -7.52 13.22
N PHE B 84 -3.43 -6.86 13.38
CA PHE B 84 -3.67 -5.55 12.74
C PHE B 84 -2.74 -4.49 13.33
N TYR B 85 -2.61 -4.42 14.64
CA TYR B 85 -1.79 -3.38 15.32
C TYR B 85 -0.31 -3.58 14.98
N VAL B 86 0.16 -4.81 15.06
CA VAL B 86 1.60 -5.06 14.86
C VAL B 86 1.92 -4.90 13.37
N THR B 87 0.98 -5.21 12.49
CA THR B 87 1.18 -4.99 11.04
C THR B 87 1.33 -3.49 10.83
N LEU B 88 0.47 -2.70 11.49
CA LEU B 88 0.57 -1.22 11.40
C LEU B 88 1.96 -0.78 11.88
N VAL B 89 2.42 -1.34 12.99
CA VAL B 89 3.65 -0.86 13.65
C VAL B 89 4.82 -1.25 12.77
N VAL B 90 4.78 -2.43 12.14
CA VAL B 90 5.93 -2.90 11.32
C VAL B 90 6.01 -2.06 10.07
N ASN B 91 4.85 -1.78 9.47
CA ASN B 91 4.83 -0.96 8.23
C ASN B 91 5.38 0.43 8.58
N ARG B 92 4.96 0.97 9.71
CA ARG B 92 5.38 2.31 10.14
C ARG B 92 6.89 2.28 10.38
N TRP B 93 7.37 1.18 10.92
CA TRP B 93 8.80 1.01 11.26
C TRP B 93 9.63 1.06 9.97
N TRP B 94 9.22 0.30 8.95
CA TRP B 94 9.95 0.30 7.66
C TRP B 94 9.84 1.67 6.98
N SER B 95 8.70 2.32 7.09
CA SER B 95 8.53 3.68 6.54
C SER B 95 9.50 4.63 7.25
N GLN B 96 9.62 4.51 8.55
CA GLN B 96 10.53 5.38 9.33
C GLN B 96 11.95 5.12 8.88
N TYR B 97 12.33 3.86 8.62
CA TYR B 97 13.70 3.54 8.15
C TYR B 97 13.92 4.20 6.80
N LEU B 98 12.94 4.10 5.92
CA LEU B 98 13.08 4.72 4.58
C LEU B 98 13.09 6.24 4.67
N CYS B 99 12.54 6.84 5.73
CA CYS B 99 12.46 8.30 5.91
C CYS B 99 13.70 8.84 6.59
N MET B 100 14.69 8.00 6.87
CA MET B 100 15.97 8.51 7.44
C MET B 100 16.75 9.17 6.31
N PRO B 101 17.30 10.39 6.51
CA PRO B 101 17.98 11.08 5.43
C PRO B 101 19.35 10.48 5.13
N LEU B 102 19.66 10.37 3.84
CA LEU B 102 21.02 9.96 3.37
C LEU B 102 21.47 11.00 2.35
N PRO B 103 22.77 11.31 2.31
CA PRO B 103 23.30 12.25 1.32
C PRO B 103 23.68 11.70 -0.07
N ASP B 104 23.31 10.46 -0.36
CA ASP B 104 23.79 9.71 -1.53
C ASP B 104 23.34 10.44 -2.80
N ALA B 105 22.06 10.79 -2.94
CA ALA B 105 21.59 11.54 -4.14
C ALA B 105 22.27 12.90 -4.17
N LEU B 106 22.37 13.51 -3.00
CA LEU B 106 22.99 14.85 -2.93
C LEU B 106 24.47 14.73 -3.29
N MET B 107 25.16 13.66 -2.88
CA MET B 107 26.61 13.64 -3.11
C MET B 107 26.89 13.39 -4.57
N CYS B 108 26.04 12.61 -5.21
CA CYS B 108 26.18 12.37 -6.67
C CYS B 108 25.99 13.70 -7.38
N VAL B 109 24.92 14.42 -7.01
CA VAL B 109 24.60 15.74 -7.63
C VAL B 109 25.66 16.79 -7.33
N VAL B 110 26.22 16.83 -6.11
CA VAL B 110 27.19 17.88 -5.73
C VAL B 110 28.52 17.57 -6.41
N ALA B 111 28.92 16.30 -6.50
CA ALA B 111 30.19 15.94 -7.18
C ALA B 111 30.03 16.27 -8.67
N GLY B 112 28.82 16.14 -9.19
CA GLY B 112 28.53 16.35 -10.62
C GLY B 112 28.27 17.80 -10.96
N THR B 113 27.96 18.66 -10.00
CA THR B 113 27.40 19.99 -10.33
C THR B 113 28.22 21.09 -9.68
N VAL B 114 28.66 20.98 -8.43
CA VAL B 114 29.43 22.06 -7.77
C VAL B 114 30.92 21.87 -8.04
N HIS B 115 31.50 22.73 -8.85
CA HIS B 115 32.78 22.48 -9.51
C HIS B 115 33.90 23.30 -8.89
N GLY B 116 35.14 22.94 -9.20
CA GLY B 116 36.36 23.64 -8.80
C GLY B 116 37.30 22.70 -8.13
N ARG B 117 38.54 22.63 -8.59
CA ARG B 117 39.59 21.80 -7.91
C ARG B 117 40.22 22.60 -6.77
N ASP B 118 40.02 23.90 -6.73
CA ASP B 118 40.70 24.82 -5.78
C ASP B 118 40.06 24.69 -4.42
N ASP B 119 40.56 25.43 -3.43
CA ASP B 119 40.09 25.30 -2.04
C ASP B 119 38.66 25.80 -1.94
N ARG B 120 38.28 26.79 -2.76
CA ARG B 120 36.91 27.34 -2.66
C ARG B 120 35.90 26.28 -3.08
N GLY B 121 36.17 25.58 -4.17
CA GLY B 121 35.29 24.51 -4.67
C GLY B 121 35.19 23.40 -3.69
N ARG B 122 36.32 23.02 -3.11
CA ARG B 122 36.29 22.02 -1.99
C ARG B 122 35.40 22.57 -0.87
N LEU B 123 35.61 23.84 -0.45
CA LEU B 123 34.78 24.44 0.61
C LEU B 123 33.30 24.30 0.25
N TYR B 124 32.91 24.71 -0.95
CA TYR B 124 31.47 24.70 -1.36
C TYR B 124 30.91 23.28 -1.29
N ARG B 125 31.62 22.32 -1.88
CA ARG B 125 31.10 20.95 -1.92
C ARG B 125 31.01 20.38 -0.51
N ARG B 126 32.11 20.51 0.24
CA ARG B 126 32.18 19.96 1.61
C ARG B 126 31.13 20.66 2.49
N THR B 127 30.90 21.96 2.26
CA THR B 127 29.96 22.73 3.10
C THR B 127 28.54 22.33 2.80
N LEU B 128 28.21 22.09 1.52
CA LEU B 128 26.84 21.63 1.15
C LEU B 128 26.49 20.27 1.79
N MET B 129 27.44 19.33 1.75
CA MET B 129 27.21 18.01 2.39
C MET B 129 27.21 18.15 3.92
N ARG B 130 27.98 19.10 4.46
CA ARG B 130 28.11 19.20 5.93
C ARG B 130 26.77 19.74 6.35
N TYR B 131 26.19 20.67 5.58
CA TYR B 131 24.84 21.20 5.90
C TYR B 131 23.86 20.02 5.90
N ALA B 132 23.91 19.17 4.89
CA ALA B 132 22.98 18.04 4.79
C ALA B 132 23.20 17.12 6.01
N GLY B 133 24.43 16.76 6.30
CA GLY B 133 24.76 15.94 7.47
C GLY B 133 24.33 16.58 8.76
N LEU B 134 24.42 17.91 8.84
CA LEU B 134 24.06 18.68 10.07
C LEU B 134 22.57 18.69 10.25
N SER B 135 21.83 18.83 9.18
CA SER B 135 20.35 18.74 9.24
C SER B 135 19.95 17.34 9.72
N ALA B 136 20.62 16.33 9.21
CA ALA B 136 20.36 14.94 9.61
C ALA B 136 20.69 14.78 11.09
N VAL B 137 21.81 15.32 11.54
CA VAL B 137 22.23 15.13 12.95
C VAL B 137 21.25 15.84 13.86
N LEU B 138 20.77 17.01 13.47
CA LEU B 138 19.86 17.77 14.37
C LEU B 138 18.56 16.98 14.48
N ILE B 139 18.03 16.52 13.38
CA ILE B 139 16.74 15.81 13.48
C ILE B 139 16.94 14.50 14.23
N LEU B 140 18.08 13.84 14.05
CA LEU B 140 18.29 12.52 14.71
C LEU B 140 18.45 12.74 16.21
N ARG B 141 19.25 13.72 16.63
CA ARG B 141 19.35 14.01 18.07
C ARG B 141 18.00 14.46 18.61
N SER B 142 17.10 14.93 17.77
CA SER B 142 15.72 15.26 18.20
C SER B 142 14.91 13.97 18.39
N VAL B 143 15.16 12.95 17.60
CA VAL B 143 14.22 11.80 17.50
C VAL B 143 14.89 10.54 18.01
N SER B 144 16.21 10.50 18.06
CA SER B 144 16.97 9.31 18.47
C SER B 144 17.50 9.51 19.87
N THR B 145 17.35 8.54 20.75
CA THR B 145 17.93 8.60 22.11
C THR B 145 19.45 8.42 22.04
N ALA B 146 19.88 7.49 21.20
CA ALA B 146 21.30 7.13 21.04
C ALA B 146 22.11 8.31 20.48
N VAL B 147 21.54 9.07 19.56
CA VAL B 147 22.21 10.29 18.98
C VAL B 147 22.12 11.42 20.00
N PHE B 148 21.04 11.50 20.79
CA PHE B 148 20.97 12.52 21.86
C PHE B 148 22.07 12.27 22.90
N LYS B 149 22.31 11.03 23.28
CA LYS B 149 23.37 10.70 24.25
C LYS B 149 24.72 10.99 23.63
N ARG B 150 24.81 10.92 22.31
CA ARG B 150 26.06 11.28 21.62
C ARG B 150 26.17 12.80 21.53
N PHE B 151 25.06 13.51 21.31
CA PHE B 151 25.06 14.98 21.10
C PHE B 151 24.08 15.61 22.06
N PRO B 152 24.38 15.56 23.38
CA PRO B 152 23.43 16.09 24.36
C PRO B 152 23.26 17.61 24.23
N THR B 153 24.22 18.31 23.68
CA THR B 153 24.15 19.76 23.50
C THR B 153 24.53 20.13 22.05
N ILE B 154 24.17 21.32 21.61
CA ILE B 154 24.67 21.85 20.33
C ILE B 154 26.19 21.99 20.42
N ASP B 155 26.73 22.23 21.60
CA ASP B 155 28.21 22.31 21.75
C ASP B 155 28.81 20.98 21.29
N HIS B 156 28.12 19.87 21.54
CA HIS B 156 28.63 18.54 21.14
C HIS B 156 28.63 18.41 19.63
N VAL B 157 27.62 18.94 18.98
CA VAL B 157 27.55 18.95 17.49
C VAL B 157 28.67 19.85 16.97
N VAL B 158 28.96 20.96 17.63
CA VAL B 158 30.01 21.89 17.17
C VAL B 158 31.37 21.20 17.33
N GLU B 159 31.60 20.49 18.44
CA GLU B 159 32.89 19.80 18.68
C GLU B 159 33.03 18.65 17.70
N ALA B 160 31.93 18.05 17.26
CA ALA B 160 32.00 16.89 16.34
C ALA B 160 32.30 17.32 14.90
N GLY B 161 32.34 18.61 14.60
CA GLY B 161 32.71 19.10 13.27
C GLY B 161 31.53 19.32 12.35
N PHE B 162 30.31 18.96 12.77
CA PHE B 162 29.09 19.12 11.94
C PHE B 162 28.74 20.61 11.84
N MET B 163 28.95 21.40 12.90
CA MET B 163 28.58 22.82 12.88
C MET B 163 29.77 23.62 13.31
N THR B 164 30.04 24.70 12.60
CA THR B 164 31.16 25.61 12.99
C THR B 164 30.69 26.50 14.15
N ARG B 165 31.62 27.18 14.77
CA ARG B 165 31.27 28.14 15.84
C ARG B 165 30.46 29.30 15.23
N GLU B 166 30.84 29.75 14.05
CA GLU B 166 30.10 30.87 13.42
C GLU B 166 28.69 30.40 13.10
N GLU B 167 28.58 29.19 12.61
CA GLU B 167 27.26 28.63 12.25
C GLU B 167 26.49 28.44 13.53
N ARG B 168 27.14 28.14 14.64
CA ARG B 168 26.45 27.98 15.94
C ARG B 168 25.89 29.33 16.36
N LYS B 169 26.63 30.41 16.16
CA LYS B 169 26.18 31.77 16.55
C LYS B 169 24.95 32.10 15.71
N LYS B 170 25.01 31.84 14.41
CA LYS B 170 23.87 32.13 13.49
C LYS B 170 22.69 31.27 13.90
N PHE B 171 22.92 30.02 14.23
CA PHE B 171 21.87 29.04 14.56
C PHE B 171 21.20 29.41 15.86
N GLU B 172 21.94 29.89 16.83
CA GLU B 172 21.33 30.28 18.13
C GLU B 172 20.64 31.64 18.02
N ASN B 173 21.14 32.49 17.15
CA ASN B 173 20.61 33.86 17.06
C ASN B 173 19.26 33.84 16.36
N LEU B 174 18.84 32.71 15.76
CA LEU B 174 17.51 32.61 15.12
C LEU B 174 16.47 32.66 16.23
N ASN B 175 15.51 33.58 16.10
CA ASN B 175 14.45 33.68 17.12
C ASN B 175 13.37 32.71 16.65
N SER B 176 13.59 31.43 16.92
CA SER B 176 12.57 30.39 16.68
C SER B 176 12.43 29.53 17.93
N SER B 177 11.20 29.28 18.34
CA SER B 177 10.89 28.38 19.47
C SER B 177 10.61 27.00 18.92
N TYR B 178 10.69 26.80 17.61
CA TYR B 178 10.42 25.47 16.99
C TYR B 178 11.73 24.81 16.63
N ASN B 179 11.74 23.46 16.54
CA ASN B 179 12.94 22.65 16.24
C ASN B 179 13.59 23.21 14.95
N LYS B 180 14.91 23.41 14.99
CA LYS B 180 15.62 24.14 13.92
C LYS B 180 16.36 23.18 13.01
N TYR B 181 15.95 21.92 12.95
CA TYR B 181 16.58 20.96 12.02
C TYR B 181 16.54 21.49 10.57
N TRP B 182 15.56 22.29 10.20
CA TRP B 182 15.40 22.83 8.82
C TRP B 182 16.46 23.89 8.53
N VAL B 183 17.18 24.41 9.54
CA VAL B 183 18.06 25.59 9.34
C VAL B 183 19.20 25.28 8.38
N PRO B 184 19.93 24.17 8.55
CA PRO B 184 20.97 23.87 7.58
C PRO B 184 20.40 23.71 6.16
N CYS B 185 19.16 23.28 6.00
CA CYS B 185 18.56 23.08 4.66
C CYS B 185 18.35 24.44 4.00
N VAL B 186 17.94 25.45 4.74
CA VAL B 186 17.83 26.81 4.18
C VAL B 186 19.24 27.36 3.91
N TRP B 187 20.22 27.01 4.74
CA TRP B 187 21.63 27.38 4.47
C TRP B 187 22.08 26.70 3.17
N PHE B 188 21.67 25.47 2.96
CA PHE B 188 22.07 24.71 1.76
C PHE B 188 21.45 25.38 0.56
N SER B 189 20.17 25.74 0.65
CA SER B 189 19.50 26.45 -0.46
C SER B 189 20.27 27.72 -0.78
N ASN B 190 20.53 28.55 0.23
CA ASN B 190 21.23 29.82 0.01
C ASN B 190 22.64 29.59 -0.55
N LEU B 191 23.34 28.59 -0.08
CA LEU B 191 24.74 28.40 -0.54
C LEU B 191 24.69 27.90 -1.96
N ALA B 192 23.74 27.03 -2.30
CA ALA B 192 23.67 26.50 -3.69
C ALA B 192 23.34 27.68 -4.60
N ALA B 193 22.46 28.59 -4.16
CA ALA B 193 22.18 29.79 -4.95
C ALA B 193 23.47 30.59 -5.15
N GLN B 194 24.27 30.75 -4.11
CA GLN B 194 25.51 31.58 -4.15
C GLN B 194 26.49 30.91 -5.09
N ALA B 195 26.57 29.58 -5.04
CA ALA B 195 27.51 28.81 -5.88
C ALA B 195 27.08 29.05 -7.32
N ARG B 196 25.79 28.96 -7.62
CA ARG B 196 25.28 29.18 -8.99
C ARG B 196 25.54 30.62 -9.42
N ARG B 197 25.43 31.59 -8.53
CA ARG B 197 25.74 33.01 -8.87
C ARG B 197 27.23 33.18 -9.14
N GLU B 198 28.10 32.50 -8.42
CA GLU B 198 29.58 32.61 -8.62
C GLU B 198 30.03 31.77 -9.81
N GLY B 199 29.13 30.97 -10.39
CA GLY B 199 29.40 30.13 -11.56
C GLY B 199 30.01 28.80 -11.18
N ARG B 200 30.07 28.49 -9.89
CA ARG B 200 30.57 27.16 -9.44
C ARG B 200 29.58 26.10 -9.89
N ILE B 201 28.29 26.37 -9.83
CA ILE B 201 27.30 25.53 -10.57
C ILE B 201 27.13 26.09 -11.99
N ARG B 202 27.45 25.30 -13.01
CA ARG B 202 27.68 25.86 -14.36
C ARG B 202 26.35 26.11 -15.07
N ASP B 203 25.23 25.62 -14.56
CA ASP B 203 23.93 25.74 -15.29
C ASP B 203 22.77 25.76 -14.31
N ASN B 204 21.67 26.37 -14.72
CA ASN B 204 20.47 26.65 -13.88
C ASN B 204 19.72 25.34 -13.59
N SER B 205 19.81 24.40 -14.51
CA SER B 205 19.18 23.06 -14.35
C SER B 205 19.93 22.30 -13.26
N ALA B 206 21.25 22.48 -13.16
CA ALA B 206 22.03 21.80 -12.09
C ALA B 206 21.68 22.39 -10.74
N LEU B 207 21.45 23.69 -10.69
CA LEU B 207 20.98 24.29 -9.45
C LEU B 207 19.61 23.70 -9.08
N LYS B 208 18.74 23.53 -10.08
CA LYS B 208 17.38 23.00 -9.86
C LYS B 208 17.53 21.58 -9.35
N LEU B 209 18.48 20.84 -9.89
CA LEU B 209 18.72 19.42 -9.48
C LEU B 209 19.18 19.37 -8.03
N LEU B 210 20.09 20.28 -7.65
CA LEU B 210 20.55 20.36 -6.24
C LEU B 210 19.35 20.67 -5.36
N LEU B 211 18.51 21.61 -5.75
CA LEU B 211 17.44 22.05 -4.85
C LEU B 211 16.39 20.93 -4.75
N GLU B 212 16.19 20.17 -5.82
CA GLU B 212 15.25 19.02 -5.81
C GLU B 212 15.74 17.98 -4.83
N GLU B 213 17.04 17.70 -4.89
CA GLU B 213 17.65 16.66 -4.02
C GLU B 213 17.68 17.14 -2.59
N LEU B 214 17.93 18.43 -2.39
CA LEU B 214 17.87 19.05 -1.04
C LEU B 214 16.45 18.89 -0.53
N ASN B 215 15.44 19.11 -1.38
CA ASN B 215 14.06 19.08 -0.88
C ASN B 215 13.72 17.66 -0.48
N VAL B 216 14.26 16.68 -1.19
CA VAL B 216 13.99 15.28 -0.82
C VAL B 216 14.61 14.99 0.55
N PHE B 217 15.84 15.45 0.72
CA PHE B 217 16.61 15.25 1.96
C PHE B 217 15.85 15.89 3.12
N ARG B 218 15.43 17.14 2.92
CA ARG B 218 14.76 17.92 3.97
C ARG B 218 13.43 17.24 4.29
N GLY B 219 12.77 16.72 3.27
CA GLY B 219 11.51 15.98 3.44
C GLY B 219 11.69 14.79 4.35
N LYS B 220 12.78 14.08 4.15
CA LYS B 220 13.09 12.90 4.98
C LYS B 220 13.29 13.35 6.42
N CYS B 221 14.03 14.42 6.66
CA CYS B 221 14.27 14.94 8.02
C CYS B 221 12.94 15.36 8.66
N GLY B 222 12.12 16.08 7.93
CA GLY B 222 10.79 16.46 8.44
C GLY B 222 9.91 15.26 8.72
N MET B 223 10.04 14.23 7.90
CA MET B 223 9.21 13.01 8.06
C MET B 223 9.63 12.33 9.34
N LEU B 224 10.93 12.36 9.63
CA LEU B 224 11.42 11.77 10.89
C LEU B 224 10.76 12.51 12.03
N PHE B 225 10.71 13.83 11.93
CA PHE B 225 10.11 14.67 12.99
C PHE B 225 8.64 14.31 13.16
N HIS B 226 7.92 14.11 12.05
CA HIS B 226 6.45 13.86 12.08
C HIS B 226 6.17 12.48 12.68
N TYR B 227 6.99 11.51 12.35
CA TYR B 227 6.83 10.14 12.87
C TYR B 227 7.12 10.18 14.37
N ASP B 228 8.08 11.01 14.78
CA ASP B 228 8.44 11.13 16.21
C ASP B 228 7.27 11.75 16.97
N TRP B 229 6.72 12.79 16.42
CA TRP B 229 5.66 13.58 17.11
C TRP B 229 4.35 12.83 17.06
N ILE B 230 3.96 12.36 15.88
CA ILE B 230 2.63 11.71 15.70
C ILE B 230 2.82 10.22 15.97
N SER B 231 2.71 9.85 17.24
CA SER B 231 2.83 8.46 17.71
C SER B 231 1.68 7.63 17.13
N VAL B 232 1.84 6.30 17.10
CA VAL B 232 0.69 5.39 16.85
C VAL B 232 -0.30 5.68 17.97
N PRO B 233 -1.58 5.97 17.66
CA PRO B 233 -2.48 6.53 18.66
C PRO B 233 -2.47 5.75 19.98
N LEU B 234 -2.43 6.50 21.06
CA LEU B 234 -2.22 5.90 22.39
C LEU B 234 -3.45 5.08 22.73
N VAL B 235 -4.63 5.48 22.25
CA VAL B 235 -5.85 4.66 22.50
C VAL B 235 -5.65 3.30 21.83
N TYR B 236 -5.15 3.29 20.59
CA TYR B 236 -4.96 2.02 19.85
C TYR B 236 -3.97 1.12 20.58
N THR B 237 -2.89 1.72 21.11
CA THR B 237 -1.87 0.93 21.85
C THR B 237 -2.50 0.38 23.12
N GLN B 238 -3.13 1.24 23.92
CA GLN B 238 -3.76 0.80 25.21
C GLN B 238 -4.75 -0.31 24.91
N VAL B 239 -5.49 -0.23 23.80
CA VAL B 239 -6.46 -1.28 23.42
C VAL B 239 -5.75 -2.62 23.24
N VAL B 240 -4.62 -2.65 22.56
CA VAL B 240 -3.95 -3.95 22.27
CA VAL B 240 -3.95 -3.95 22.27
C VAL B 240 -3.27 -4.43 23.55
N THR B 241 -2.75 -3.52 24.35
CA THR B 241 -2.06 -3.95 25.60
C THR B 241 -3.12 -4.53 26.52
N ILE B 242 -4.28 -3.89 26.60
CA ILE B 242 -5.38 -4.36 27.48
C ILE B 242 -5.92 -5.68 26.95
N ALA B 243 -6.00 -5.84 25.64
CA ALA B 243 -6.44 -7.11 25.03
C ALA B 243 -5.52 -8.22 25.52
N LEU B 244 -4.23 -7.99 25.38
CA LEU B 244 -3.26 -9.07 25.62
C LEU B 244 -3.28 -9.39 27.10
N TYR B 245 -3.39 -8.37 27.93
CA TYR B 245 -3.31 -8.56 29.40
C TYR B 245 -4.58 -9.25 29.86
N SER B 246 -5.73 -8.93 29.25
CA SER B 246 -7.03 -9.60 29.57
C SER B 246 -6.93 -11.09 29.25
N TYR B 247 -6.38 -11.41 28.09
CA TYR B 247 -6.16 -12.80 27.69
C TYR B 247 -5.23 -13.47 28.69
N PHE B 248 -4.17 -12.79 29.11
CA PHE B 248 -3.16 -13.43 29.98
C PHE B 248 -3.73 -13.55 31.38
N LEU B 249 -4.64 -12.70 31.82
CA LEU B 249 -5.27 -12.87 33.15
C LEU B 249 -6.22 -14.07 33.08
N ALA B 250 -6.96 -14.19 31.98
CA ALA B 250 -7.87 -15.34 31.81
C ALA B 250 -7.00 -16.62 31.74
N CYS B 251 -5.84 -16.59 31.10
CA CYS B 251 -4.94 -17.76 30.99
C CYS B 251 -4.22 -17.99 32.32
N LEU B 252 -4.10 -16.97 33.14
CA LEU B 252 -3.33 -17.08 34.38
C LEU B 252 -4.23 -17.77 35.38
N ILE B 253 -5.53 -17.54 35.30
CA ILE B 253 -6.48 -18.22 36.24
C ILE B 253 -7.01 -19.51 35.62
N GLY B 254 -7.39 -19.50 34.37
CA GLY B 254 -8.09 -20.63 33.76
C GLY B 254 -7.19 -21.78 33.38
N ARG B 255 -5.91 -21.52 33.24
CA ARG B 255 -4.95 -22.59 32.88
C ARG B 255 -4.33 -23.19 34.15
N GLN B 256 -4.88 -22.87 35.32
CA GLN B 256 -4.41 -23.48 36.56
C GLN B 256 -4.79 -24.94 36.57
N PHE B 257 -3.87 -25.81 36.93
CA PHE B 257 -4.15 -27.26 36.86
C PHE B 257 -4.97 -27.63 38.08
N LEU B 258 -6.12 -28.23 37.85
CA LEU B 258 -7.02 -28.63 38.95
C LEU B 258 -6.68 -30.06 39.32
N ASP B 259 -7.15 -30.48 40.50
CA ASP B 259 -6.99 -31.87 41.00
C ASP B 259 -7.73 -32.79 40.04
N PRO B 260 -7.07 -33.81 39.46
CA PRO B 260 -7.81 -34.84 38.72
C PRO B 260 -8.82 -35.58 39.61
N ALA B 261 -8.58 -35.58 40.93
CA ALA B 261 -9.47 -36.19 41.96
C ALA B 261 -10.89 -35.66 41.82
N GLN B 262 -11.03 -34.35 41.61
CA GLN B 262 -12.37 -33.70 41.56
C GLN B 262 -13.11 -34.16 40.30
N GLY B 263 -12.39 -34.67 39.31
CA GLY B 263 -13.00 -35.27 38.10
C GLY B 263 -13.69 -34.21 37.27
N TYR B 264 -13.12 -33.01 37.22
CA TYR B 264 -13.65 -31.94 36.33
C TYR B 264 -13.35 -32.35 34.89
N LYS B 265 -14.30 -32.11 34.00
CA LYS B 265 -14.08 -32.37 32.56
C LYS B 265 -12.93 -31.49 32.10
N ASP B 266 -12.06 -32.01 31.22
CA ASP B 266 -10.98 -31.21 30.60
C ASP B 266 -9.85 -30.98 31.62
N HIS B 267 -10.03 -31.37 32.88
CA HIS B 267 -9.01 -31.20 33.95
C HIS B 267 -8.84 -32.56 34.61
N ASP B 268 -8.05 -33.45 34.00
CA ASP B 268 -7.85 -34.83 34.46
C ASP B 268 -6.36 -35.19 34.47
N LEU B 269 -5.50 -34.26 34.09
CA LEU B 269 -4.03 -34.43 34.09
C LEU B 269 -3.41 -33.20 34.69
N ASP B 270 -2.42 -33.41 35.56
CA ASP B 270 -1.78 -32.29 36.30
C ASP B 270 -0.29 -32.32 35.97
N LEU B 271 0.16 -31.44 35.09
CA LEU B 271 1.55 -31.36 34.62
C LEU B 271 2.36 -30.44 35.52
N CYS B 272 1.70 -29.62 36.34
CA CYS B 272 2.31 -28.76 37.37
C CYS B 272 2.96 -27.58 36.68
N VAL B 273 3.18 -27.61 35.36
CA VAL B 273 3.73 -26.46 34.59
C VAL B 273 3.02 -26.42 33.26
N PRO B 274 2.36 -25.28 32.91
CA PRO B 274 1.58 -25.18 31.68
C PRO B 274 2.50 -24.87 30.50
N ILE B 275 3.14 -25.92 30.00
CA ILE B 275 4.07 -25.86 28.84
C ILE B 275 3.40 -25.09 27.71
N PHE B 276 2.16 -25.48 27.38
CA PHE B 276 1.50 -24.96 26.16
C PHE B 276 1.01 -23.56 26.45
N THR B 277 0.55 -23.30 27.66
CA THR B 277 0.11 -21.95 28.07
C THR B 277 1.32 -21.03 28.11
N LEU B 278 2.47 -21.48 28.61
CA LEU B 278 3.70 -20.66 28.59
C LEU B 278 4.12 -20.42 27.14
N LEU B 279 3.99 -21.40 26.25
CA LEU B 279 4.33 -21.18 24.82
C LEU B 279 3.34 -20.18 24.21
N GLN B 280 2.05 -20.24 24.55
CA GLN B 280 1.07 -19.27 24.02
C GLN B 280 1.46 -17.90 24.54
N PHE B 281 1.81 -17.81 25.82
CA PHE B 281 2.20 -16.53 26.43
C PHE B 281 3.41 -16.01 25.67
N PHE B 282 4.38 -16.87 25.44
CA PHE B 282 5.64 -16.50 24.76
C PHE B 282 5.36 -16.01 23.34
N PHE B 283 4.56 -16.77 22.59
CA PHE B 283 4.04 -16.38 21.24
C PHE B 283 3.33 -15.03 21.26
N TYR B 284 2.28 -14.85 22.05
CA TYR B 284 1.47 -13.61 22.00
C TYR B 284 2.23 -12.42 22.58
N ALA B 285 2.96 -12.62 23.68
CA ALA B 285 3.71 -11.52 24.29
C ALA B 285 4.87 -11.14 23.36
N GLY B 286 5.48 -12.11 22.66
CA GLY B 286 6.54 -11.81 21.68
C GLY B 286 5.95 -11.04 20.54
N TRP B 287 4.74 -11.40 20.13
CA TRP B 287 4.08 -10.69 19.02
C TRP B 287 3.87 -9.24 19.43
N LEU B 288 3.49 -8.99 20.68
CA LEU B 288 3.31 -7.59 21.10
C LEU B 288 4.69 -6.95 21.29
N LYS B 289 5.69 -7.73 21.72
CA LYS B 289 7.07 -7.21 21.88
C LYS B 289 7.67 -6.78 20.54
N VAL B 290 7.24 -7.37 19.44
CA VAL B 290 7.64 -6.90 18.11
C VAL B 290 7.21 -5.44 18.00
N ALA B 291 5.95 -5.12 18.30
CA ALA B 291 5.45 -3.72 18.24
C ALA B 291 6.22 -2.88 19.25
N GLU B 292 6.47 -3.41 20.42
CA GLU B 292 7.12 -2.64 21.50
C GLU B 292 8.52 -2.24 21.04
N GLN B 293 9.24 -3.14 20.41
CA GLN B 293 10.60 -2.84 19.91
C GLN B 293 10.54 -1.90 18.71
N LEU B 294 9.57 -2.11 17.82
CA LEU B 294 9.52 -1.36 16.57
C LEU B 294 8.74 -0.05 16.69
N ILE B 295 8.08 0.22 17.81
CA ILE B 295 7.16 1.40 17.90
C ILE B 295 7.98 2.69 17.88
N ASN B 296 9.14 2.69 18.49
CA ASN B 296 10.12 3.79 18.38
C ASN B 296 11.42 3.15 17.95
N PRO B 297 11.73 3.10 16.65
CA PRO B 297 12.92 2.44 16.18
C PRO B 297 14.21 3.23 16.35
N PHE B 298 14.15 4.35 17.01
CA PHE B 298 15.35 5.17 17.10
C PHE B 298 15.77 5.18 18.55
N GLY B 299 15.28 4.21 19.32
CA GLY B 299 15.78 4.04 20.70
C GLY B 299 17.14 3.38 20.65
N GLU B 300 17.47 2.60 21.66
CA GLU B 300 18.77 1.96 21.81
C GLU B 300 18.50 0.50 22.09
N ASP B 301 17.68 -0.12 21.24
CA ASP B 301 17.37 -1.56 21.42
C ASP B 301 18.43 -2.36 20.68
N ASP B 302 18.02 -3.45 20.03
CA ASP B 302 18.97 -4.29 19.26
C ASP B 302 18.46 -4.30 17.83
N ASP B 303 17.16 -4.22 17.65
CA ASP B 303 16.58 -4.06 16.30
C ASP B 303 16.29 -2.61 16.00
N ASP B 304 16.51 -1.74 17.01
CA ASP B 304 16.39 -0.29 16.77
C ASP B 304 17.44 0.08 15.73
N PHE B 305 17.21 1.14 14.97
CA PHE B 305 18.10 1.53 13.88
C PHE B 305 19.43 1.96 14.44
N GLU B 306 20.52 1.67 13.73
CA GLU B 306 21.86 2.07 14.17
C GLU B 306 22.08 3.49 13.63
N THR B 307 21.63 4.50 14.38
CA THR B 307 21.58 5.88 13.86
C THR B 307 22.95 6.51 13.99
N ASN B 308 23.79 6.00 14.88
CA ASN B 308 25.10 6.63 15.11
C ASN B 308 26.05 6.09 14.04
N PHE B 309 25.91 4.81 13.66
CA PHE B 309 26.68 4.20 12.57
C PHE B 309 26.33 4.92 11.28
N LEU B 310 25.03 5.20 11.07
CA LEU B 310 24.58 5.83 9.80
C LEU B 310 25.11 7.24 9.76
N ILE B 311 25.13 7.95 10.90
CA ILE B 311 25.67 9.34 10.96
C ILE B 311 27.14 9.31 10.52
N ASP B 312 27.93 8.42 11.10
CA ASP B 312 29.38 8.33 10.80
C ASP B 312 29.60 7.92 9.34
N ARG B 313 28.85 6.96 8.86
CA ARG B 313 29.00 6.49 7.46
C ARG B 313 28.65 7.64 6.55
N ASN B 314 27.50 8.26 6.79
CA ASN B 314 26.98 9.29 5.86
C ASN B 314 27.98 10.42 5.77
N PHE B 315 28.54 10.82 6.91
CA PHE B 315 29.50 11.94 6.93
C PHE B 315 30.72 11.57 6.11
N GLN B 316 31.34 10.44 6.43
CA GLN B 316 32.64 10.02 5.83
C GLN B 316 32.45 9.85 4.33
N VAL B 317 31.37 9.18 3.96
CA VAL B 317 31.15 8.85 2.53
C VAL B 317 30.89 10.13 1.76
N SER B 318 30.03 11.01 2.30
CA SER B 318 29.67 12.26 1.59
C SER B 318 30.95 13.06 1.37
N MET B 319 31.76 13.20 2.42
CA MET B 319 33.00 13.97 2.30
C MET B 319 33.96 13.33 1.28
N LEU B 320 34.07 12.01 1.26
CA LEU B 320 34.87 11.33 0.21
C LEU B 320 34.31 11.72 -1.16
N ALA B 321 32.99 11.64 -1.31
CA ALA B 321 32.35 11.73 -2.62
C ALA B 321 32.61 13.11 -3.17
N VAL B 322 32.51 14.15 -2.35
CA VAL B 322 32.60 15.54 -2.89
C VAL B 322 34.03 16.09 -2.82
N ASP B 323 34.90 15.50 -2.01
CA ASP B 323 36.25 16.12 -1.87
C ASP B 323 37.30 15.27 -2.55
N GLU B 324 37.44 13.98 -2.19
CA GLU B 324 38.56 13.15 -2.70
C GLU B 324 38.21 12.62 -4.08
N MET B 325 36.93 12.37 -4.36
CA MET B 325 36.57 11.73 -5.65
C MET B 325 36.03 12.75 -6.67
N TYR B 326 36.12 14.05 -6.37
CA TYR B 326 35.69 15.03 -7.37
C TYR B 326 36.73 15.08 -8.49
N ASP B 327 36.26 14.88 -9.73
CA ASP B 327 37.02 15.08 -10.97
C ASP B 327 38.28 14.23 -10.86
N ASP B 328 38.12 13.03 -10.32
CA ASP B 328 39.23 12.08 -10.06
C ASP B 328 38.87 10.77 -10.75
N LEU B 329 38.68 10.86 -12.05
CA LEU B 329 38.32 9.69 -12.86
C LEU B 329 39.63 9.00 -13.27
N ALA B 330 39.63 7.67 -13.38
CA ALA B 330 40.67 6.96 -14.16
C ALA B 330 40.48 7.33 -15.63
N VAL B 331 41.56 7.37 -16.40
CA VAL B 331 41.51 7.82 -17.81
C VAL B 331 40.57 6.87 -18.58
N LEU B 332 39.62 7.43 -19.36
CA LEU B 332 38.73 6.63 -20.27
C LEU B 332 39.60 5.68 -21.09
N GLU B 333 39.56 4.39 -20.78
CA GLU B 333 40.24 3.37 -21.59
C GLU B 333 39.23 2.27 -21.90
N LYS B 334 39.43 1.66 -23.06
CA LYS B 334 38.56 0.62 -23.62
C LYS B 334 38.44 -0.53 -22.61
N ASP B 335 37.22 -0.94 -22.34
CA ASP B 335 36.91 -2.02 -21.38
C ASP B 335 37.23 -3.35 -22.06
N LEU B 336 37.02 -4.43 -21.32
CA LEU B 336 37.42 -5.80 -21.73
C LEU B 336 36.62 -6.23 -22.96
N TYR B 337 35.37 -5.76 -23.09
CA TYR B 337 34.43 -6.21 -24.13
C TYR B 337 34.29 -5.16 -25.22
N TRP B 338 35.33 -4.39 -25.52
CA TRP B 338 35.24 -3.33 -26.55
C TRP B 338 34.99 -3.95 -27.93
N ASP B 339 35.73 -4.99 -28.28
CA ASP B 339 35.72 -5.54 -29.65
C ASP B 339 34.70 -6.69 -29.75
N ALA B 340 34.07 -7.09 -28.65
CA ALA B 340 33.14 -8.24 -28.61
C ALA B 340 31.70 -7.75 -28.83
N ALA B 341 31.01 -8.27 -29.84
CA ALA B 341 29.60 -7.95 -30.15
C ALA B 341 28.71 -8.32 -28.95
N GLU B 342 28.92 -9.50 -28.37
CA GLU B 342 28.24 -9.94 -27.13
C GLU B 342 29.13 -9.63 -25.93
N ALA B 343 28.59 -9.70 -24.72
CA ALA B 343 29.33 -9.27 -23.51
C ALA B 343 28.93 -10.16 -22.34
N ARG B 344 29.89 -10.89 -21.78
CA ARG B 344 29.60 -11.84 -20.68
C ARG B 344 30.84 -12.06 -19.84
N ALA B 345 30.74 -11.69 -18.57
CA ALA B 345 31.81 -11.90 -17.58
C ALA B 345 31.97 -13.40 -17.36
N PRO B 346 33.19 -13.86 -16.99
CA PRO B 346 33.37 -15.26 -16.65
C PRO B 346 32.60 -15.64 -15.37
N TYR B 347 32.28 -16.92 -15.27
CA TYR B 347 31.60 -17.54 -14.11
C TYR B 347 32.61 -18.43 -13.40
N THR B 348 32.52 -18.48 -12.07
CA THR B 348 33.38 -19.34 -11.22
C THR B 348 32.90 -20.78 -11.30
N ALA B 349 33.73 -21.72 -10.86
CA ALA B 349 33.40 -23.17 -10.76
C ALA B 349 32.17 -23.36 -9.87
N ALA B 350 32.06 -22.58 -8.79
CA ALA B 350 30.93 -22.63 -7.83
C ALA B 350 29.62 -22.30 -8.54
N THR B 351 29.58 -21.26 -9.36
CA THR B 351 28.32 -20.75 -9.98
C THR B 351 28.26 -21.03 -11.48
N VAL B 352 29.15 -21.86 -12.01
CA VAL B 352 29.11 -22.19 -13.47
C VAL B 352 27.85 -23.01 -13.74
N PHE B 353 27.29 -23.66 -12.72
CA PHE B 353 26.06 -24.49 -12.86
C PHE B 353 24.89 -23.60 -13.25
N GLN B 354 24.93 -22.31 -12.93
CA GLN B 354 23.82 -21.39 -13.21
C GLN B 354 23.72 -21.26 -14.73
N LEU B 355 24.87 -21.30 -15.41
CA LEU B 355 24.87 -21.37 -16.90
C LEU B 355 24.11 -22.62 -17.35
N ARG B 356 23.85 -22.70 -18.66
CA ARG B 356 23.20 -23.83 -19.37
C ARG B 356 21.74 -24.01 -18.93
N GLN B 357 21.28 -23.23 -17.95
CA GLN B 357 19.83 -23.07 -17.65
C GLN B 357 19.25 -22.16 -18.73
N PRO B 358 18.13 -22.52 -19.39
CA PRO B 358 17.58 -21.71 -20.46
C PRO B 358 17.34 -20.24 -20.06
N SER B 359 17.80 -19.32 -20.91
CA SER B 359 17.60 -17.86 -20.72
C SER B 359 16.12 -17.54 -20.93
N PHE B 360 15.50 -16.89 -19.96
CA PHE B 360 14.05 -16.57 -20.00
C PHE B 360 13.82 -15.50 -21.08
N GLN B 361 12.86 -15.74 -21.97
CA GLN B 361 12.50 -14.79 -23.03
C GLN B 361 11.08 -14.25 -22.83
N GLY B 362 10.21 -14.96 -22.12
CA GLY B 362 8.77 -14.67 -21.97
C GLY B 362 7.97 -15.96 -21.88
N SER B 363 6.78 -15.89 -21.28
CA SER B 363 5.90 -17.07 -21.09
C SER B 363 5.37 -17.65 -22.42
N THR B 364 5.30 -16.87 -23.48
CA THR B 364 4.55 -17.21 -24.72
C THR B 364 5.45 -17.92 -25.75
N PHE B 365 6.72 -18.23 -25.42
CA PHE B 365 7.69 -18.69 -26.44
C PHE B 365 7.78 -20.21 -26.46
N ASP B 366 6.71 -20.91 -26.04
CA ASP B 366 6.64 -22.40 -26.11
C ASP B 366 5.25 -22.85 -26.56
N ILE B 367 4.47 -21.97 -27.20
CA ILE B 367 3.05 -22.26 -27.49
C ILE B 367 2.96 -23.28 -28.64
N THR B 368 3.78 -23.12 -29.68
CA THR B 368 3.88 -24.08 -30.82
C THR B 368 2.51 -24.19 -31.50
N LEU B 369 2.03 -23.08 -32.08
CA LEU B 369 0.74 -23.04 -32.82
C LEU B 369 0.80 -23.94 -34.06
N ALA B 370 -0.36 -24.14 -34.68
CA ALA B 370 -0.48 -24.83 -36.00
C ALA B 370 -0.20 -23.83 -37.13
N LYS B 371 0.16 -24.36 -38.30
CA LYS B 371 0.49 -23.56 -39.50
C LYS B 371 -0.73 -22.73 -39.92
N GLU B 372 -1.92 -23.31 -39.89
CA GLU B 372 -3.17 -22.66 -40.38
C GLU B 372 -3.53 -21.50 -39.44
N ASP B 373 -3.29 -21.65 -38.13
CA ASP B 373 -3.69 -20.63 -37.14
C ASP B 373 -2.73 -19.44 -37.18
N MET B 374 -1.55 -19.60 -37.79
CA MET B 374 -0.55 -18.51 -37.88
C MET B 374 -0.89 -17.53 -39.00
N GLN B 375 -1.75 -17.90 -39.95
CA GLN B 375 -2.07 -17.03 -41.12
C GLN B 375 -2.97 -15.87 -40.66
N PHE B 376 -2.61 -14.64 -41.03
CA PHE B 376 -3.46 -13.45 -40.84
C PHE B 376 -4.76 -13.61 -41.65
N GLN B 377 -5.82 -12.93 -41.18
CA GLN B 377 -7.17 -12.92 -41.80
C GLN B 377 -7.09 -12.39 -43.24
N THR C 2 -12.12 -8.70 -20.86
CA THR C 2 -12.52 -8.17 -19.56
C THR C 2 -14.04 -8.21 -19.55
N VAL C 3 -14.63 -8.89 -18.58
CA VAL C 3 -16.09 -8.84 -18.37
C VAL C 3 -16.39 -7.60 -17.56
N THR C 4 -16.82 -6.53 -18.21
CA THR C 4 -17.15 -5.23 -17.57
C THR C 4 -18.62 -5.26 -17.16
N TYR C 5 -18.89 -5.14 -15.86
CA TYR C 5 -20.28 -5.07 -15.35
C TYR C 5 -20.43 -3.80 -14.54
N THR C 6 -19.57 -2.81 -14.75
CA THR C 6 -19.63 -1.49 -14.05
C THR C 6 -21.02 -0.84 -14.17
N ALA C 7 -21.72 -0.99 -15.29
CA ALA C 7 -23.02 -0.37 -15.52
C ALA C 7 -24.05 -1.03 -14.62
N ARG C 8 -23.97 -2.36 -14.48
CA ARG C 8 -25.00 -3.13 -13.74
C ARG C 8 -24.93 -2.77 -12.26
N VAL C 9 -23.83 -2.20 -11.80
CA VAL C 9 -23.60 -1.97 -10.35
C VAL C 9 -23.35 -0.46 -10.14
N ALA C 10 -23.90 0.39 -10.99
CA ALA C 10 -23.83 1.86 -10.81
C ALA C 10 -24.43 2.27 -9.47
N ASN C 11 -25.63 1.79 -9.22
CA ASN C 11 -26.39 2.09 -7.99
C ASN C 11 -26.55 0.79 -7.20
N ALA C 12 -26.46 0.88 -5.89
CA ALA C 12 -26.77 -0.24 -4.98
C ALA C 12 -28.28 -0.42 -5.04
N ARG C 13 -28.72 -1.28 -5.96
CA ARG C 13 -30.14 -1.61 -6.21
C ARG C 13 -30.53 -2.84 -5.43
N PHE C 14 -31.81 -3.18 -5.44
CA PHE C 14 -32.36 -4.32 -4.67
C PHE C 14 -31.73 -5.60 -5.21
N GLY C 15 -31.85 -5.78 -6.53
CA GLY C 15 -31.22 -6.92 -7.20
C GLY C 15 -29.73 -6.89 -6.93
N GLY C 16 -29.08 -5.77 -7.25
CA GLY C 16 -27.68 -5.53 -6.89
C GLY C 16 -26.78 -6.61 -7.44
N PHE C 17 -26.08 -7.29 -6.55
CA PHE C 17 -25.13 -8.35 -6.87
C PHE C 17 -25.85 -9.67 -7.23
N SER C 18 -27.09 -9.84 -6.80
CA SER C 18 -27.89 -11.05 -7.08
C SER C 18 -28.00 -11.25 -8.59
N GLN C 19 -28.29 -10.18 -9.33
CA GLN C 19 -28.43 -10.28 -10.80
C GLN C 19 -27.10 -10.68 -11.40
N LEU C 20 -25.97 -10.30 -10.78
CA LEU C 20 -24.63 -10.69 -11.28
C LEU C 20 -24.47 -12.20 -11.17
N LEU C 21 -25.28 -12.87 -10.38
CA LEU C 21 -25.21 -14.34 -10.31
C LEU C 21 -25.80 -14.94 -11.57
N LEU C 22 -26.45 -14.18 -12.43
CA LEU C 22 -27.03 -14.74 -13.68
C LEU C 22 -26.11 -14.45 -14.87
N LEU C 23 -24.89 -14.00 -14.64
CA LEU C 23 -23.94 -13.82 -15.76
C LEU C 23 -23.10 -15.09 -15.91
N TRP C 24 -22.80 -15.46 -17.15
CA TRP C 24 -22.01 -16.67 -17.50
C TRP C 24 -20.58 -16.28 -17.88
N ARG C 25 -20.37 -15.29 -18.75
CA ARG C 25 -18.98 -15.01 -19.15
C ARG C 25 -18.27 -14.57 -17.87
N GLY C 26 -17.02 -14.96 -17.68
CA GLY C 26 -16.16 -14.41 -16.62
C GLY C 26 -16.66 -14.89 -15.29
N SER C 27 -17.64 -15.81 -15.31
CA SER C 27 -18.36 -16.16 -14.08
C SER C 27 -17.67 -17.28 -13.34
N ILE C 28 -18.09 -17.46 -12.11
CA ILE C 28 -17.67 -18.55 -11.23
C ILE C 28 -18.21 -19.86 -11.81
N TYR C 29 -19.39 -19.85 -12.42
CA TYR C 29 -19.99 -21.10 -12.99
C TYR C 29 -19.09 -21.63 -14.08
N LYS C 30 -18.69 -20.75 -14.99
CA LYS C 30 -17.89 -21.14 -16.17
C LYS C 30 -16.56 -21.71 -15.68
N LEU C 31 -15.93 -21.06 -14.71
CA LEU C 31 -14.58 -21.41 -14.21
C LEU C 31 -14.66 -22.64 -13.35
N LEU C 32 -15.81 -22.97 -12.78
CA LEU C 32 -15.84 -24.01 -11.72
C LEU C 32 -16.79 -25.19 -11.97
N TRP C 33 -17.55 -25.25 -13.06
CA TRP C 33 -18.55 -26.33 -13.21
C TRP C 33 -17.88 -27.70 -13.36
N ARG C 34 -16.76 -27.80 -14.04
CA ARG C 34 -16.03 -29.08 -14.20
C ARG C 34 -15.57 -29.57 -12.82
N GLU C 35 -14.99 -28.68 -12.02
CA GLU C 35 -14.45 -29.05 -10.69
C GLU C 35 -15.61 -29.41 -9.79
N LEU C 36 -16.74 -28.73 -9.95
CA LEU C 36 -17.94 -29.00 -9.14
C LEU C 36 -18.48 -30.37 -9.52
N LEU C 37 -18.52 -30.71 -10.79
CA LEU C 37 -19.01 -32.03 -11.22
C LEU C 37 -18.02 -33.10 -10.72
N CYS C 38 -16.72 -32.83 -10.71
CA CYS C 38 -15.73 -33.83 -10.26
C CYS C 38 -15.91 -34.08 -8.77
N PHE C 39 -16.05 -33.00 -8.00
CA PHE C 39 -16.28 -33.04 -6.54
C PHE C 39 -17.55 -33.85 -6.28
N LEU C 40 -18.59 -33.53 -7.02
CA LEU C 40 -19.91 -34.19 -6.85
C LEU C 40 -19.78 -35.65 -7.30
N GLY C 41 -18.99 -35.93 -8.30
CA GLY C 41 -18.82 -37.31 -8.77
C GLY C 41 -18.14 -38.16 -7.74
N PHE C 42 -17.10 -37.65 -7.11
CA PHE C 42 -16.41 -38.40 -6.04
C PHE C 42 -17.36 -38.56 -4.87
N TYR C 43 -18.13 -37.53 -4.56
CA TYR C 43 -19.04 -37.57 -3.40
C TYR C 43 -20.10 -38.65 -3.64
N MET C 44 -20.69 -38.67 -4.82
CA MET C 44 -21.75 -39.65 -5.10
C MET C 44 -21.13 -41.04 -5.35
N ALA C 45 -19.88 -41.12 -5.79
CA ALA C 45 -19.18 -42.41 -5.90
C ALA C 45 -19.05 -43.05 -4.51
N LEU C 46 -18.60 -42.28 -3.52
CA LEU C 46 -18.54 -42.79 -2.12
C LEU C 46 -19.92 -43.00 -1.55
N SER C 47 -20.89 -42.19 -1.93
CA SER C 47 -22.28 -42.34 -1.46
C SER C 47 -22.81 -43.68 -1.98
N ALA C 48 -22.62 -43.97 -3.27
CA ALA C 48 -23.12 -45.22 -3.86
C ALA C 48 -22.38 -46.40 -3.24
N ALA C 49 -21.08 -46.26 -2.98
CA ALA C 49 -20.25 -47.33 -2.38
C ALA C 49 -20.85 -47.65 -1.02
N TYR C 50 -21.18 -46.61 -0.27
CA TYR C 50 -21.60 -46.80 1.14
C TYR C 50 -23.01 -47.37 1.16
N ARG C 51 -23.85 -46.97 0.22
CA ARG C 51 -25.28 -47.31 0.29
C ARG C 51 -25.50 -48.71 -0.30
N PHE C 52 -24.78 -49.06 -1.35
CA PHE C 52 -25.08 -50.29 -2.12
C PHE C 52 -23.94 -51.32 -2.13
N VAL C 53 -22.68 -50.89 -1.99
CA VAL C 53 -21.51 -51.78 -2.24
C VAL C 53 -20.91 -52.31 -0.93
N LEU C 54 -20.57 -51.43 0.01
CA LEU C 54 -19.95 -51.79 1.30
C LEU C 54 -20.90 -52.68 2.10
N THR C 55 -20.34 -53.67 2.80
CA THR C 55 -21.09 -54.56 3.73
C THR C 55 -21.33 -53.86 5.09
N GLU C 56 -22.01 -54.53 6.01
CA GLU C 56 -22.42 -53.93 7.30
C GLU C 56 -21.18 -53.54 8.10
N GLY C 57 -20.22 -54.44 8.26
CA GLY C 57 -18.92 -54.12 8.92
C GLY C 57 -18.22 -52.99 8.19
N GLN C 58 -18.22 -53.09 6.87
CA GLN C 58 -17.56 -52.12 5.98
C GLN C 58 -18.24 -50.78 6.13
N LYS C 59 -19.57 -50.79 6.19
CA LYS C 59 -20.37 -49.55 6.39
C LYS C 59 -20.04 -48.92 7.75
N ARG C 60 -19.90 -49.74 8.81
CA ARG C 60 -19.58 -49.20 10.15
C ARG C 60 -18.20 -48.54 10.10
N TYR C 61 -17.24 -49.21 9.47
CA TYR C 61 -15.86 -48.68 9.39
C TYR C 61 -15.90 -47.35 8.65
N PHE C 62 -16.64 -47.31 7.56
CA PHE C 62 -16.73 -46.11 6.70
C PHE C 62 -17.28 -44.98 7.56
N GLU C 63 -18.31 -45.27 8.37
CA GLU C 63 -18.98 -44.22 9.17
C GLU C 63 -17.99 -43.72 10.21
N LYS C 64 -17.15 -44.59 10.78
CA LYS C 64 -16.07 -44.17 11.76
C LYS C 64 -15.08 -43.24 11.08
N LEU C 65 -14.71 -43.57 9.85
CA LEU C 65 -13.78 -42.77 9.02
C LEU C 65 -14.44 -41.44 8.71
N VAL C 66 -15.75 -41.42 8.41
CA VAL C 66 -16.47 -40.18 8.04
C VAL C 66 -16.51 -39.25 9.24
N ILE C 67 -16.79 -39.81 10.41
CA ILE C 67 -16.84 -38.97 11.64
C ILE C 67 -15.43 -38.43 11.90
N TYR C 68 -14.40 -39.25 11.72
CA TYR C 68 -12.99 -38.82 11.92
C TYR C 68 -12.65 -37.70 10.95
N CYS C 69 -13.01 -37.83 9.70
CA CYS C 69 -12.62 -36.88 8.63
C CYS C 69 -13.39 -35.56 8.82
N ASP C 70 -14.62 -35.59 9.32
CA ASP C 70 -15.40 -34.36 9.52
C ASP C 70 -14.67 -33.44 10.51
N GLN C 71 -13.93 -34.01 11.47
CA GLN C 71 -13.15 -33.24 12.48
C GLN C 71 -12.12 -32.34 11.79
N TYR C 72 -11.51 -32.82 10.72
CA TYR C 72 -10.35 -32.18 10.06
C TYR C 72 -10.78 -31.15 9.02
N ALA C 73 -12.08 -30.99 8.81
CA ALA C 73 -12.59 -29.99 7.86
C ALA C 73 -12.47 -28.60 8.51
N SER C 74 -11.23 -28.18 8.77
CA SER C 74 -10.88 -26.87 9.36
C SER C 74 -11.02 -25.78 8.29
N LEU C 75 -12.18 -25.16 8.17
CA LEU C 75 -12.43 -24.11 7.15
C LEU C 75 -11.73 -22.78 7.49
N ILE C 76 -11.34 -22.56 8.73
CA ILE C 76 -10.75 -21.24 9.15
C ILE C 76 -9.33 -21.12 8.58
N PRO C 77 -8.43 -22.13 8.69
CA PRO C 77 -7.12 -22.06 8.03
C PRO C 77 -7.20 -21.83 6.52
N VAL C 78 -8.11 -22.53 5.86
CA VAL C 78 -8.27 -22.41 4.38
C VAL C 78 -8.71 -20.98 4.08
N SER C 79 -9.68 -20.44 4.84
CA SER C 79 -10.18 -19.06 4.63
C SER C 79 -9.02 -18.08 4.82
N PHE C 80 -8.21 -18.25 5.87
CA PHE C 80 -7.02 -17.40 6.12
C PHE C 80 -6.10 -17.42 4.91
N VAL C 81 -5.65 -18.59 4.54
CA VAL C 81 -4.57 -18.68 3.50
C VAL C 81 -5.14 -18.26 2.14
N LEU C 82 -6.38 -18.63 1.82
CA LEU C 82 -7.02 -18.16 0.57
C LEU C 82 -7.05 -16.64 0.62
N GLY C 83 -7.51 -16.06 1.74
CA GLY C 83 -7.70 -14.61 1.84
C GLY C 83 -6.41 -13.90 1.49
N PHE C 84 -5.34 -14.31 2.15
CA PHE C 84 -4.02 -13.66 1.99
C PHE C 84 -3.49 -13.88 0.58
N TYR C 85 -3.53 -15.12 0.08
CA TYR C 85 -2.97 -15.46 -1.25
C TYR C 85 -3.75 -14.76 -2.36
N VAL C 86 -5.07 -14.80 -2.27
CA VAL C 86 -5.89 -14.26 -3.37
C VAL C 86 -5.83 -12.73 -3.30
N THR C 87 -5.68 -12.15 -2.11
CA THR C 87 -5.49 -10.69 -1.98
C THR C 87 -4.19 -10.33 -2.67
N LEU C 88 -3.14 -11.12 -2.44
CA LEU C 88 -1.84 -10.89 -3.12
C LEU C 88 -2.05 -10.95 -4.63
N VAL C 89 -2.79 -11.95 -5.11
CA VAL C 89 -2.91 -12.21 -6.56
C VAL C 89 -3.72 -11.09 -7.16
N VAL C 90 -4.73 -10.60 -6.46
CA VAL C 90 -5.62 -9.53 -7.03
C VAL C 90 -4.84 -8.24 -7.11
N ASN C 91 -4.07 -7.95 -6.07
CA ASN C 91 -3.27 -6.70 -6.04
C ASN C 91 -2.26 -6.78 -7.19
N ARG C 92 -1.63 -7.94 -7.36
CA ARG C 92 -0.62 -8.14 -8.41
C ARG C 92 -1.30 -7.97 -9.77
N TRP C 93 -2.52 -8.44 -9.87
CA TRP C 93 -3.30 -8.40 -11.14
C TRP C 93 -3.53 -6.94 -11.52
N TRP C 94 -4.00 -6.12 -10.57
CA TRP C 94 -4.27 -4.69 -10.84
C TRP C 94 -2.95 -3.96 -11.14
N SER C 95 -1.88 -4.31 -10.45
CA SER C 95 -0.54 -3.73 -10.72
C SER C 95 -0.13 -4.07 -12.15
N GLN C 96 -0.35 -5.30 -12.57
CA GLN C 96 0.03 -5.73 -13.92
C GLN C 96 -0.79 -4.94 -14.93
N TYR C 97 -2.08 -4.69 -14.65
CA TYR C 97 -2.93 -3.91 -15.58
C TYR C 97 -2.37 -2.50 -15.68
N LEU C 98 -2.02 -1.92 -14.54
CA LEU C 98 -1.45 -0.54 -14.57
C LEU C 98 -0.07 -0.51 -15.23
N CYS C 99 0.65 -1.62 -15.29
CA CYS C 99 2.01 -1.70 -15.88
C CYS C 99 1.93 -1.98 -17.36
N MET C 100 0.74 -2.06 -17.95
CA MET C 100 0.65 -2.22 -19.43
C MET C 100 0.97 -0.88 -20.06
N PRO C 101 1.81 -0.83 -21.10
CA PRO C 101 2.21 0.45 -21.68
C PRO C 101 1.09 1.06 -22.53
N LEU C 102 0.92 2.37 -22.41
CA LEU C 102 0.00 3.14 -23.28
C LEU C 102 0.78 4.33 -23.83
N PRO C 103 0.52 4.75 -25.08
CA PRO C 103 1.19 5.91 -25.65
C PRO C 103 0.59 7.30 -25.37
N ASP C 104 -0.37 7.38 -24.45
CA ASP C 104 -1.19 8.57 -24.23
C ASP C 104 -0.29 9.74 -23.80
N ALA C 105 0.57 9.55 -22.80
CA ALA C 105 1.51 10.64 -22.38
C ALA C 105 2.45 10.96 -23.52
N LEU C 106 2.92 9.91 -24.18
CA LEU C 106 3.86 10.12 -25.31
C LEU C 106 3.13 10.84 -26.43
N MET C 107 1.87 10.55 -26.70
CA MET C 107 1.24 11.15 -27.89
C MET C 107 0.96 12.61 -27.62
N CYS C 108 0.64 12.94 -26.39
CA CYS C 108 0.43 14.36 -26.01
C CYS C 108 1.74 15.10 -26.20
N VAL C 109 2.83 14.51 -25.68
CA VAL C 109 4.18 15.12 -25.77
C VAL C 109 4.68 15.20 -27.22
N VAL C 110 4.43 14.19 -28.05
CA VAL C 110 4.95 14.17 -29.44
C VAL C 110 4.14 15.14 -30.28
N ALA C 111 2.83 15.24 -30.06
CA ALA C 111 1.99 16.20 -30.83
C ALA C 111 2.41 17.62 -30.42
N GLY C 112 2.83 17.79 -29.17
CA GLY C 112 3.21 19.09 -28.62
C GLY C 112 4.64 19.47 -28.90
N THR C 113 5.50 18.53 -29.25
CA THR C 113 6.97 18.80 -29.24
C THR C 113 7.59 18.48 -30.59
N VAL C 114 7.25 17.39 -31.26
CA VAL C 114 7.87 17.04 -32.56
C VAL C 114 7.08 17.69 -33.69
N HIS C 115 7.66 18.69 -34.33
CA HIS C 115 6.91 19.65 -35.16
C HIS C 115 7.16 19.42 -36.64
N GLY C 116 6.32 20.02 -37.48
CA GLY C 116 6.43 20.01 -38.93
C GLY C 116 5.14 19.54 -39.55
N ARG C 117 4.58 20.31 -40.47
CA ARG C 117 3.36 19.87 -41.21
C ARG C 117 3.76 19.01 -42.41
N ASP C 118 5.02 19.02 -42.79
CA ASP C 118 5.52 18.37 -44.02
C ASP C 118 5.62 16.87 -43.79
N ASP C 119 6.03 16.12 -44.80
CA ASP C 119 6.06 14.64 -44.73
C ASP C 119 7.11 14.21 -43.72
N ARG C 120 8.21 14.97 -43.58
CA ARG C 120 9.27 14.56 -42.64
C ARG C 120 8.77 14.61 -41.21
N GLY C 121 8.05 15.67 -40.85
CA GLY C 121 7.49 15.83 -39.51
C GLY C 121 6.48 14.76 -39.23
N ARG C 122 5.63 14.47 -40.21
CA ARG C 122 4.69 13.33 -40.07
C ARG C 122 5.51 12.05 -39.84
N LEU C 123 6.56 11.81 -40.66
CA LEU C 123 7.41 10.61 -40.48
C LEU C 123 7.93 10.56 -39.05
N TYR C 124 8.52 11.63 -38.55
CA TYR C 124 9.13 11.64 -37.20
C TYR C 124 8.07 11.32 -36.14
N ARG C 125 6.93 11.99 -36.19
CA ARG C 125 5.91 11.79 -35.15
C ARG C 125 5.38 10.37 -35.22
N ARG C 126 5.00 9.95 -36.44
CA ARG C 126 4.41 8.61 -36.64
C ARG C 126 5.45 7.54 -36.27
N THR C 127 6.73 7.80 -36.56
CA THR C 127 7.79 6.80 -36.29
C THR C 127 8.04 6.68 -34.80
N LEU C 128 8.02 7.81 -34.07
CA LEU C 128 8.20 7.76 -32.59
C LEU C 128 7.09 6.94 -31.90
N MET C 129 5.84 7.16 -32.31
CA MET C 129 4.71 6.38 -31.74
C MET C 129 4.77 4.92 -32.22
N ARG C 130 5.28 4.68 -33.44
CA ARG C 130 5.25 3.32 -33.99
C ARG C 130 6.29 2.60 -33.16
N TYR C 131 7.41 3.24 -32.84
CA TYR C 131 8.45 2.63 -31.97
C TYR C 131 7.80 2.28 -30.64
N ALA C 132 7.05 3.19 -30.05
CA ALA C 132 6.41 2.94 -28.74
C ALA C 132 5.45 1.76 -28.88
N GLY C 133 4.59 1.78 -29.89
CA GLY C 133 3.65 0.69 -30.15
C GLY C 133 4.37 -0.63 -30.41
N LEU C 134 5.53 -0.57 -31.06
CA LEU C 134 6.33 -1.80 -31.41
C LEU C 134 6.94 -2.36 -30.17
N SER C 135 7.44 -1.51 -29.28
CA SER C 135 7.98 -1.97 -27.98
C SER C 135 6.85 -2.65 -27.19
N ALA C 136 5.67 -2.06 -27.20
CA ALA C 136 4.52 -2.62 -26.51
C ALA C 136 4.17 -3.98 -27.14
N VAL C 137 4.16 -4.06 -28.45
CA VAL C 137 3.75 -5.32 -29.13
C VAL C 137 4.77 -6.41 -28.83
N LEU C 138 6.06 -6.07 -28.79
CA LEU C 138 7.08 -7.10 -28.57
C LEU C 138 6.91 -7.63 -27.15
N ILE C 139 6.77 -6.74 -26.19
CA ILE C 139 6.67 -7.24 -24.79
C ILE C 139 5.36 -8.01 -24.63
N LEU C 140 4.29 -7.59 -25.29
CA LEU C 140 2.98 -8.27 -25.11
C LEU C 140 3.05 -9.65 -25.75
N ARG C 141 3.58 -9.77 -26.96
CA ARG C 141 3.73 -11.09 -27.57
C ARG C 141 4.69 -11.94 -26.74
N SER C 142 5.53 -11.33 -25.92
CA SER C 142 6.39 -12.09 -24.99
C SER C 142 5.56 -12.58 -23.79
N VAL C 143 4.57 -11.84 -23.37
CA VAL C 143 3.92 -12.09 -22.05
C VAL C 143 2.48 -12.51 -22.24
N SER C 144 1.89 -12.20 -23.38
CA SER C 144 0.47 -12.48 -23.67
C SER C 144 0.37 -13.68 -24.60
N THR C 145 -0.49 -14.63 -24.29
CA THR C 145 -0.74 -15.79 -25.19
C THR C 145 -1.54 -15.33 -26.42
N ALA C 146 -2.53 -14.48 -26.18
CA ALA C 146 -3.44 -13.97 -27.20
C ALA C 146 -2.70 -13.12 -28.25
N VAL C 147 -1.72 -12.33 -27.82
CA VAL C 147 -0.89 -11.50 -28.75
C VAL C 147 0.13 -12.42 -29.43
N PHE C 148 0.63 -13.46 -28.74
CA PHE C 148 1.54 -14.42 -29.39
C PHE C 148 0.81 -15.15 -30.53
N LYS C 149 -0.43 -15.55 -30.32
CA LYS C 149 -1.22 -16.22 -31.38
C LYS C 149 -1.51 -15.24 -32.50
N ARG C 150 -1.55 -13.95 -32.18
CA ARG C 150 -1.72 -12.93 -33.22
C ARG C 150 -0.38 -12.70 -33.93
N PHE C 151 0.73 -12.72 -33.19
CA PHE C 151 2.07 -12.40 -33.76
C PHE C 151 3.01 -13.54 -33.44
N PRO C 152 2.79 -14.73 -34.03
CA PRO C 152 3.62 -15.88 -33.71
C PRO C 152 5.08 -15.69 -34.15
N THR C 153 5.33 -14.84 -35.12
CA THR C 153 6.69 -14.58 -35.61
C THR C 153 6.92 -13.06 -35.71
N ILE C 154 8.17 -12.64 -35.78
CA ILE C 154 8.49 -11.22 -36.07
C ILE C 154 7.98 -10.89 -37.46
N ASP C 155 7.91 -11.86 -38.37
CA ASP C 155 7.34 -11.62 -39.72
C ASP C 155 5.92 -11.12 -39.56
N HIS C 156 5.19 -11.63 -38.57
CA HIS C 156 3.78 -11.21 -38.35
C HIS C 156 3.73 -9.76 -37.87
N VAL C 157 4.67 -9.37 -37.04
CA VAL C 157 4.77 -7.97 -36.58
C VAL C 157 5.13 -7.09 -37.78
N VAL C 158 5.99 -7.56 -38.67
CA VAL C 158 6.41 -6.77 -39.85
C VAL C 158 5.20 -6.61 -40.78
N GLU C 159 4.42 -7.67 -40.99
CA GLU C 159 3.24 -7.61 -41.88
C GLU C 159 2.17 -6.72 -41.25
N ALA C 160 2.12 -6.64 -39.93
CA ALA C 160 1.08 -5.83 -39.25
C ALA C 160 1.40 -4.34 -39.30
N GLY C 161 2.57 -3.93 -39.79
CA GLY C 161 2.92 -2.51 -39.95
C GLY C 161 3.64 -1.93 -38.76
N PHE C 162 3.82 -2.69 -37.67
CA PHE C 162 4.51 -2.21 -36.46
C PHE C 162 6.01 -2.09 -36.74
N MET C 163 6.59 -2.98 -37.55
CA MET C 163 8.04 -2.95 -37.81
C MET C 163 8.24 -2.98 -39.30
N THR C 164 9.13 -2.14 -39.79
CA THR C 164 9.47 -2.15 -41.24
C THR C 164 10.42 -3.31 -41.53
N ARG C 165 10.62 -3.62 -42.80
CA ARG C 165 11.60 -4.66 -43.19
C ARG C 165 13.01 -4.19 -42.80
N GLU C 166 13.31 -2.93 -42.99
CA GLU C 166 14.65 -2.43 -42.64
C GLU C 166 14.85 -2.54 -41.14
N GLU C 167 13.81 -2.19 -40.40
CA GLU C 167 13.88 -2.24 -38.92
C GLU C 167 13.99 -3.69 -38.52
N ARG C 168 13.39 -4.61 -39.27
CA ARG C 168 13.47 -6.06 -38.96
C ARG C 168 14.91 -6.50 -39.15
N LYS C 169 15.59 -6.02 -40.20
CA LYS C 169 16.99 -6.41 -40.48
C LYS C 169 17.85 -5.91 -39.32
N LYS C 170 17.65 -4.66 -38.90
CA LYS C 170 18.43 -4.06 -37.78
C LYS C 170 18.14 -4.83 -36.51
N PHE C 171 16.89 -5.19 -36.29
CA PHE C 171 16.44 -5.86 -35.05
C PHE C 171 16.99 -7.26 -34.99
N GLU C 172 17.08 -7.97 -36.09
CA GLU C 172 17.63 -9.34 -36.08
C GLU C 172 19.15 -9.30 -36.03
N ASN C 173 19.75 -8.27 -36.58
CA ASN C 173 21.22 -8.23 -36.67
C ASN C 173 21.80 -7.91 -35.30
N LEU C 174 20.99 -7.53 -34.30
CA LEU C 174 21.49 -7.29 -32.93
C LEU C 174 21.92 -8.62 -32.34
N ASN C 175 23.16 -8.68 -31.87
CA ASN C 175 23.65 -9.94 -31.27
C ASN C 175 23.25 -9.85 -29.81
N SER C 176 22.00 -10.16 -29.52
CA SER C 176 21.49 -10.27 -28.15
C SER C 176 20.71 -11.58 -28.01
N SER C 177 20.99 -12.31 -26.96
CA SER C 177 20.26 -13.55 -26.62
C SER C 177 19.15 -13.23 -25.65
N TYR C 178 19.00 -11.95 -25.27
CA TYR C 178 17.93 -11.53 -24.32
C TYR C 178 16.79 -10.89 -25.09
N ASN C 179 15.58 -10.92 -24.49
CA ASN C 179 14.34 -10.36 -25.13
C ASN C 179 14.63 -8.91 -25.57
N LYS C 180 14.26 -8.58 -26.80
CA LYS C 180 14.67 -7.31 -27.43
C LYS C 180 13.52 -6.30 -27.42
N TYR C 181 12.56 -6.45 -26.52
CA TYR C 181 11.45 -5.47 -26.40
C TYR C 181 12.01 -4.05 -26.20
N TRP C 182 13.17 -3.89 -25.58
CA TRP C 182 13.79 -2.56 -25.30
C TRP C 182 14.32 -1.92 -26.57
N VAL C 183 14.43 -2.67 -27.67
CA VAL C 183 15.14 -2.13 -28.88
C VAL C 183 14.42 -0.95 -29.48
N PRO C 184 13.10 -1.00 -29.70
CA PRO C 184 12.42 0.19 -30.19
C PRO C 184 12.59 1.39 -29.25
N CYS C 185 12.73 1.18 -27.96
CA CYS C 185 12.85 2.29 -26.99
C CYS C 185 14.20 2.98 -27.20
N VAL C 186 15.26 2.23 -27.47
CA VAL C 186 16.56 2.86 -27.78
C VAL C 186 16.47 3.52 -29.15
N TRP C 187 15.71 2.96 -30.09
CA TRP C 187 15.47 3.64 -31.38
C TRP C 187 14.71 4.95 -31.13
N PHE C 188 13.78 4.95 -30.21
CA PHE C 188 12.98 6.14 -29.91
C PHE C 188 13.89 7.18 -29.32
N SER C 189 14.75 6.79 -28.39
CA SER C 189 15.74 7.72 -27.78
C SER C 189 16.57 8.33 -28.91
N ASN C 190 17.16 7.49 -29.75
CA ASN C 190 18.03 8.01 -30.84
C ASN C 190 17.25 8.90 -31.80
N LEU C 191 16.02 8.56 -32.12
CA LEU C 191 15.29 9.35 -33.13
C LEU C 191 14.91 10.67 -32.49
N ALA C 192 14.55 10.68 -31.20
CA ALA C 192 14.16 11.94 -30.54
C ALA C 192 15.40 12.83 -30.50
N ALA C 193 16.57 12.24 -30.24
CA ALA C 193 17.81 13.02 -30.28
C ALA C 193 18.00 13.62 -31.67
N GLN C 194 17.76 12.85 -32.72
CA GLN C 194 18.00 13.27 -34.12
C GLN C 194 17.01 14.39 -34.44
N ALA C 195 15.78 14.25 -33.98
CA ALA C 195 14.72 15.26 -34.22
C ALA C 195 15.18 16.55 -33.57
N ARG C 196 15.66 16.48 -32.32
CA ARG C 196 16.12 17.67 -31.59
C ARG C 196 17.33 18.27 -32.30
N ARG C 197 18.22 17.46 -32.85
CA ARG C 197 19.39 17.99 -33.63
C ARG C 197 18.93 18.66 -34.92
N GLU C 198 17.92 18.14 -35.59
CA GLU C 198 17.40 18.73 -36.85
C GLU C 198 16.50 19.93 -36.56
N GLY C 199 16.18 20.18 -35.30
CA GLY C 199 15.36 21.31 -34.86
C GLY C 199 13.87 21.01 -34.93
N ARG C 200 13.51 19.77 -35.21
CA ARG C 200 12.09 19.36 -35.22
C ARG C 200 11.56 19.44 -33.80
N ILE C 201 12.35 19.07 -32.80
CA ILE C 201 12.03 19.44 -31.40
C ILE C 201 12.67 20.80 -31.09
N ARG C 202 11.87 21.80 -30.76
CA ARG C 202 12.33 23.20 -30.81
C ARG C 202 13.16 23.56 -29.57
N ASP C 203 13.16 22.74 -28.54
CA ASP C 203 13.85 23.10 -27.27
C ASP C 203 14.33 21.85 -26.54
N ASN C 204 15.35 21.99 -25.74
CA ASN C 204 16.06 20.89 -25.03
C ASN C 204 15.20 20.31 -23.91
N SER C 205 14.34 21.13 -23.34
CA SER C 205 13.40 20.71 -22.29
C SER C 205 12.34 19.80 -22.92
N ALA C 206 11.93 20.08 -24.17
CA ALA C 206 10.95 19.21 -24.86
C ALA C 206 11.57 17.86 -25.16
N LEU C 207 12.86 17.86 -25.52
CA LEU C 207 13.54 16.58 -25.71
C LEU C 207 13.57 15.82 -24.38
N LYS C 208 13.82 16.54 -23.28
CA LYS C 208 13.90 15.93 -21.93
C LYS C 208 12.54 15.36 -21.61
N LEU C 209 11.48 16.06 -21.98
CA LEU C 209 10.08 15.62 -21.71
C LEU C 209 9.79 14.35 -22.48
N LEU C 210 10.21 14.30 -23.76
CA LEU C 210 10.02 13.08 -24.58
C LEU C 210 10.77 11.94 -23.91
N LEU C 211 12.00 12.16 -23.48
CA LEU C 211 12.81 11.04 -22.96
C LEU C 211 12.23 10.58 -21.63
N GLU C 212 11.67 11.50 -20.84
CA GLU C 212 11.03 11.14 -19.55
C GLU C 212 9.84 10.25 -19.81
N GLU C 213 9.04 10.64 -20.80
CA GLU C 213 7.80 9.89 -21.13
C GLU C 213 8.16 8.55 -21.76
N LEU C 214 9.21 8.53 -22.56
CA LEU C 214 9.75 7.26 -23.14
C LEU C 214 10.18 6.37 -21.98
N ASN C 215 10.83 6.94 -20.98
CA ASN C 215 11.37 6.11 -19.89
C ASN C 215 10.21 5.50 -19.12
N VAL C 216 9.13 6.27 -18.98
CA VAL C 216 7.95 5.72 -18.26
C VAL C 216 7.37 4.55 -19.06
N PHE C 217 7.27 4.75 -20.37
CA PHE C 217 6.70 3.74 -21.29
C PHE C 217 7.56 2.47 -21.21
N ARG C 218 8.87 2.66 -21.32
CA ARG C 218 9.82 1.53 -21.36
C ARG C 218 9.75 0.82 -20.00
N GLY C 219 9.61 1.58 -18.92
CA GLY C 219 9.47 1.02 -17.58
C GLY C 219 8.27 0.11 -17.49
N LYS C 220 7.17 0.53 -18.08
CA LYS C 220 5.95 -0.28 -18.09
C LYS C 220 6.20 -1.58 -18.85
N CYS C 221 6.85 -1.52 -20.00
CA CYS C 221 7.16 -2.72 -20.80
C CYS C 221 8.06 -3.65 -20.00
N GLY C 222 9.10 -3.12 -19.38
CA GLY C 222 9.98 -3.94 -18.53
C GLY C 222 9.25 -4.54 -17.35
N MET C 223 8.30 -3.80 -16.80
CA MET C 223 7.55 -4.26 -15.62
C MET C 223 6.69 -5.43 -16.05
N LEU C 224 6.17 -5.37 -17.27
CA LEU C 224 5.36 -6.48 -17.79
C LEU C 224 6.26 -7.70 -17.84
N PHE C 225 7.48 -7.51 -18.32
CA PHE C 225 8.46 -8.62 -18.45
C PHE C 225 8.74 -9.20 -17.06
N HIS C 226 8.91 -8.36 -16.05
CA HIS C 226 9.31 -8.81 -14.69
C HIS C 226 8.15 -9.55 -14.04
N TYR C 227 6.93 -9.09 -14.26
CA TYR C 227 5.75 -9.75 -13.69
C TYR C 227 5.58 -11.10 -14.36
N ASP C 228 5.92 -11.18 -15.65
CA ASP C 228 5.81 -12.46 -16.40
C ASP C 228 6.84 -13.45 -15.85
N TRP C 229 8.04 -12.98 -15.66
CA TRP C 229 9.16 -13.85 -15.27
C TRP C 229 9.04 -14.22 -13.81
N ILE C 230 8.84 -13.24 -12.94
CA ILE C 230 8.82 -13.47 -11.47
C ILE C 230 7.37 -13.79 -11.10
N SER C 231 7.03 -15.07 -11.20
CA SER C 231 5.69 -15.60 -10.84
C SER C 231 5.46 -15.41 -9.35
N VAL C 232 4.19 -15.45 -8.93
CA VAL C 232 3.86 -15.59 -7.47
C VAL C 232 4.50 -16.89 -7.04
N PRO C 233 5.31 -16.92 -5.97
CA PRO C 233 6.16 -18.07 -5.70
C PRO C 233 5.40 -19.40 -5.75
N LEU C 234 6.01 -20.37 -6.39
CA LEU C 234 5.33 -21.63 -6.69
C LEU C 234 5.09 -22.36 -5.38
N VAL C 235 5.97 -22.18 -4.39
CA VAL C 235 5.73 -22.81 -3.05
C VAL C 235 4.44 -22.22 -2.47
N TYR C 236 4.27 -20.90 -2.58
CA TYR C 236 3.07 -20.24 -1.99
C TYR C 236 1.81 -20.75 -2.68
N THR C 237 1.87 -20.92 -4.00
CA THR C 237 0.70 -21.41 -4.77
C THR C 237 0.41 -22.85 -4.34
N GLN C 238 1.42 -23.72 -4.39
CA GLN C 238 1.24 -25.16 -4.01
C GLN C 238 0.66 -25.22 -2.60
N VAL C 239 1.09 -24.35 -1.69
CA VAL C 239 0.56 -24.32 -0.31
C VAL C 239 -0.94 -24.07 -0.32
N VAL C 240 -1.42 -23.12 -1.09
CA VAL C 240 -2.87 -22.77 -1.05
CA VAL C 240 -2.86 -22.76 -1.06
C VAL C 240 -3.65 -23.85 -1.79
N THR C 241 -3.08 -24.42 -2.85
CA THR C 241 -3.80 -25.47 -3.59
C THR C 241 -3.92 -26.67 -2.68
N ILE C 242 -2.85 -27.00 -1.99
CA ILE C 242 -2.85 -28.18 -1.07
C ILE C 242 -3.80 -27.92 0.10
N ALA C 243 -3.85 -26.70 0.59
CA ALA C 243 -4.79 -26.33 1.67
C ALA C 243 -6.20 -26.63 1.19
N LEU C 244 -6.53 -26.13 0.02
CA LEU C 244 -7.93 -26.20 -0.43
C LEU C 244 -8.29 -27.65 -0.69
N TYR C 245 -7.35 -28.40 -1.25
CA TYR C 245 -7.62 -29.79 -1.65
C TYR C 245 -7.72 -30.64 -0.38
N SER C 246 -6.92 -30.34 0.65
CA SER C 246 -6.99 -31.05 1.97
C SER C 246 -8.38 -30.82 2.59
N TYR C 247 -8.85 -29.59 2.56
CA TYR C 247 -10.18 -29.26 3.07
C TYR C 247 -11.22 -30.01 2.26
N PHE C 248 -11.07 -30.09 0.95
CA PHE C 248 -12.11 -30.71 0.10
C PHE C 248 -12.04 -32.21 0.27
N LEU C 249 -10.89 -32.81 0.57
CA LEU C 249 -10.85 -34.27 0.83
C LEU C 249 -11.53 -34.55 2.16
N ALA C 250 -11.28 -33.70 3.16
CA ALA C 250 -11.93 -33.87 4.47
C ALA C 250 -13.45 -33.67 4.27
N CYS C 251 -13.89 -32.75 3.43
CA CYS C 251 -15.33 -32.50 3.18
C CYS C 251 -15.89 -33.60 2.29
N LEU C 252 -15.04 -34.27 1.52
CA LEU C 252 -15.53 -35.27 0.56
C LEU C 252 -15.81 -36.52 1.35
N ILE C 253 -15.06 -36.77 2.41
CA ILE C 253 -15.31 -37.99 3.24
C ILE C 253 -16.23 -37.63 4.42
N GLY C 254 -16.00 -36.52 5.09
CA GLY C 254 -16.71 -36.22 6.35
C GLY C 254 -18.11 -35.71 6.15
N ARG C 255 -18.42 -35.22 4.96
CA ARG C 255 -19.78 -34.69 4.67
C ARG C 255 -20.64 -35.79 4.04
N GLN C 256 -20.16 -37.04 4.06
CA GLN C 256 -20.96 -38.16 3.57
C GLN C 256 -22.13 -38.38 4.50
N PHE C 257 -23.31 -38.55 3.97
CA PHE C 257 -24.52 -38.67 4.83
C PHE C 257 -24.55 -40.09 5.36
N LEU C 258 -24.59 -40.22 6.67
CA LEU C 258 -24.62 -41.55 7.32
C LEU C 258 -26.08 -41.93 7.52
N ASP C 259 -26.32 -43.22 7.78
CA ASP C 259 -27.66 -43.78 8.09
C ASP C 259 -28.14 -43.12 9.37
N PRO C 260 -29.32 -42.47 9.39
CA PRO C 260 -29.90 -42.04 10.65
C PRO C 260 -30.19 -43.22 11.59
N ALA C 261 -30.35 -44.42 11.03
CA ALA C 261 -30.56 -45.69 11.76
C ALA C 261 -29.48 -45.89 12.81
N GLN C 262 -28.23 -45.63 12.46
CA GLN C 262 -27.07 -45.88 13.34
C GLN C 262 -27.11 -44.91 14.53
N GLY C 263 -27.84 -43.80 14.40
CA GLY C 263 -28.06 -42.85 15.50
C GLY C 263 -26.79 -42.16 15.89
N TYR C 264 -25.94 -41.86 14.91
CA TYR C 264 -24.71 -41.07 15.16
C TYR C 264 -25.15 -39.64 15.46
N LYS C 265 -24.49 -39.01 16.43
CA LYS C 265 -24.75 -37.59 16.76
C LYS C 265 -24.42 -36.77 15.51
N ASP C 266 -25.23 -35.75 15.22
CA ASP C 266 -24.93 -34.79 14.12
C ASP C 266 -25.24 -35.45 12.76
N HIS C 267 -25.57 -36.74 12.74
CA HIS C 267 -25.90 -37.49 11.49
C HIS C 267 -27.24 -38.18 11.73
N ASP C 268 -28.34 -37.45 11.59
CA ASP C 268 -29.70 -37.95 11.85
C ASP C 268 -30.65 -37.60 10.71
N LEU C 269 -30.16 -36.92 9.69
CA LEU C 269 -30.94 -36.54 8.49
C LEU C 269 -30.10 -36.86 7.27
N ASP C 270 -30.74 -37.45 6.27
CA ASP C 270 -30.05 -37.89 5.03
C ASP C 270 -30.68 -37.19 3.85
N LEU C 271 -30.03 -36.15 3.34
CA LEU C 271 -30.53 -35.33 2.23
C LEU C 271 -30.08 -35.90 0.89
N CYS C 272 -29.09 -36.80 0.90
CA CYS C 272 -28.63 -37.56 -0.28
C CYS C 272 -27.79 -36.62 -1.14
N VAL C 273 -27.86 -35.30 -0.95
CA VAL C 273 -27.02 -34.33 -1.70
C VAL C 273 -26.63 -33.23 -0.73
N PRO C 274 -25.30 -33.00 -0.55
CA PRO C 274 -24.82 -32.01 0.43
C PRO C 274 -24.88 -30.60 -0.18
N ILE C 275 -26.08 -30.02 -0.15
CA ILE C 275 -26.37 -28.67 -0.66
C ILE C 275 -25.34 -27.70 -0.09
N PHE C 276 -25.15 -27.74 1.23
CA PHE C 276 -24.36 -26.70 1.92
C PHE C 276 -22.89 -27.00 1.68
N THR C 277 -22.52 -28.27 1.65
CA THR C 277 -21.12 -28.67 1.35
C THR C 277 -20.80 -28.32 -0.09
N LEU C 278 -21.72 -28.53 -1.04
CA LEU C 278 -21.50 -28.11 -2.45
C LEU C 278 -21.39 -26.60 -2.51
N LEU C 279 -22.18 -25.85 -1.74
CA LEU C 279 -22.06 -24.36 -1.74
C LEU C 279 -20.72 -23.97 -1.13
N GLN C 280 -20.24 -24.64 -0.08
CA GLN C 280 -18.93 -24.31 0.52
C GLN C 280 -17.88 -24.60 -0.54
N PHE C 281 -18.00 -25.73 -1.24
CA PHE C 281 -17.03 -26.10 -2.27
C PHE C 281 -17.03 -25.02 -3.33
N PHE C 282 -18.21 -24.61 -3.75
CA PHE C 282 -18.39 -23.59 -4.81
C PHE C 282 -17.77 -22.26 -4.38
N PHE C 283 -18.07 -21.81 -3.16
CA PHE C 283 -17.45 -20.63 -2.50
C PHE C 283 -15.93 -20.73 -2.47
N TYR C 284 -15.36 -21.74 -1.84
CA TYR C 284 -13.89 -21.82 -1.64
C TYR C 284 -13.17 -22.08 -2.95
N ALA C 285 -13.70 -22.96 -3.80
CA ALA C 285 -13.04 -23.25 -5.09
C ALA C 285 -13.15 -22.03 -5.99
N GLY C 286 -14.25 -21.28 -5.92
CA GLY C 286 -14.38 -20.02 -6.70
C GLY C 286 -13.39 -19.02 -6.19
N TRP C 287 -13.18 -18.98 -4.89
CA TRP C 287 -12.22 -18.04 -4.29
C TRP C 287 -10.84 -18.37 -4.84
N LEU C 288 -10.49 -19.64 -4.95
CA LEU C 288 -9.17 -19.99 -5.50
C LEU C 288 -9.19 -19.75 -7.01
N LYS C 289 -10.33 -19.95 -7.67
CA LYS C 289 -10.45 -19.71 -9.14
C LYS C 289 -10.27 -18.22 -9.46
N VAL C 290 -10.57 -17.34 -8.54
CA VAL C 290 -10.24 -15.91 -8.71
C VAL C 290 -8.74 -15.80 -8.93
N ALA C 291 -7.94 -16.41 -8.05
CA ALA C 291 -6.45 -16.36 -8.18
C ALA C 291 -6.06 -17.06 -9.48
N GLU C 292 -6.69 -18.16 -9.80
CA GLU C 292 -6.32 -18.96 -10.98
C GLU C 292 -6.52 -18.12 -12.23
N GLN C 293 -7.63 -17.40 -12.31
CA GLN C 293 -7.91 -16.54 -13.48
C GLN C 293 -6.97 -15.31 -13.48
N LEU C 294 -6.72 -14.74 -12.31
CA LEU C 294 -5.96 -13.49 -12.24
C LEU C 294 -4.45 -13.72 -12.14
N ILE C 295 -3.98 -14.95 -11.99
CA ILE C 295 -2.52 -15.18 -11.72
C ILE C 295 -1.69 -14.84 -12.94
N ASN C 296 -2.22 -15.12 -14.11
CA ASN C 296 -1.62 -14.66 -15.40
C ASN C 296 -2.74 -13.95 -16.15
N PRO C 297 -2.85 -12.63 -16.03
CA PRO C 297 -3.94 -11.91 -16.65
C PRO C 297 -3.79 -11.67 -18.14
N PHE C 298 -2.76 -12.23 -18.73
CA PHE C 298 -2.54 -11.93 -20.16
C PHE C 298 -2.78 -13.21 -20.91
N GLY C 299 -3.47 -14.16 -20.31
CA GLY C 299 -3.90 -15.36 -21.04
C GLY C 299 -5.07 -15.00 -21.93
N GLU C 300 -5.94 -15.95 -22.16
CA GLU C 300 -7.09 -15.79 -23.07
C GLU C 300 -8.31 -16.25 -22.30
N ASP C 301 -8.48 -15.70 -21.10
CA ASP C 301 -9.66 -16.07 -20.27
C ASP C 301 -10.81 -15.15 -20.67
N ASP C 302 -11.60 -14.72 -19.69
CA ASP C 302 -12.72 -13.79 -19.93
C ASP C 302 -12.46 -12.56 -19.10
N ASP C 303 -11.82 -12.71 -17.95
CA ASP C 303 -11.38 -11.57 -17.15
C ASP C 303 -9.93 -11.24 -17.43
N ASP C 304 -9.28 -12.07 -18.25
CA ASP C 304 -7.90 -11.77 -18.68
C ASP C 304 -7.97 -10.46 -19.47
N PHE C 305 -6.87 -9.71 -19.49
CA PHE C 305 -6.85 -8.38 -20.13
C PHE C 305 -7.06 -8.54 -21.62
N GLU C 306 -7.74 -7.59 -22.24
CA GLU C 306 -7.97 -7.62 -23.70
C GLU C 306 -6.75 -6.94 -24.32
N THR C 307 -5.68 -7.69 -24.56
CA THR C 307 -4.39 -7.10 -24.95
C THR C 307 -4.39 -6.81 -26.44
N ASN C 308 -5.25 -7.48 -27.20
CA ASN C 308 -5.24 -7.31 -28.66
C ASN C 308 -6.10 -6.06 -28.97
N PHE C 309 -7.17 -5.84 -28.21
CA PHE C 309 -8.00 -4.64 -28.32
C PHE C 309 -7.15 -3.43 -27.96
N LEU C 310 -6.35 -3.55 -26.89
CA LEU C 310 -5.53 -2.40 -26.43
C LEU C 310 -4.47 -2.12 -27.46
N ILE C 311 -3.88 -3.15 -28.07
CA ILE C 311 -2.86 -2.95 -29.15
C ILE C 311 -3.48 -2.14 -30.28
N ASP C 312 -4.65 -2.55 -30.75
CA ASP C 312 -5.33 -1.89 -31.89
C ASP C 312 -5.73 -0.46 -31.51
N ARG C 313 -6.27 -0.27 -30.32
CA ARG C 313 -6.70 1.07 -29.89
C ARG C 313 -5.48 1.95 -29.80
N ASN C 314 -4.43 1.46 -29.13
CA ASN C 314 -3.25 2.29 -28.85
C ASN C 314 -2.64 2.74 -30.17
N PHE C 315 -2.55 1.82 -31.13
CA PHE C 315 -1.94 2.15 -32.43
C PHE C 315 -2.76 3.23 -33.11
N GLN C 316 -4.06 3.00 -33.27
CA GLN C 316 -4.97 3.89 -34.05
C GLN C 316 -4.97 5.26 -33.41
N VAL C 317 -5.10 5.29 -32.09
CA VAL C 317 -5.25 6.57 -31.37
C VAL C 317 -3.95 7.34 -31.46
N SER C 318 -2.83 6.66 -31.23
CA SER C 318 -1.50 7.35 -31.26
C SER C 318 -1.30 7.97 -32.63
N MET C 319 -1.56 7.18 -33.68
CA MET C 319 -1.40 7.69 -35.05
C MET C 319 -2.33 8.88 -35.33
N LEU C 320 -3.57 8.82 -34.87
CA LEU C 320 -4.48 9.99 -34.99
C LEU C 320 -3.83 11.18 -34.28
N ALA C 321 -3.33 10.97 -33.07
CA ALA C 321 -2.94 12.07 -32.20
C ALA C 321 -1.76 12.78 -32.84
N VAL C 322 -0.83 12.04 -33.42
CA VAL C 322 0.42 12.70 -33.92
C VAL C 322 0.31 13.04 -35.41
N ASP C 323 -0.63 12.46 -36.15
CA ASP C 323 -0.64 12.73 -37.61
C ASP C 323 -1.82 13.59 -37.98
N GLU C 324 -3.06 13.19 -37.66
CA GLU C 324 -4.27 13.91 -38.15
C GLU C 324 -4.53 15.10 -37.24
N MET C 325 -4.21 15.01 -35.95
CA MET C 325 -4.59 16.11 -35.02
C MET C 325 -3.39 17.02 -34.70
N TYR C 326 -2.27 16.87 -35.40
CA TYR C 326 -1.15 17.78 -35.17
C TYR C 326 -1.50 19.13 -35.77
N ASP C 327 -1.43 20.19 -34.95
CA ASP C 327 -1.52 21.60 -35.35
C ASP C 327 -2.82 21.76 -36.11
N ASP C 328 -3.86 21.10 -35.61
CA ASP C 328 -5.20 21.07 -36.26
C ASP C 328 -6.21 21.53 -35.21
N LEU C 329 -5.99 22.74 -34.72
CA LEU C 329 -6.86 23.34 -33.69
C LEU C 329 -8.02 24.02 -34.42
N ALA C 330 -9.22 24.02 -33.85
CA ALA C 330 -10.27 24.98 -34.24
C ALA C 330 -9.79 26.38 -33.83
N VAL C 331 -10.19 27.42 -34.56
CA VAL C 331 -9.69 28.79 -34.32
C VAL C 331 -10.12 29.21 -32.89
N LEU C 332 -9.18 29.75 -32.10
CA LEU C 332 -9.49 30.31 -30.75
C LEU C 332 -10.69 31.26 -30.88
N GLU C 333 -11.85 30.85 -30.39
CA GLU C 333 -13.02 31.73 -30.33
C GLU C 333 -13.57 31.67 -28.90
N LYS C 334 -14.17 32.80 -28.51
CA LYS C 334 -14.72 33.02 -27.16
C LYS C 334 -15.75 31.92 -26.86
N ASP C 335 -15.61 31.30 -25.70
CA ASP C 335 -16.51 30.22 -25.25
C ASP C 335 -17.82 30.85 -24.80
N LEU C 336 -18.73 30.00 -24.35
CA LEU C 336 -20.12 30.39 -24.02
C LEU C 336 -20.12 31.32 -22.81
N TYR C 337 -19.16 31.15 -21.89
CA TYR C 337 -19.13 31.87 -20.59
C TYR C 337 -18.07 32.96 -20.62
N TRP C 338 -17.82 33.58 -21.76
CA TRP C 338 -16.77 34.63 -21.83
C TRP C 338 -17.16 35.84 -20.98
N ASP C 339 -18.41 36.29 -21.09
CA ASP C 339 -18.85 37.57 -20.48
C ASP C 339 -19.44 37.30 -19.10
N ALA C 340 -19.58 36.04 -18.67
CA ALA C 340 -20.23 35.66 -17.40
C ALA C 340 -19.16 35.52 -16.31
N ALA C 341 -19.31 36.27 -15.21
CA ALA C 341 -18.41 36.22 -14.03
C ALA C 341 -18.42 34.80 -13.44
N GLU C 342 -19.61 34.21 -13.30
CA GLU C 342 -19.77 32.79 -12.85
C GLU C 342 -19.91 31.90 -14.09
N ALA C 343 -19.80 30.60 -13.92
CA ALA C 343 -19.77 29.66 -15.07
C ALA C 343 -20.46 28.37 -14.68
N ARG C 344 -21.55 28.02 -15.37
CA ARG C 344 -22.33 26.81 -15.00
C ARG C 344 -23.10 26.32 -16.23
N ALA C 345 -22.77 25.11 -16.65
CA ALA C 345 -23.46 24.43 -17.76
C ALA C 345 -24.89 24.13 -17.34
N PRO C 346 -25.84 24.08 -18.29
CA PRO C 346 -27.20 23.68 -17.97
C PRO C 346 -27.27 22.21 -17.49
N TYR C 347 -28.29 21.93 -16.70
CA TYR C 347 -28.62 20.59 -16.17
C TYR C 347 -29.89 20.11 -16.88
N THR C 348 -29.96 18.80 -17.15
CA THR C 348 -31.13 18.14 -17.76
C THR C 348 -32.23 17.98 -16.72
N ALA C 349 -33.45 17.70 -17.17
CA ALA C 349 -34.62 17.42 -16.31
C ALA C 349 -34.32 16.20 -15.41
N ALA C 350 -33.60 15.20 -15.94
CA ALA C 350 -33.22 13.98 -15.20
C ALA C 350 -32.33 14.33 -14.00
N THR C 351 -31.34 15.20 -14.17
CA THR C 351 -30.32 15.49 -13.14
C THR C 351 -30.48 16.89 -12.55
N VAL C 352 -31.59 17.58 -12.83
CA VAL C 352 -31.82 18.94 -12.25
C VAL C 352 -32.01 18.80 -10.74
N PHE C 353 -32.41 17.61 -10.27
CA PHE C 353 -32.64 17.36 -8.81
C PHE C 353 -31.31 17.49 -8.06
N GLN C 354 -30.18 17.30 -8.74
CA GLN C 354 -28.87 17.34 -8.07
C GLN C 354 -28.64 18.79 -7.63
N LEU C 355 -29.13 19.75 -8.42
CA LEU C 355 -29.13 21.17 -7.99
C LEU C 355 -29.92 21.31 -6.68
N ARG C 356 -29.84 22.49 -6.06
CA ARG C 356 -30.56 22.90 -4.83
C ARG C 356 -30.10 22.08 -3.62
N GLN C 357 -29.24 21.07 -3.81
CA GLN C 357 -28.51 20.42 -2.70
C GLN C 357 -27.40 21.38 -2.29
N PRO C 358 -27.22 21.67 -0.97
CA PRO C 358 -26.20 22.62 -0.55
C PRO C 358 -24.79 22.29 -1.05
N SER C 359 -24.11 23.29 -1.60
CA SER C 359 -22.72 23.19 -2.10
C SER C 359 -21.79 23.02 -0.89
N PHE C 360 -20.99 21.96 -0.89
CA PHE C 360 -20.08 21.64 0.23
C PHE C 360 -18.97 22.70 0.29
N GLN C 361 -18.75 23.27 1.46
CA GLN C 361 -17.68 24.28 1.68
C GLN C 361 -16.59 23.75 2.62
N GLY C 362 -16.92 22.78 3.48
CA GLY C 362 -16.05 22.28 4.56
C GLY C 362 -16.88 21.87 5.77
N SER C 363 -16.35 20.99 6.61
CA SER C 363 -17.05 20.48 7.81
C SER C 363 -17.29 21.56 8.87
N THR C 364 -16.50 22.63 8.90
CA THR C 364 -16.46 23.59 10.04
C THR C 364 -17.42 24.76 9.84
N PHE C 365 -18.25 24.76 8.77
CA PHE C 365 -19.03 25.96 8.40
C PHE C 365 -20.45 25.89 8.98
N ASP C 366 -20.65 25.15 10.07
CA ASP C 366 -21.96 25.07 10.76
C ASP C 366 -21.78 25.10 12.29
N ILE C 367 -20.61 25.57 12.77
CA ILE C 367 -20.26 25.45 14.21
C ILE C 367 -21.10 26.45 15.02
N THR C 368 -21.27 27.67 14.52
CA THR C 368 -22.12 28.73 15.15
C THR C 368 -21.61 29.02 16.57
N LEU C 369 -20.39 29.53 16.69
CA LEU C 369 -19.77 29.90 17.99
C LEU C 369 -20.56 31.03 18.66
N ALA C 370 -20.23 31.31 19.92
CA ALA C 370 -20.73 32.48 20.67
C ALA C 370 -19.91 33.72 20.33
N LYS C 371 -20.49 34.90 20.56
CA LYS C 371 -19.85 36.20 20.26
C LYS C 371 -18.56 36.35 21.09
N GLU C 372 -18.59 35.95 22.36
CA GLU C 372 -17.45 36.14 23.29
C GLU C 372 -16.29 35.23 22.87
N ASP C 373 -16.58 34.03 22.38
CA ASP C 373 -15.52 33.05 22.01
C ASP C 373 -14.85 33.44 20.70
N MET C 374 -15.47 34.32 19.91
CA MET C 374 -14.91 34.77 18.61
C MET C 374 -13.83 35.83 18.80
N GLN C 375 -13.76 36.49 19.97
CA GLN C 375 -12.79 37.59 20.21
C GLN C 375 -11.38 36.99 20.38
N PHE C 376 -10.39 37.55 19.65
CA PHE C 376 -8.96 37.24 19.84
C PHE C 376 -8.53 37.65 21.25
N GLN C 377 -7.49 36.97 21.76
CA GLN C 377 -6.89 37.21 23.10
C GLN C 377 -6.37 38.66 23.19
N THR D 2 -1.86 16.11 19.86
CA THR D 2 -1.28 14.81 19.63
C THR D 2 -0.67 14.39 20.95
N VAL D 3 -1.07 13.24 21.48
CA VAL D 3 -0.43 12.66 22.67
C VAL D 3 0.79 11.90 22.19
N THR D 4 1.97 12.50 22.30
CA THR D 4 3.25 11.89 21.87
C THR D 4 3.84 11.09 23.03
N TYR D 5 4.00 9.80 22.86
CA TYR D 5 4.63 8.94 23.90
C TYR D 5 5.82 8.21 23.27
N THR D 6 6.36 8.73 22.17
CA THR D 6 7.54 8.14 21.49
C THR D 6 8.72 7.95 22.46
N ALA D 7 8.93 8.83 23.43
CA ALA D 7 10.05 8.75 24.36
C ALA D 7 9.84 7.55 25.29
N ARG D 8 8.62 7.33 25.73
CA ARG D 8 8.31 6.29 26.74
C ARG D 8 8.54 4.91 26.12
N VAL D 9 8.58 4.81 24.80
CA VAL D 9 8.63 3.50 24.11
C VAL D 9 9.88 3.48 23.20
N ALA D 10 10.92 4.21 23.56
CA ALA D 10 12.21 4.19 22.83
C ALA D 10 12.78 2.78 22.83
N ASN D 11 12.84 2.17 23.99
CA ASN D 11 13.38 0.81 24.19
C ASN D 11 12.25 -0.09 24.66
N ALA D 12 12.23 -1.32 24.18
CA ALA D 12 11.31 -2.36 24.66
C ALA D 12 11.78 -2.73 26.06
N ARG D 13 11.23 -2.03 27.06
CA ARG D 13 11.54 -2.19 28.49
C ARG D 13 10.55 -3.15 29.13
N PHE D 14 10.79 -3.51 30.38
CA PHE D 14 9.96 -4.47 31.12
C PHE D 14 8.55 -3.89 31.26
N GLY D 15 8.50 -2.68 31.78
CA GLY D 15 7.23 -1.94 31.91
C GLY D 15 6.62 -1.81 30.53
N GLY D 16 7.37 -1.24 29.59
CA GLY D 16 6.98 -1.19 28.18
C GLY D 16 5.64 -0.51 28.01
N PHE D 17 4.69 -1.24 27.44
CA PHE D 17 3.35 -0.76 27.14
C PHE D 17 2.48 -0.72 28.41
N SER D 18 2.82 -1.47 29.44
CA SER D 18 2.08 -1.49 30.72
C SER D 18 2.00 -0.10 31.31
N GLN D 19 3.12 0.62 31.32
CA GLN D 19 3.16 1.99 31.90
C GLN D 19 2.26 2.89 31.06
N LEU D 20 2.10 2.62 29.75
CA LEU D 20 1.20 3.43 28.89
C LEU D 20 -0.23 3.25 29.36
N LEU D 21 -0.53 2.21 30.12
CA LEU D 21 -1.90 2.06 30.66
C LEU D 21 -2.14 3.06 31.76
N LEU D 22 -1.13 3.77 32.24
CA LEU D 22 -1.35 4.78 33.31
C LEU D 22 -1.42 6.18 32.74
N LEU D 23 -1.54 6.32 31.43
CA LEU D 23 -1.73 7.67 30.83
C LEU D 23 -3.23 7.94 30.68
N TRP D 24 -3.63 9.18 30.91
CA TRP D 24 -5.04 9.63 30.84
C TRP D 24 -5.28 10.40 29.54
N ARG D 25 -4.44 11.37 29.18
CA ARG D 25 -4.76 12.14 27.97
C ARG D 25 -4.72 11.14 26.81
N GLY D 26 -5.61 11.26 25.84
CA GLY D 26 -5.50 10.51 24.57
C GLY D 26 -5.80 9.07 24.84
N SER D 27 -6.21 8.76 26.07
CA SER D 27 -6.27 7.35 26.52
C SER D 27 -7.61 6.74 26.18
N ILE D 28 -7.64 5.43 26.28
CA ILE D 28 -8.86 4.62 26.13
C ILE D 28 -9.79 4.93 27.30
N TYR D 29 -9.26 5.19 28.48
CA TYR D 29 -10.11 5.48 29.68
C TYR D 29 -10.92 6.73 29.42
N LYS D 30 -10.25 7.78 28.97
CA LYS D 30 -10.90 9.09 28.75
C LYS D 30 -11.99 8.93 27.71
N LEU D 31 -11.71 8.22 26.62
CA LEU D 31 -12.62 8.08 25.47
C LEU D 31 -13.73 7.13 25.81
N LEU D 32 -13.58 6.25 26.79
CA LEU D 32 -14.55 5.14 26.95
C LEU D 32 -15.20 5.04 28.35
N TRP D 33 -14.89 5.88 29.32
CA TRP D 33 -15.44 5.66 30.68
C TRP D 33 -16.96 5.88 30.71
N ARG D 34 -17.49 6.82 29.97
CA ARG D 34 -18.95 7.07 29.91
C ARG D 34 -19.65 5.82 29.34
N GLU D 35 -19.12 5.28 28.25
CA GLU D 35 -19.75 4.12 27.57
C GLU D 35 -19.62 2.92 28.48
N LEU D 36 -18.52 2.82 29.22
CA LEU D 36 -18.28 1.70 30.15
C LEU D 36 -19.29 1.82 31.28
N LEU D 37 -19.51 2.99 31.82
CA LEU D 37 -20.49 3.17 32.90
C LEU D 37 -21.90 2.87 32.36
N CYS D 38 -22.21 3.23 31.12
CA CYS D 38 -23.54 2.99 30.55
C CYS D 38 -23.75 1.49 30.40
N PHE D 39 -22.76 0.80 29.86
CA PHE D 39 -22.76 -0.68 29.68
C PHE D 39 -22.97 -1.33 31.04
N LEU D 40 -22.20 -0.87 32.02
CA LEU D 40 -22.25 -1.43 33.39
C LEU D 40 -23.61 -1.08 34.01
N GLY D 41 -24.16 0.07 33.72
CA GLY D 41 -25.46 0.47 34.28
C GLY D 41 -26.56 -0.41 33.76
N PHE D 42 -26.56 -0.72 32.47
CA PHE D 42 -27.57 -1.61 31.89
C PHE D 42 -27.37 -3.00 32.46
N TYR D 43 -26.12 -3.42 32.61
CA TYR D 43 -25.83 -4.79 33.10
C TYR D 43 -26.35 -4.91 34.52
N MET D 44 -26.07 -3.94 35.37
CA MET D 44 -26.50 -4.03 36.78
C MET D 44 -28.00 -3.74 36.89
N ALA D 45 -28.58 -3.00 35.96
CA ALA D 45 -30.04 -2.80 35.92
C ALA D 45 -30.74 -4.15 35.70
N LEU D 46 -30.27 -4.92 34.71
CA LEU D 46 -30.81 -6.29 34.49
C LEU D 46 -30.45 -7.22 35.62
N SER D 47 -29.29 -7.05 36.22
CA SER D 47 -28.87 -7.89 37.35
C SER D 47 -29.83 -7.63 38.52
N ALA D 48 -30.11 -6.37 38.82
CA ALA D 48 -31.01 -6.03 39.95
C ALA D 48 -32.42 -6.53 39.62
N ALA D 49 -32.85 -6.41 38.37
CA ALA D 49 -34.19 -6.85 37.94
C ALA D 49 -34.28 -8.35 38.21
N TYR D 50 -33.24 -9.08 37.86
CA TYR D 50 -33.29 -10.56 37.92
C TYR D 50 -33.22 -10.99 39.37
N ARG D 51 -32.46 -10.28 40.19
CA ARG D 51 -32.16 -10.76 41.56
C ARG D 51 -33.31 -10.37 42.48
N PHE D 52 -33.90 -9.19 42.29
CA PHE D 52 -34.85 -8.62 43.28
C PHE D 52 -36.26 -8.40 42.72
N VAL D 53 -36.42 -8.16 41.42
CA VAL D 53 -37.70 -7.68 40.84
C VAL D 53 -38.50 -8.82 40.19
N LEU D 54 -37.87 -9.56 39.27
CA LEU D 54 -38.52 -10.66 38.52
C LEU D 54 -38.96 -11.75 39.50
N THR D 55 -40.12 -12.36 39.23
CA THR D 55 -40.65 -13.52 40.00
C THR D 55 -39.97 -14.83 39.55
N GLU D 56 -40.33 -15.95 40.16
CA GLU D 56 -39.67 -17.25 39.91
C GLU D 56 -39.87 -17.66 38.45
N GLY D 57 -41.10 -17.64 37.95
CA GLY D 57 -41.39 -17.89 36.52
C GLY D 57 -40.63 -16.91 35.64
N GLN D 58 -40.66 -15.65 36.05
CA GLN D 58 -40.03 -14.55 35.30
C GLN D 58 -38.53 -14.77 35.30
N LYS D 59 -37.98 -15.18 36.43
CA LYS D 59 -36.53 -15.49 36.55
C LYS D 59 -36.16 -16.66 35.63
N ARG D 60 -37.00 -17.70 35.56
CA ARG D 60 -36.72 -18.86 34.69
C ARG D 60 -36.68 -18.40 33.24
N TYR D 61 -37.67 -17.58 32.86
CA TYR D 61 -37.77 -17.11 31.46
C TYR D 61 -36.52 -16.29 31.15
N PHE D 62 -36.12 -15.43 32.07
CA PHE D 62 -34.96 -14.54 31.88
C PHE D 62 -33.76 -15.42 31.65
N GLU D 63 -33.62 -16.50 32.44
CA GLU D 63 -32.41 -17.37 32.37
C GLU D 63 -32.41 -18.06 31.00
N LYS D 64 -33.58 -18.46 30.49
CA LYS D 64 -33.71 -19.07 29.12
C LYS D 64 -33.25 -18.08 28.04
N LEU D 65 -33.66 -16.83 28.21
CA LEU D 65 -33.29 -15.72 27.30
C LEU D 65 -31.78 -15.50 27.41
N VAL D 66 -31.22 -15.56 28.60
CA VAL D 66 -29.77 -15.29 28.82
C VAL D 66 -28.95 -16.38 28.13
N ILE D 67 -29.40 -17.63 28.29
CA ILE D 67 -28.67 -18.75 27.64
C ILE D 67 -28.78 -18.58 26.13
N TYR D 68 -29.95 -18.20 25.63
CA TYR D 68 -30.16 -17.99 24.17
C TYR D 68 -29.26 -16.88 23.67
N CYS D 69 -29.17 -15.77 24.38
CA CYS D 69 -28.43 -14.56 23.94
C CYS D 69 -26.92 -14.85 24.00
N ASP D 70 -26.45 -15.67 24.95
CA ASP D 70 -25.00 -15.96 25.05
C ASP D 70 -24.52 -16.65 23.78
N GLN D 71 -25.39 -17.42 23.11
CA GLN D 71 -25.07 -18.12 21.83
C GLN D 71 -24.66 -17.12 20.75
N TYR D 72 -25.32 -15.96 20.72
CA TYR D 72 -25.19 -14.97 19.62
C TYR D 72 -24.03 -14.00 19.86
N ALA D 73 -23.32 -14.14 20.97
CA ALA D 73 -22.17 -13.27 21.26
C ALA D 73 -20.99 -13.76 20.39
N SER D 74 -21.14 -13.64 19.07
CA SER D 74 -20.12 -14.03 18.06
C SER D 74 -19.04 -12.94 18.02
N LEU D 75 -17.98 -13.09 18.81
CA LEU D 75 -16.87 -12.08 18.86
C LEU D 75 -15.99 -12.13 17.60
N ILE D 76 -16.00 -13.20 16.83
CA ILE D 76 -15.09 -13.33 15.66
C ILE D 76 -15.54 -12.40 14.53
N PRO D 77 -16.85 -12.35 14.14
CA PRO D 77 -17.31 -11.36 13.16
C PRO D 77 -16.99 -9.90 13.55
N VAL D 78 -17.22 -9.57 14.81
CA VAL D 78 -16.97 -8.19 15.31
C VAL D 78 -15.49 -7.91 15.17
N SER D 79 -14.62 -8.84 15.58
CA SER D 79 -13.15 -8.67 15.50
C SER D 79 -12.76 -8.47 14.04
N PHE D 80 -13.31 -9.27 13.11
CA PHE D 80 -13.05 -9.12 11.67
C PHE D 80 -13.40 -7.72 11.20
N VAL D 81 -14.65 -7.33 11.40
CA VAL D 81 -15.12 -6.06 10.80
C VAL D 81 -14.44 -4.87 11.49
N LEU D 82 -14.25 -4.93 12.80
CA LEU D 82 -13.49 -3.86 13.50
C LEU D 82 -12.11 -3.79 12.88
N GLY D 83 -11.44 -4.94 12.72
CA GLY D 83 -10.06 -4.98 12.25
C GLY D 83 -9.95 -4.23 10.94
N PHE D 84 -10.79 -4.63 10.00
CA PHE D 84 -10.75 -4.07 8.63
C PHE D 84 -11.13 -2.59 8.65
N TYR D 85 -12.21 -2.22 9.34
CA TYR D 85 -12.69 -0.81 9.36
C TYR D 85 -11.68 0.10 10.06
N VAL D 86 -11.17 -0.35 11.18
CA VAL D 86 -10.27 0.53 11.98
C VAL D 86 -8.92 0.61 11.26
N THR D 87 -8.52 -0.45 10.56
CA THR D 87 -7.27 -0.41 9.76
C THR D 87 -7.46 0.63 8.67
N LEU D 88 -8.64 0.63 8.02
CA LEU D 88 -8.95 1.65 6.99
C LEU D 88 -8.85 3.04 7.62
N VAL D 89 -9.42 3.22 8.80
CA VAL D 89 -9.54 4.56 9.41
C VAL D 89 -8.15 5.01 9.81
N VAL D 90 -7.31 4.11 10.30
CA VAL D 90 -5.96 4.51 10.78
C VAL D 90 -5.11 4.89 9.57
N ASN D 91 -5.22 4.11 8.51
CA ASN D 91 -4.43 4.40 7.29
C ASN D 91 -4.87 5.77 6.76
N ARG D 92 -6.18 6.01 6.74
CA ARG D 92 -6.75 7.27 6.23
C ARG D 92 -6.24 8.41 7.13
N TRP D 93 -6.15 8.14 8.41
CA TRP D 93 -5.73 9.16 9.41
C TRP D 93 -4.30 9.57 9.12
N TRP D 94 -3.40 8.60 8.92
CA TRP D 94 -1.98 8.91 8.62
C TRP D 94 -1.85 9.60 7.26
N SER D 95 -2.66 9.20 6.29
CA SER D 95 -2.68 9.86 4.97
C SER D 95 -3.11 11.31 5.14
N GLN D 96 -4.11 11.56 5.97
CA GLN D 96 -4.61 12.93 6.19
C GLN D 96 -3.50 13.74 6.85
N TYR D 97 -2.74 13.15 7.79
CA TYR D 97 -1.63 13.89 8.45
C TYR D 97 -0.58 14.24 7.40
N LEU D 98 -0.26 13.28 6.55
CA LEU D 98 0.75 13.56 5.48
C LEU D 98 0.22 14.57 4.46
N CYS D 99 -1.09 14.73 4.31
CA CYS D 99 -1.71 15.66 3.34
C CYS D 99 -1.86 17.04 3.92
N MET D 100 -1.41 17.28 5.15
CA MET D 100 -1.45 18.66 5.70
C MET D 100 -0.35 19.46 5.04
N PRO D 101 -0.61 20.69 4.57
CA PRO D 101 0.40 21.46 3.85
C PRO D 101 1.46 22.02 4.80
N LEU D 102 2.71 21.96 4.38
CA LEU D 102 3.84 22.61 5.08
C LEU D 102 4.60 23.44 4.06
N PRO D 103 5.15 24.60 4.46
CA PRO D 103 5.94 25.43 3.54
C PRO D 103 7.45 25.10 3.41
N ASP D 104 7.87 23.97 3.95
CA ASP D 104 9.30 23.64 4.11
C ASP D 104 9.96 23.56 2.73
N ALA D 105 9.37 22.81 1.78
CA ALA D 105 9.95 22.74 0.40
C ALA D 105 9.90 24.11 -0.23
N LEU D 106 8.77 24.79 -0.02
CA LEU D 106 8.61 26.13 -0.61
C LEU D 106 9.63 27.09 0.02
N MET D 107 9.90 26.98 1.32
CA MET D 107 10.77 28.00 1.93
C MET D 107 12.20 27.79 1.50
N CYS D 108 12.58 26.54 1.29
CA CYS D 108 13.94 26.23 0.79
C CYS D 108 14.06 26.83 -0.60
N VAL D 109 13.04 26.57 -1.45
CA VAL D 109 13.02 27.07 -2.85
C VAL D 109 12.95 28.60 -2.91
N VAL D 110 12.17 29.25 -2.05
CA VAL D 110 12.00 30.72 -2.11
C VAL D 110 13.26 31.38 -1.59
N ALA D 111 13.89 30.84 -0.55
CA ALA D 111 15.15 31.42 -0.01
C ALA D 111 16.23 31.26 -1.08
N GLY D 112 16.15 30.18 -1.86
CA GLY D 112 17.16 29.86 -2.88
C GLY D 112 16.90 30.54 -4.21
N THR D 113 15.70 31.04 -4.46
CA THR D 113 15.33 31.43 -5.85
C THR D 113 14.83 32.87 -5.89
N VAL D 114 14.03 33.33 -4.95
CA VAL D 114 13.50 34.72 -4.98
C VAL D 114 14.47 35.65 -4.25
N HIS D 115 15.16 36.50 -5.00
CA HIS D 115 16.37 37.17 -4.53
C HIS D 115 16.12 38.64 -4.24
N GLY D 116 17.05 39.26 -3.54
CA GLY D 116 17.06 40.70 -3.22
C GLY D 116 17.21 40.91 -1.75
N ARG D 117 18.19 41.70 -1.32
CA ARG D 117 18.33 42.05 0.11
C ARG D 117 17.43 43.25 0.46
N ASP D 118 16.93 43.94 -0.53
CA ASP D 118 16.18 45.21 -0.35
C ASP D 118 14.77 44.89 0.12
N ASP D 119 13.96 45.92 0.35
CA ASP D 119 12.60 45.73 0.93
C ASP D 119 11.73 45.02 -0.08
N ARG D 120 11.95 45.23 -1.38
CA ARG D 120 11.08 44.59 -2.40
C ARG D 120 11.28 43.08 -2.37
N GLY D 121 12.53 42.63 -2.29
CA GLY D 121 12.85 41.20 -2.24
C GLY D 121 12.31 40.58 -1.00
N ARG D 122 12.45 41.27 0.13
CA ARG D 122 11.79 40.80 1.38
C ARG D 122 10.29 40.69 1.14
N LEU D 123 9.66 41.74 0.56
CA LEU D 123 8.20 41.70 0.28
C LEU D 123 7.88 40.45 -0.55
N TYR D 124 8.58 40.23 -1.64
CA TYR D 124 8.27 39.09 -2.55
C TYR D 124 8.39 37.75 -1.79
N ARG D 125 9.48 37.56 -1.07
CA ARG D 125 9.68 36.27 -0.38
C ARG D 125 8.62 36.09 0.70
N ARG D 126 8.45 37.12 1.52
CA ARG D 126 7.49 37.06 2.65
C ARG D 126 6.07 36.89 2.10
N THR D 127 5.78 37.53 0.96
CA THR D 127 4.42 37.48 0.39
C THR D 127 4.13 36.10 -0.19
N LEU D 128 5.13 35.48 -0.85
CA LEU D 128 4.96 34.10 -1.38
C LEU D 128 4.65 33.08 -0.27
N MET D 129 5.39 33.17 0.84
CA MET D 129 5.14 32.25 1.98
C MET D 129 3.82 32.61 2.67
N ARG D 130 3.44 33.89 2.65
CA ARG D 130 2.23 34.31 3.40
C ARG D 130 1.11 33.74 2.57
N TYR D 131 1.21 33.77 1.25
CA TYR D 131 0.17 33.18 0.37
C TYR D 131 0.08 31.69 0.71
N ALA D 132 1.19 30.99 0.81
CA ALA D 132 1.17 29.55 1.11
C ALA D 132 0.53 29.34 2.48
N GLY D 133 0.95 30.07 3.49
CA GLY D 133 0.37 29.99 4.83
C GLY D 133 -1.11 30.32 4.83
N LEU D 134 -1.52 31.26 3.98
CA LEU D 134 -2.95 31.71 3.89
C LEU D 134 -3.78 30.64 3.25
N SER D 135 -3.26 29.99 2.23
CA SER D 135 -3.96 28.85 1.59
C SER D 135 -4.14 27.73 2.63
N ALA D 136 -3.10 27.48 3.41
CA ALA D 136 -3.15 26.46 4.47
C ALA D 136 -4.21 26.86 5.50
N VAL D 137 -4.22 28.12 5.90
CA VAL D 137 -5.15 28.56 6.97
C VAL D 137 -6.58 28.45 6.45
N LEU D 138 -6.81 28.78 5.19
CA LEU D 138 -8.21 28.77 4.67
C LEU D 138 -8.67 27.32 4.65
N ILE D 139 -7.85 26.42 4.14
CA ILE D 139 -8.31 25.02 4.05
C ILE D 139 -8.46 24.46 5.46
N LEU D 140 -7.60 24.84 6.39
CA LEU D 140 -7.67 24.26 7.75
C LEU D 140 -8.92 24.78 8.46
N ARG D 141 -9.19 26.08 8.37
CA ARG D 141 -10.45 26.60 8.96
C ARG D 141 -11.65 25.99 8.26
N SER D 142 -11.49 25.47 7.05
CA SER D 142 -12.58 24.75 6.37
C SER D 142 -12.72 23.34 6.97
N VAL D 143 -11.65 22.73 7.40
CA VAL D 143 -11.67 21.27 7.70
C VAL D 143 -11.42 21.03 9.18
N SER D 144 -10.84 22.00 9.88
CA SER D 144 -10.48 21.87 11.30
C SER D 144 -11.49 22.64 12.14
N THR D 145 -12.00 22.05 13.20
CA THR D 145 -12.90 22.76 14.14
C THR D 145 -12.10 23.76 14.97
N ALA D 146 -10.93 23.33 15.42
CA ALA D 146 -10.04 24.11 16.28
C ALA D 146 -9.53 25.37 15.57
N VAL D 147 -9.25 25.29 14.27
CA VAL D 147 -8.81 26.47 13.45
C VAL D 147 -10.04 27.32 13.15
N PHE D 148 -11.22 26.71 12.95
CA PHE D 148 -12.45 27.50 12.75
C PHE D 148 -12.76 28.35 14.01
N LYS D 149 -12.60 27.78 15.19
CA LYS D 149 -12.83 28.53 16.44
C LYS D 149 -11.77 29.60 16.58
N ARG D 150 -10.61 29.39 16.00
CA ARG D 150 -9.56 30.42 16.01
C ARG D 150 -9.89 31.48 14.95
N PHE D 151 -10.41 31.07 13.79
CA PHE D 151 -10.67 32.00 12.65
C PHE D 151 -12.11 31.85 12.23
N PRO D 152 -13.07 32.28 13.08
CA PRO D 152 -14.48 32.09 12.74
C PRO D 152 -14.90 32.91 11.52
N THR D 153 -14.19 33.98 11.21
CA THR D 153 -14.50 34.84 10.07
C THR D 153 -13.23 35.11 9.26
N ILE D 154 -13.37 35.54 8.01
CA ILE D 154 -12.21 36.02 7.23
C ILE D 154 -11.63 37.25 7.92
N ASP D 155 -12.45 38.03 8.64
CA ASP D 155 -11.92 39.19 9.39
C ASP D 155 -10.88 38.70 10.38
N HIS D 156 -11.08 37.52 10.95
CA HIS D 156 -10.12 36.96 11.93
C HIS D 156 -8.80 36.60 11.25
N VAL D 157 -8.88 36.09 10.03
CA VAL D 157 -7.67 35.78 9.23
C VAL D 157 -6.98 37.09 8.88
N VAL D 158 -7.73 38.14 8.59
CA VAL D 158 -7.13 39.45 8.22
C VAL D 158 -6.44 40.04 9.45
N GLU D 159 -7.07 39.95 10.63
CA GLU D 159 -6.47 40.49 11.87
C GLU D 159 -5.24 39.68 12.26
N ALA D 160 -5.21 38.40 11.91
CA ALA D 160 -4.05 37.53 12.28
C ALA D 160 -2.84 37.78 11.39
N GLY D 161 -2.95 38.59 10.34
CA GLY D 161 -1.80 38.95 9.50
C GLY D 161 -1.63 38.05 8.30
N PHE D 162 -2.44 36.99 8.16
CA PHE D 162 -2.34 36.05 7.03
C PHE D 162 -2.86 36.73 5.75
N MET D 163 -3.88 37.59 5.85
CA MET D 163 -4.46 38.23 4.65
C MET D 163 -4.50 39.71 4.91
N THR D 164 -4.10 40.48 3.91
CA THR D 164 -4.18 41.97 4.02
C THR D 164 -5.63 42.40 3.76
N ARG D 165 -5.93 43.65 4.06
CA ARG D 165 -7.28 44.20 3.76
C ARG D 165 -7.47 44.25 2.24
N GLU D 166 -6.44 44.61 1.49
CA GLU D 166 -6.57 44.67 0.03
C GLU D 166 -6.81 43.27 -0.51
N GLU D 167 -6.09 42.32 0.05
CA GLU D 167 -6.23 40.91 -0.40
C GLU D 167 -7.60 40.44 0.01
N ARG D 168 -8.15 40.93 1.11
CA ARG D 168 -9.51 40.54 1.55
C ARG D 168 -10.51 41.07 0.54
N LYS D 169 -10.32 42.29 0.05
CA LYS D 169 -11.26 42.90 -0.94
C LYS D 169 -11.21 42.07 -2.20
N LYS D 170 -10.01 41.70 -2.66
CA LYS D 170 -9.84 40.89 -3.90
C LYS D 170 -10.48 39.53 -3.67
N PHE D 171 -10.29 38.95 -2.50
CA PHE D 171 -10.75 37.59 -2.17
C PHE D 171 -12.25 37.56 -2.08
N GLU D 172 -12.89 38.60 -1.56
CA GLU D 172 -14.36 38.62 -1.47
C GLU D 172 -14.98 38.98 -2.81
N ASN D 173 -14.27 39.74 -3.62
CA ASN D 173 -14.84 40.22 -4.89
C ASN D 173 -14.86 39.09 -5.90
N LEU D 174 -14.22 37.95 -5.61
CA LEU D 174 -14.28 36.77 -6.53
C LEU D 174 -15.68 36.23 -6.52
N ASN D 175 -16.28 36.10 -7.69
CA ASN D 175 -17.65 35.56 -7.76
C ASN D 175 -17.47 34.05 -7.84
N SER D 176 -17.22 33.42 -6.71
CA SER D 176 -17.18 31.95 -6.60
C SER D 176 -18.04 31.52 -5.42
N SER D 177 -18.86 30.51 -5.64
CA SER D 177 -19.70 29.90 -4.59
C SER D 177 -18.96 28.70 -4.04
N TYR D 178 -17.76 28.39 -4.53
CA TYR D 178 -16.98 27.23 -4.04
C TYR D 178 -15.88 27.71 -3.12
N ASN D 179 -15.42 26.83 -2.22
CA ASN D 179 -14.37 27.14 -1.21
C ASN D 179 -13.16 27.75 -1.94
N LYS D 180 -12.65 28.87 -1.41
CA LYS D 180 -11.64 29.68 -2.12
C LYS D 180 -10.25 29.44 -1.56
N TYR D 181 -10.01 28.31 -0.90
CA TYR D 181 -8.67 27.98 -0.39
C TYR D 181 -7.62 28.05 -1.52
N TRP D 182 -7.99 27.77 -2.76
CA TRP D 182 -7.07 27.77 -3.93
C TRP D 182 -6.65 29.19 -4.30
N VAL D 183 -7.32 30.22 -3.80
CA VAL D 183 -7.09 31.61 -4.30
C VAL D 183 -5.68 32.08 -4.00
N PRO D 184 -5.16 31.93 -2.78
CA PRO D 184 -3.79 32.33 -2.54
C PRO D 184 -2.80 31.57 -3.45
N CYS D 185 -3.12 30.34 -3.85
CA CYS D 185 -2.20 29.53 -4.68
C CYS D 185 -2.14 30.14 -6.08
N VAL D 186 -3.25 30.62 -6.61
CA VAL D 186 -3.22 31.32 -7.91
C VAL D 186 -2.52 32.67 -7.74
N TRP D 187 -2.67 33.32 -6.57
CA TRP D 187 -1.90 34.56 -6.30
C TRP D 187 -0.41 34.22 -6.25
N PHE D 188 -0.05 33.08 -5.71
CA PHE D 188 1.36 32.67 -5.59
C PHE D 188 1.89 32.44 -6.98
N SER D 189 1.13 31.74 -7.82
CA SER D 189 1.53 31.49 -9.22
C SER D 189 1.79 32.85 -9.89
N ASN D 190 0.80 33.74 -9.83
CA ASN D 190 0.95 35.06 -10.49
C ASN D 190 2.13 35.85 -9.92
N LEU D 191 2.36 35.81 -8.62
CA LEU D 191 3.43 36.64 -8.04
C LEU D 191 4.75 36.03 -8.44
N ALA D 192 4.85 34.70 -8.48
CA ALA D 192 6.14 34.06 -8.86
C ALA D 192 6.41 34.42 -10.32
N ALA D 193 5.38 34.43 -11.16
CA ALA D 193 5.56 34.86 -12.55
C ALA D 193 6.08 36.30 -12.57
N GLN D 194 5.52 37.18 -11.76
CA GLN D 194 5.88 38.63 -11.76
C GLN D 194 7.32 38.75 -11.28
N ALA D 195 7.70 37.97 -10.28
CA ALA D 195 9.06 38.01 -9.72
C ALA D 195 10.00 37.60 -10.84
N ARG D 196 9.69 36.53 -11.56
CA ARG D 196 10.54 36.05 -12.66
C ARG D 196 10.60 37.10 -13.77
N ARG D 197 9.52 37.81 -14.05
CA ARG D 197 9.53 38.89 -15.07
C ARG D 197 10.39 40.07 -14.59
N GLU D 198 10.38 40.39 -13.31
CA GLU D 198 11.19 41.52 -12.77
C GLU D 198 12.65 41.10 -12.57
N GLY D 199 12.95 39.81 -12.74
CA GLY D 199 14.31 39.27 -12.62
C GLY D 199 14.66 38.92 -11.19
N ARG D 200 13.70 38.99 -10.28
CA ARG D 200 13.93 38.59 -8.87
C ARG D 200 14.17 37.08 -8.85
N ILE D 201 13.45 36.31 -9.64
CA ILE D 201 13.86 34.91 -9.92
C ILE D 201 14.81 34.88 -11.11
N ARG D 202 16.04 34.43 -10.93
CA ARG D 202 17.12 34.72 -11.89
C ARG D 202 17.04 33.78 -13.10
N ASP D 203 16.24 32.72 -13.05
CA ASP D 203 16.23 31.71 -14.14
C ASP D 203 14.87 31.04 -14.23
N ASN D 204 14.53 30.55 -15.41
CA ASN D 204 13.20 29.98 -15.77
C ASN D 204 13.00 28.63 -15.07
N SER D 205 14.08 27.92 -14.83
CA SER D 205 14.05 26.62 -14.13
C SER D 205 13.70 26.88 -12.65
N ALA D 206 14.17 27.98 -12.07
CA ALA D 206 13.84 28.31 -10.67
C ALA D 206 12.36 28.67 -10.57
N LEU D 207 11.83 29.35 -11.58
CA LEU D 207 10.39 29.62 -11.59
C LEU D 207 9.64 28.28 -11.66
N LYS D 208 10.13 27.35 -12.48
CA LYS D 208 9.48 26.03 -12.66
C LYS D 208 9.53 25.31 -11.34
N LEU D 209 10.63 25.44 -10.60
CA LEU D 209 10.81 24.77 -9.29
C LEU D 209 9.82 25.35 -8.29
N LEU D 210 9.65 26.68 -8.28
CA LEU D 210 8.65 27.32 -7.39
C LEU D 210 7.28 26.78 -7.74
N LEU D 211 6.95 26.71 -9.02
CA LEU D 211 5.57 26.34 -9.39
C LEU D 211 5.34 24.87 -9.07
N GLU D 212 6.37 24.04 -9.18
CA GLU D 212 6.27 22.60 -8.84
C GLU D 212 5.97 22.46 -7.36
N GLU D 213 6.70 23.23 -6.56
CA GLU D 213 6.56 23.15 -5.08
C GLU D 213 5.22 23.74 -4.66
N LEU D 214 4.79 24.80 -5.34
CA LEU D 214 3.45 25.39 -5.11
C LEU D 214 2.41 24.33 -5.44
N ASN D 215 2.61 23.59 -6.52
CA ASN D 215 1.57 22.62 -6.94
C ASN D 215 1.49 21.52 -5.90
N VAL D 216 2.63 21.16 -5.31
CA VAL D 216 2.59 20.11 -4.26
C VAL D 216 1.82 20.63 -3.05
N PHE D 217 2.11 21.87 -2.68
CA PHE D 217 1.46 22.53 -1.53
C PHE D 217 -0.05 22.58 -1.76
N ARG D 218 -0.42 23.05 -2.94
CA ARG D 218 -1.86 23.25 -3.28
C ARG D 218 -2.51 21.88 -3.29
N GLY D 219 -1.81 20.87 -3.78
CA GLY D 219 -2.32 19.49 -3.80
C GLY D 219 -2.64 19.02 -2.40
N LYS D 220 -1.78 19.32 -1.47
CA LYS D 220 -1.98 18.94 -0.06
C LYS D 220 -3.24 19.63 0.47
N CYS D 221 -3.42 20.91 0.19
CA CYS D 221 -4.60 21.67 0.65
C CYS D 221 -5.86 21.07 0.03
N GLY D 222 -5.84 20.79 -1.26
CA GLY D 222 -6.99 20.15 -1.92
C GLY D 222 -7.28 18.77 -1.36
N MET D 223 -6.23 18.05 -0.99
CA MET D 223 -6.38 16.68 -0.48
C MET D 223 -7.05 16.77 0.87
N LEU D 224 -6.72 17.81 1.64
CA LEU D 224 -7.37 18.01 2.95
C LEU D 224 -8.86 18.19 2.68
N PHE D 225 -9.18 19.00 1.68
CA PHE D 225 -10.59 19.30 1.34
C PHE D 225 -11.30 17.99 0.95
N HIS D 226 -10.64 17.14 0.17
CA HIS D 226 -11.26 15.89 -0.36
C HIS D 226 -11.49 14.91 0.78
N TYR D 227 -10.55 14.82 1.70
CA TYR D 227 -10.67 13.91 2.84
C TYR D 227 -11.80 14.41 3.73
N ASP D 228 -11.95 15.72 3.83
CA ASP D 228 -13.02 16.32 4.67
C ASP D 228 -14.38 15.99 4.05
N TRP D 229 -14.47 16.16 2.75
CA TRP D 229 -15.75 16.02 2.03
C TRP D 229 -16.10 14.55 1.89
N ILE D 230 -15.15 13.75 1.42
CA ILE D 230 -15.42 12.31 1.13
C ILE D 230 -15.13 11.53 2.41
N SER D 231 -16.13 11.44 3.27
CA SER D 231 -16.06 10.70 4.54
C SER D 231 -15.85 9.22 4.26
N VAL D 232 -15.37 8.47 5.26
CA VAL D 232 -15.42 6.97 5.21
C VAL D 232 -16.89 6.63 5.08
N PRO D 233 -17.30 5.82 4.09
CA PRO D 233 -18.72 5.69 3.77
C PRO D 233 -19.60 5.43 5.00
N LEU D 234 -20.71 6.12 5.04
CA LEU D 234 -21.55 6.14 6.24
C LEU D 234 -22.16 4.75 6.40
N VAL D 235 -22.41 4.05 5.29
CA VAL D 235 -22.94 2.66 5.38
C VAL D 235 -21.88 1.81 6.10
N TYR D 236 -20.61 1.96 5.72
CA TYR D 236 -19.53 1.13 6.32
C TYR D 236 -19.43 1.43 7.82
N THR D 237 -19.55 2.70 8.20
CA THR D 237 -19.48 3.08 9.64
C THR D 237 -20.67 2.48 10.37
N GLN D 238 -21.89 2.71 9.86
CA GLN D 238 -23.12 2.18 10.52
C GLN D 238 -23.00 0.67 10.66
N VAL D 239 -22.44 -0.01 9.67
CA VAL D 239 -22.24 -1.48 9.74
C VAL D 239 -21.38 -1.84 10.95
N VAL D 240 -20.29 -1.16 11.17
CA VAL D 240 -19.36 -1.55 12.27
CA VAL D 240 -19.35 -1.55 12.26
C VAL D 240 -19.98 -1.14 13.60
N THR D 241 -20.68 -0.02 13.63
CA THR D 241 -21.29 0.43 14.90
C THR D 241 -22.37 -0.57 15.26
N ILE D 242 -23.16 -0.99 14.27
CA ILE D 242 -24.26 -1.96 14.52
C ILE D 242 -23.67 -3.31 14.90
N ALA D 243 -22.57 -3.71 14.30
CA ALA D 243 -21.88 -4.96 14.66
C ALA D 243 -21.55 -4.90 16.15
N LEU D 244 -20.91 -3.83 16.55
CA LEU D 244 -20.35 -3.77 17.91
C LEU D 244 -21.51 -3.73 18.90
N TYR D 245 -22.56 -3.01 18.55
CA TYR D 245 -23.68 -2.81 19.48
C TYR D 245 -24.46 -4.11 19.57
N SER D 246 -24.57 -4.87 18.47
CA SER D 246 -25.23 -6.20 18.46
C SER D 246 -24.48 -7.16 19.40
N TYR D 247 -23.17 -7.16 19.29
CA TYR D 247 -22.31 -7.98 20.18
C TYR D 247 -22.53 -7.53 21.62
N PHE D 248 -22.61 -6.23 21.87
CA PHE D 248 -22.69 -5.75 23.26
C PHE D 248 -24.09 -6.02 23.80
N LEU D 249 -25.12 -6.05 22.96
CA LEU D 249 -26.48 -6.40 23.46
C LEU D 249 -26.50 -7.89 23.81
N ALA D 250 -25.88 -8.71 22.96
CA ALA D 250 -25.81 -10.16 23.23
C ALA D 250 -24.99 -10.35 24.52
N CYS D 251 -23.93 -9.59 24.75
CA CYS D 251 -23.09 -9.71 25.96
C CYS D 251 -23.80 -9.09 27.15
N LEU D 252 -24.74 -8.18 26.91
CA LEU D 252 -25.39 -7.47 28.01
C LEU D 252 -26.44 -8.40 28.56
N ILE D 253 -27.03 -9.24 27.72
CA ILE D 253 -28.06 -10.21 28.21
C ILE D 253 -27.40 -11.56 28.54
N GLY D 254 -26.52 -12.04 27.70
CA GLY D 254 -26.01 -13.41 27.83
C GLY D 254 -24.94 -13.55 28.89
N ARG D 255 -24.32 -12.45 29.27
CA ARG D 255 -23.25 -12.50 30.31
C ARG D 255 -23.86 -12.21 31.69
N GLN D 256 -25.19 -12.20 31.79
CA GLN D 256 -25.84 -12.04 33.09
C GLN D 256 -25.60 -13.26 33.93
N PHE D 257 -25.22 -13.07 35.19
CA PHE D 257 -24.87 -14.24 36.03
C PHE D 257 -26.15 -14.87 36.52
N LEU D 258 -26.31 -16.14 36.25
CA LEU D 258 -27.53 -16.88 36.65
C LEU D 258 -27.27 -17.49 38.02
N ASP D 259 -28.35 -17.90 38.69
CA ASP D 259 -28.29 -18.61 40.00
C ASP D 259 -27.55 -19.92 39.79
N PRO D 260 -26.47 -20.20 40.53
CA PRO D 260 -25.88 -21.53 40.51
C PRO D 260 -26.87 -22.60 40.99
N ALA D 261 -27.87 -22.20 41.79
CA ALA D 261 -28.96 -23.06 42.30
C ALA D 261 -29.65 -23.80 41.15
N GLN D 262 -29.93 -23.10 40.06
CA GLN D 262 -30.68 -23.66 38.92
C GLN D 262 -29.82 -24.73 38.23
N GLY D 263 -28.51 -24.71 38.43
CA GLY D 263 -27.61 -25.76 37.93
C GLY D 263 -27.53 -25.73 36.43
N TYR D 264 -27.58 -24.55 35.84
CA TYR D 264 -27.39 -24.40 34.37
C TYR D 264 -25.93 -24.70 34.07
N LYS D 265 -25.68 -25.40 32.97
CA LYS D 265 -24.29 -25.67 32.51
C LYS D 265 -23.64 -24.32 32.24
N ASP D 266 -22.36 -24.18 32.59
CA ASP D 266 -21.57 -22.96 32.23
C ASP D 266 -21.98 -21.79 33.15
N HIS D 267 -23.00 -21.96 33.98
CA HIS D 267 -23.49 -20.91 34.91
C HIS D 267 -23.56 -21.55 36.29
N ASP D 268 -22.43 -21.64 36.98
CA ASP D 268 -22.32 -22.30 38.31
C ASP D 268 -21.55 -21.43 39.29
N LEU D 269 -21.10 -20.26 38.86
CA LEU D 269 -20.38 -19.30 39.71
C LEU D 269 -20.97 -17.92 39.46
N ASP D 270 -21.19 -17.17 40.53
CA ASP D 270 -21.83 -15.84 40.45
C ASP D 270 -20.87 -14.82 41.04
N LEU D 271 -20.19 -14.07 40.17
CA LEU D 271 -19.18 -13.07 40.57
C LEU D 271 -19.84 -11.71 40.78
N CYS D 272 -21.07 -11.53 40.30
CA CYS D 272 -21.90 -10.33 40.53
C CYS D 272 -21.37 -9.20 39.67
N VAL D 273 -20.15 -9.30 39.12
CA VAL D 273 -19.60 -8.28 38.19
C VAL D 273 -18.81 -9.02 37.12
N PRO D 274 -19.17 -8.83 35.82
CA PRO D 274 -18.51 -9.56 34.74
C PRO D 274 -17.19 -8.89 34.36
N ILE D 275 -16.16 -9.18 35.16
CA ILE D 275 -14.79 -8.65 34.99
C ILE D 275 -14.37 -8.86 33.53
N PHE D 276 -14.54 -10.08 33.03
CA PHE D 276 -13.97 -10.45 31.71
C PHE D 276 -14.85 -9.85 30.63
N THR D 277 -16.16 -9.82 30.85
CA THR D 277 -17.10 -9.20 29.88
C THR D 277 -16.85 -7.69 29.85
N LEU D 278 -16.61 -7.05 31.00
CA LEU D 278 -16.26 -5.60 31.03
C LEU D 278 -14.94 -5.40 30.31
N LEU D 279 -13.96 -6.28 30.47
CA LEU D 279 -12.67 -6.14 29.75
C LEU D 279 -12.89 -6.33 28.25
N GLN D 280 -13.75 -7.26 27.83
CA GLN D 280 -14.04 -7.46 26.39
C GLN D 280 -14.69 -6.18 25.90
N PHE D 281 -15.64 -5.65 26.66
CA PHE D 281 -16.34 -4.42 26.26
C PHE D 281 -15.31 -3.32 26.10
N PHE D 282 -14.43 -3.20 27.07
CA PHE D 282 -13.38 -2.15 27.09
C PHE D 282 -12.46 -2.29 25.89
N PHE D 283 -11.97 -3.50 25.63
CA PHE D 283 -11.20 -3.88 24.41
C PHE D 283 -11.94 -3.52 23.12
N TYR D 284 -13.12 -4.04 22.88
CA TYR D 284 -13.82 -3.85 21.58
C TYR D 284 -14.31 -2.41 21.43
N ALA D 285 -14.84 -1.82 22.49
CA ALA D 285 -15.32 -0.43 22.39
C ALA D 285 -14.14 0.51 22.22
N GLY D 286 -12.99 0.21 22.84
CA GLY D 286 -11.76 1.02 22.65
C GLY D 286 -11.30 0.87 21.23
N TRP D 287 -11.40 -0.32 20.68
CA TRP D 287 -10.99 -0.56 19.28
C TRP D 287 -11.85 0.31 18.37
N LEU D 288 -13.14 0.40 18.64
CA LEU D 288 -13.98 1.26 17.80
C LEU D 288 -13.69 2.72 18.13
N LYS D 289 -13.38 3.04 19.37
CA LYS D 289 -13.04 4.43 19.78
C LYS D 289 -11.76 4.91 19.09
N VAL D 290 -10.87 4.01 18.73
CA VAL D 290 -9.70 4.38 17.91
C VAL D 290 -10.24 4.99 16.61
N ALA D 291 -11.16 4.31 15.93
CA ALA D 291 -11.73 4.85 14.66
C ALA D 291 -12.48 6.14 14.97
N GLU D 292 -13.19 6.19 16.07
CA GLU D 292 -14.04 7.36 16.40
C GLU D 292 -13.12 8.57 16.56
N GLN D 293 -12.00 8.42 17.24
CA GLN D 293 -11.05 9.53 17.44
C GLN D 293 -10.35 9.88 16.12
N LEU D 294 -9.99 8.87 15.35
CA LEU D 294 -9.17 9.09 14.14
C LEU D 294 -10.02 9.39 12.91
N ILE D 295 -11.34 9.27 12.96
CA ILE D 295 -12.17 9.38 11.74
C ILE D 295 -12.17 10.81 11.21
N ASN D 296 -12.15 11.77 12.11
CA ASN D 296 -11.93 13.20 11.75
C ASN D 296 -10.78 13.67 12.62
N PRO D 297 -9.54 13.64 12.14
CA PRO D 297 -8.40 14.00 12.96
C PRO D 297 -8.18 15.49 13.13
N PHE D 298 -9.10 16.29 12.64
CA PHE D 298 -8.87 17.74 12.71
C PHE D 298 -9.89 18.31 13.66
N GLY D 299 -10.48 17.46 14.49
CA GLY D 299 -11.36 17.96 15.56
C GLY D 299 -10.51 18.54 16.68
N GLU D 300 -10.98 18.44 17.89
CA GLU D 300 -10.33 19.03 19.07
C GLU D 300 -10.25 17.93 20.11
N ASP D 301 -9.74 16.77 19.69
CA ASP D 301 -9.60 15.63 20.64
C ASP D 301 -8.26 15.77 21.36
N ASP D 302 -7.59 14.65 21.59
CA ASP D 302 -6.26 14.67 22.24
C ASP D 302 -5.29 14.04 21.27
N ASP D 303 -5.75 13.09 20.48
CA ASP D 303 -4.93 12.52 19.39
C ASP D 303 -5.24 13.20 18.07
N ASP D 304 -6.23 14.10 18.08
CA ASP D 304 -6.52 14.91 16.89
C ASP D 304 -5.27 15.74 16.61
N PHE D 305 -5.06 16.13 15.36
CA PHE D 305 -3.84 16.85 14.97
C PHE D 305 -3.83 18.21 15.60
N GLU D 306 -2.65 18.70 15.98
CA GLU D 306 -2.53 20.04 16.59
C GLU D 306 -2.39 21.02 15.43
N THR D 307 -3.51 21.47 14.88
CA THR D 307 -3.51 22.24 13.62
C THR D 307 -3.18 23.69 13.91
N ASN D 308 -3.39 24.14 15.14
CA ASN D 308 -3.17 25.56 15.47
C ASN D 308 -1.68 25.72 15.77
N PHE D 309 -1.06 24.73 16.40
CA PHE D 309 0.40 24.71 16.65
C PHE D 309 1.11 24.68 15.30
N LEU D 310 0.61 23.86 14.37
CA LEU D 310 1.28 23.73 13.05
C LEU D 310 1.14 25.02 12.29
N ILE D 311 -0.01 25.68 12.39
CA ILE D 311 -0.22 27.01 11.71
C ILE D 311 0.82 27.98 12.22
N ASP D 312 0.97 28.10 13.55
CA ASP D 312 1.91 29.07 14.17
C ASP D 312 3.35 28.71 13.81
N ARG D 313 3.70 27.44 13.86
CA ARG D 313 5.08 27.00 13.56
C ARG D 313 5.35 27.33 12.11
N ASN D 314 4.43 26.92 11.24
CA ASN D 314 4.68 27.02 9.78
C ASN D 314 4.88 28.50 9.43
N PHE D 315 4.05 29.37 10.00
CA PHE D 315 4.15 30.81 9.69
C PHE D 315 5.51 31.33 10.14
N GLN D 316 5.85 31.11 11.40
CA GLN D 316 7.07 31.70 12.04
C GLN D 316 8.29 31.18 11.29
N VAL D 317 8.31 29.89 11.03
CA VAL D 317 9.50 29.26 10.42
C VAL D 317 9.66 29.75 9.01
N SER D 318 8.56 29.77 8.24
CA SER D 318 8.63 30.20 6.82
C SER D 318 9.16 31.63 6.77
N MET D 319 8.60 32.51 7.61
CA MET D 319 9.05 33.90 7.62
C MET D 319 10.52 34.03 8.03
N LEU D 320 10.99 33.24 9.00
CA LEU D 320 12.43 33.20 9.32
C LEU D 320 13.20 32.80 8.07
N ALA D 321 12.75 31.75 7.39
CA ALA D 321 13.54 31.10 6.35
C ALA D 321 13.72 32.09 5.22
N VAL D 322 12.68 32.83 4.87
CA VAL D 322 12.77 33.70 3.66
C VAL D 322 13.19 35.13 4.02
N ASP D 323 13.09 35.54 5.28
CA ASP D 323 13.40 36.97 5.58
C ASP D 323 14.70 37.07 6.34
N GLU D 324 14.84 36.41 7.49
CA GLU D 324 16.03 36.60 8.37
C GLU D 324 17.18 35.76 7.86
N MET D 325 16.90 34.60 7.27
CA MET D 325 18.02 33.69 6.88
C MET D 325 18.32 33.77 5.38
N TYR D 326 17.74 34.74 4.66
CA TYR D 326 18.09 34.88 3.24
C TYR D 326 19.49 35.47 3.14
N ASP D 327 20.37 34.79 2.42
CA ASP D 327 21.70 35.27 2.02
C ASP D 327 22.43 35.65 3.28
N ASP D 328 22.26 34.85 4.33
CA ASP D 328 22.82 35.11 5.68
C ASP D 328 23.62 33.87 6.06
N LEU D 329 24.60 33.56 5.24
CA LEU D 329 25.47 32.39 5.47
C LEU D 329 26.61 32.83 6.39
N ALA D 330 27.09 31.96 7.27
CA ALA D 330 28.42 32.12 7.89
C ALA D 330 29.47 31.98 6.77
N VAL D 331 30.60 32.65 6.90
CA VAL D 331 31.63 32.65 5.82
C VAL D 331 32.12 31.22 5.62
N LEU D 332 32.18 30.74 4.36
CA LEU D 332 32.77 29.41 4.02
C LEU D 332 34.14 29.29 4.70
N GLU D 333 34.23 28.48 5.74
CA GLU D 333 35.52 28.17 6.38
C GLU D 333 35.64 26.66 6.49
N LYS D 334 36.90 26.21 6.43
CA LYS D 334 37.27 24.79 6.44
C LYS D 334 36.70 24.13 7.71
N ASP D 335 36.03 23.01 7.53
CA ASP D 335 35.42 22.25 8.64
C ASP D 335 36.51 21.51 9.38
N LEU D 336 36.11 20.78 10.41
CA LEU D 336 37.04 20.12 11.36
C LEU D 336 37.83 19.02 10.64
N TYR D 337 37.24 18.39 9.62
CA TYR D 337 37.81 17.21 8.94
C TYR D 337 38.36 17.60 7.58
N TRP D 338 38.86 18.81 7.41
CA TRP D 338 39.37 19.24 6.08
C TRP D 338 40.60 18.42 5.68
N ASP D 339 41.53 18.24 6.61
CA ASP D 339 42.85 17.62 6.29
C ASP D 339 42.80 16.10 6.54
N ALA D 340 41.69 15.58 7.07
CA ALA D 340 41.58 14.14 7.44
C ALA D 340 40.96 13.37 6.26
N ALA D 341 41.66 12.33 5.78
CA ALA D 341 41.17 11.43 4.70
C ALA D 341 39.87 10.76 5.14
N GLU D 342 39.83 10.25 6.37
CA GLU D 342 38.59 9.67 6.98
C GLU D 342 37.90 10.76 7.81
N ALA D 343 36.66 10.52 8.21
CA ALA D 343 35.85 11.56 8.90
C ALA D 343 34.95 10.90 9.93
N ARG D 344 35.14 11.23 11.21
CA ARG D 344 34.35 10.59 12.29
C ARG D 344 34.28 11.52 13.49
N ALA D 345 33.06 11.92 13.83
CA ALA D 345 32.78 12.74 15.02
C ALA D 345 33.11 11.93 16.26
N PRO D 346 33.49 12.59 17.37
CA PRO D 346 33.70 11.88 18.63
C PRO D 346 32.38 11.29 19.16
N TYR D 347 32.52 10.24 19.95
CA TYR D 347 31.43 9.54 20.65
C TYR D 347 31.55 9.85 22.15
N THR D 348 30.40 9.98 22.82
CA THR D 348 30.34 10.21 24.28
C THR D 348 30.61 8.90 25.02
N ALA D 349 30.89 8.99 26.32
CA ALA D 349 31.08 7.82 27.22
C ALA D 349 29.83 6.94 27.20
N ALA D 350 28.64 7.56 27.16
CA ALA D 350 27.33 6.85 27.13
C ALA D 350 27.23 5.97 25.88
N THR D 351 27.61 6.47 24.71
CA THR D 351 27.39 5.76 23.41
C THR D 351 28.71 5.27 22.81
N VAL D 352 29.81 5.30 23.56
CA VAL D 352 31.12 4.79 23.03
C VAL D 352 31.00 3.28 22.85
N PHE D 353 30.08 2.62 23.55
CA PHE D 353 29.88 1.15 23.46
C PHE D 353 29.41 0.78 22.05
N GLN D 354 28.78 1.71 21.34
CA GLN D 354 28.24 1.43 19.99
C GLN D 354 29.44 1.19 19.07
N LEU D 355 30.55 1.89 19.31
CA LEU D 355 31.81 1.58 18.61
C LEU D 355 32.22 0.13 18.87
N ARG D 356 33.22 -0.35 18.13
CA ARG D 356 33.85 -1.69 18.25
C ARG D 356 32.86 -2.80 17.87
N GLN D 357 31.59 -2.47 17.60
CA GLN D 357 30.65 -3.38 16.93
C GLN D 357 31.02 -3.41 15.45
N PRO D 358 31.16 -4.60 14.82
CA PRO D 358 31.58 -4.67 13.41
C PRO D 358 30.70 -3.83 12.48
N SER D 359 31.34 -3.04 11.62
CA SER D 359 30.68 -2.20 10.59
C SER D 359 30.08 -3.13 9.53
N PHE D 360 28.79 -3.00 9.27
CA PHE D 360 28.07 -3.86 8.30
C PHE D 360 28.55 -3.54 6.89
N GLN D 361 28.94 -4.56 6.13
CA GLN D 361 29.38 -4.40 4.73
C GLN D 361 28.40 -5.06 3.75
N GLY D 362 27.62 -6.05 4.20
CA GLY D 362 26.76 -6.89 3.35
C GLY D 362 26.69 -8.31 3.92
N SER D 363 25.63 -9.04 3.60
CA SER D 363 25.41 -10.42 4.08
C SER D 363 26.45 -11.42 3.55
N THR D 364 27.09 -11.16 2.41
CA THR D 364 27.88 -12.16 1.66
C THR D 364 29.37 -12.13 2.06
N PHE D 365 29.76 -11.33 3.08
CA PHE D 365 31.20 -11.09 3.36
C PHE D 365 31.70 -12.02 4.45
N ASP D 366 31.07 -13.18 4.64
CA ASP D 366 31.53 -14.21 5.62
C ASP D 366 31.40 -15.62 5.02
N ILE D 367 31.32 -15.73 3.69
CA ILE D 367 31.00 -17.04 3.03
C ILE D 367 32.23 -17.96 3.11
N THR D 368 33.43 -17.43 2.89
CA THR D 368 34.71 -18.18 3.02
C THR D 368 34.70 -19.39 2.06
N LEU D 369 34.64 -19.13 0.76
CA LEU D 369 34.65 -20.18 -0.28
C LEU D 369 35.98 -20.95 -0.26
N ALA D 370 36.05 -22.04 -1.01
CA ALA D 370 37.28 -22.81 -1.26
C ALA D 370 38.08 -22.17 -2.40
N LYS D 371 39.37 -22.45 -2.45
CA LYS D 371 40.30 -21.88 -3.47
C LYS D 371 39.87 -22.32 -4.87
N GLU D 372 39.45 -23.59 -5.03
CA GLU D 372 39.10 -24.17 -6.35
C GLU D 372 37.81 -23.52 -6.86
N ASP D 373 36.87 -23.21 -5.97
CA ASP D 373 35.54 -22.67 -6.39
C ASP D 373 35.67 -21.19 -6.76
N MET D 374 36.77 -20.53 -6.38
CA MET D 374 36.98 -19.10 -6.69
C MET D 374 37.48 -18.91 -8.13
N GLN D 375 38.00 -19.96 -8.78
CA GLN D 375 38.58 -19.84 -10.15
C GLN D 375 37.45 -19.68 -11.17
N PHE D 376 37.56 -18.67 -12.05
CA PHE D 376 36.67 -18.49 -13.22
C PHE D 376 36.79 -19.71 -14.14
N GLN D 377 35.72 -19.96 -14.91
CA GLN D 377 35.62 -21.07 -15.90
C GLN D 377 36.71 -20.91 -16.97
N THR E 2 -22.26 12.57 -2.05
CA THR E 2 -21.41 12.12 -0.96
C THR E 2 -22.13 12.54 0.31
N VAL E 3 -22.41 11.59 1.18
CA VAL E 3 -22.95 11.89 2.52
C VAL E 3 -21.77 12.22 3.41
N THR E 4 -21.49 13.49 3.63
CA THR E 4 -20.36 13.98 4.46
C THR E 4 -20.84 14.10 5.91
N TYR E 5 -20.25 13.35 6.82
CA TYR E 5 -20.58 13.45 8.27
C TYR E 5 -19.31 13.74 9.03
N THR E 6 -18.29 14.28 8.37
CA THR E 6 -17.00 14.66 9.01
C THR E 6 -17.21 15.58 10.24
N ALA E 7 -18.19 16.47 10.21
CA ALA E 7 -18.44 17.42 11.30
C ALA E 7 -18.96 16.65 12.51
N ARG E 8 -19.83 15.68 12.29
CA ARG E 8 -20.51 14.96 13.40
C ARG E 8 -19.48 14.12 14.15
N VAL E 9 -18.33 13.86 13.57
CA VAL E 9 -17.34 12.92 14.17
C VAL E 9 -16.01 13.67 14.32
N ALA E 10 -16.05 14.98 14.51
CA ALA E 10 -14.84 15.79 14.80
C ALA E 10 -14.15 15.29 16.06
N ASN E 11 -14.93 15.16 17.12
CA ASN E 11 -14.45 14.71 18.44
C ASN E 11 -15.10 13.36 18.75
N ALA E 12 -14.34 12.47 19.36
CA ALA E 12 -14.86 11.19 19.88
C ALA E 12 -15.72 11.55 21.10
N ARG E 13 -17.01 11.78 20.84
CA ARG E 13 -18.03 12.17 21.85
C ARG E 13 -18.73 10.91 22.35
N PHE E 14 -19.58 11.09 23.37
CA PHE E 14 -20.29 9.97 24.02
C PHE E 14 -21.22 9.33 22.99
N GLY E 15 -22.04 10.18 22.38
CA GLY E 15 -22.94 9.73 21.30
C GLY E 15 -22.10 9.12 20.20
N GLY E 16 -21.13 9.88 19.69
CA GLY E 16 -20.13 9.37 18.74
C GLY E 16 -20.80 8.80 17.51
N PHE E 17 -20.54 7.53 17.26
CA PHE E 17 -21.05 6.78 16.11
C PHE E 17 -22.52 6.39 16.30
N SER E 18 -23.02 6.34 17.52
CA SER E 18 -24.42 5.99 17.84
C SER E 18 -25.36 6.96 17.12
N GLN E 19 -25.07 8.24 17.17
CA GLN E 19 -25.93 9.27 16.52
C GLN E 19 -25.91 9.03 15.02
N LEU E 20 -24.80 8.51 14.47
CA LEU E 20 -24.72 8.21 13.01
C LEU E 20 -25.72 7.12 12.67
N LEU E 21 -26.19 6.36 13.64
CA LEU E 21 -27.22 5.35 13.35
C LEU E 21 -28.55 6.01 13.09
N LEU E 22 -28.71 7.30 13.33
CA LEU E 22 -30.00 7.99 13.07
C LEU E 22 -29.96 8.74 11.76
N LEU E 23 -28.95 8.50 10.92
CA LEU E 23 -28.93 9.13 9.58
C LEU E 23 -29.56 8.17 8.57
N TRP E 24 -30.31 8.71 7.61
CA TRP E 24 -31.03 7.96 6.56
C TRP E 24 -30.27 8.04 5.24
N ARG E 25 -29.87 9.23 4.79
CA ARG E 25 -29.22 9.29 3.47
C ARG E 25 -27.94 8.46 3.60
N GLY E 26 -27.57 7.71 2.58
CA GLY E 26 -26.24 7.08 2.51
C GLY E 26 -26.17 5.97 3.51
N SER E 27 -27.30 5.68 4.16
CA SER E 27 -27.29 4.80 5.34
C SER E 27 -27.44 3.36 4.95
N ILE E 28 -27.15 2.50 5.90
CA ILE E 28 -27.34 1.05 5.79
C ILE E 28 -28.85 0.77 5.73
N TYR E 29 -29.68 1.54 6.40
CA TYR E 29 -31.15 1.31 6.39
C TYR E 29 -31.68 1.47 4.98
N LYS E 30 -31.29 2.56 4.33
CA LYS E 30 -31.79 2.91 2.99
C LYS E 30 -31.36 1.80 2.02
N LEU E 31 -30.12 1.35 2.11
CA LEU E 31 -29.52 0.38 1.17
C LEU E 31 -30.04 -1.00 1.47
N LEU E 32 -30.53 -1.28 2.66
CA LEU E 32 -30.79 -2.69 3.05
C LEU E 32 -32.23 -2.99 3.51
N TRP E 33 -33.15 -2.04 3.57
CA TRP E 33 -34.48 -2.35 4.15
C TRP E 33 -35.27 -3.33 3.27
N ARG E 34 -35.17 -3.23 1.96
CA ARG E 34 -35.85 -4.18 1.04
C ARG E 34 -35.32 -5.59 1.27
N GLU E 35 -34.01 -5.76 1.36
CA GLU E 35 -33.38 -7.09 1.51
C GLU E 35 -33.74 -7.60 2.89
N LEU E 36 -33.83 -6.72 3.88
CA LEU E 36 -34.18 -7.11 5.26
C LEU E 36 -35.62 -7.58 5.27
N LEU E 37 -36.51 -6.90 4.61
CA LEU E 37 -37.93 -7.32 4.55
C LEU E 37 -38.02 -8.64 3.78
N CYS E 38 -37.24 -8.86 2.75
CA CYS E 38 -37.29 -10.11 1.97
C CYS E 38 -36.82 -11.27 2.85
N PHE E 39 -35.71 -11.07 3.55
CA PHE E 39 -35.12 -12.06 4.48
C PHE E 39 -36.17 -12.38 5.53
N LEU E 40 -36.78 -11.36 6.10
CA LEU E 40 -37.79 -11.51 7.16
C LEU E 40 -39.04 -12.18 6.57
N GLY E 41 -39.37 -11.89 5.34
CA GLY E 41 -40.56 -12.51 4.72
C GLY E 41 -40.36 -13.98 4.51
N PHE E 42 -39.19 -14.40 4.08
CA PHE E 42 -38.91 -15.84 3.91
C PHE E 42 -38.89 -16.49 5.27
N TYR E 43 -38.32 -15.81 6.26
CA TYR E 43 -38.20 -16.40 7.61
C TYR E 43 -39.59 -16.61 8.18
N MET E 44 -40.46 -15.60 8.07
CA MET E 44 -41.81 -15.74 8.64
C MET E 44 -42.68 -16.65 7.76
N ALA E 45 -42.38 -16.77 6.46
CA ALA E 45 -43.08 -17.73 5.59
C ALA E 45 -42.80 -19.15 6.08
N LEU E 46 -41.53 -19.49 6.35
CA LEU E 46 -41.21 -20.81 6.93
C LEU E 46 -41.71 -20.95 8.34
N SER E 47 -41.73 -19.87 9.09
CA SER E 47 -42.25 -19.90 10.48
C SER E 47 -43.75 -20.24 10.43
N ALA E 48 -44.50 -19.58 9.56
CA ALA E 48 -45.95 -19.83 9.45
C ALA E 48 -46.18 -21.25 8.94
N ALA E 49 -45.35 -21.72 8.00
CA ALA E 49 -45.47 -23.07 7.44
C ALA E 49 -45.31 -24.05 8.57
N TYR E 50 -44.33 -23.82 9.42
CA TYR E 50 -43.96 -24.81 10.47
C TYR E 50 -45.02 -24.79 11.54
N ARG E 51 -45.57 -23.61 11.84
CA ARG E 51 -46.45 -23.46 13.03
C ARG E 51 -47.86 -23.89 12.66
N PHE E 52 -48.32 -23.60 11.45
CA PHE E 52 -49.75 -23.76 11.09
C PHE E 52 -49.98 -24.76 9.95
N VAL E 53 -49.04 -24.95 9.04
CA VAL E 53 -49.27 -25.69 7.76
C VAL E 53 -48.75 -27.13 7.84
N LEU E 54 -47.47 -27.31 8.20
CA LEU E 54 -46.82 -28.64 8.27
C LEU E 54 -47.53 -29.51 9.32
N THR E 55 -47.65 -30.81 9.04
CA THR E 55 -48.19 -31.81 9.99
C THR E 55 -47.12 -32.24 11.01
N GLU E 56 -47.47 -33.12 11.94
CA GLU E 56 -46.59 -33.52 13.05
C GLU E 56 -45.33 -34.19 12.49
N GLY E 57 -45.49 -35.18 11.60
CA GLY E 57 -44.33 -35.81 10.91
C GLY E 57 -43.53 -34.77 10.14
N GLN E 58 -44.26 -33.91 9.45
CA GLN E 58 -43.66 -32.85 8.61
C GLN E 58 -42.91 -31.88 9.51
N LYS E 59 -43.50 -31.54 10.64
CA LYS E 59 -42.85 -30.65 11.63
C LYS E 59 -41.56 -31.30 12.17
N ARG E 60 -41.58 -32.60 12.45
CA ARG E 60 -40.37 -33.29 12.96
C ARG E 60 -39.28 -33.23 11.90
N TYR E 61 -39.65 -33.50 10.66
CA TYR E 61 -38.66 -33.51 9.55
C TYR E 61 -38.06 -32.10 9.43
N PHE E 62 -38.91 -31.10 9.50
CA PHE E 62 -38.49 -29.69 9.35
C PHE E 62 -37.48 -29.42 10.44
N GLU E 63 -37.76 -29.86 11.67
CA GLU E 63 -36.90 -29.56 12.84
C GLU E 63 -35.56 -30.24 12.62
N LYS E 64 -35.54 -31.46 12.06
CA LYS E 64 -34.27 -32.19 11.74
C LYS E 64 -33.45 -31.40 10.71
N LEU E 65 -34.14 -30.86 9.72
CA LEU E 65 -33.52 -30.02 8.65
C LEU E 65 -32.99 -28.75 9.29
N VAL E 66 -33.72 -28.14 10.22
CA VAL E 66 -33.31 -26.87 10.85
C VAL E 66 -32.05 -27.10 11.68
N ILE E 67 -32.02 -28.19 12.42
CA ILE E 67 -30.82 -28.51 13.23
C ILE E 67 -29.64 -28.75 12.28
N TYR E 68 -29.87 -29.45 11.17
CA TYR E 68 -28.81 -29.74 10.17
C TYR E 68 -28.30 -28.43 9.59
N CYS E 69 -29.18 -27.52 9.22
CA CYS E 69 -28.82 -26.27 8.51
C CYS E 69 -28.10 -25.33 9.49
N ASP E 70 -28.45 -25.34 10.78
CA ASP E 70 -27.79 -24.44 11.75
C ASP E 70 -26.29 -24.76 11.82
N GLN E 71 -25.90 -26.02 11.59
CA GLN E 71 -24.48 -26.47 11.58
C GLN E 71 -23.68 -25.70 10.52
N TYR E 72 -24.28 -25.44 9.37
CA TYR E 72 -23.59 -24.90 8.17
C TYR E 72 -23.56 -23.37 8.19
N ALA E 73 -24.13 -22.74 9.20
CA ALA E 73 -24.09 -21.27 9.31
C ALA E 73 -22.68 -20.86 9.80
N SER E 74 -21.67 -21.13 8.96
CA SER E 74 -20.25 -20.80 9.21
C SER E 74 -20.04 -19.30 8.95
N LEU E 75 -20.17 -18.49 9.99
CA LEU E 75 -20.01 -17.00 9.85
C LEU E 75 -18.53 -16.59 9.67
N ILE E 76 -17.58 -17.44 10.03
CA ILE E 76 -16.14 -17.05 9.97
C ILE E 76 -15.67 -16.99 8.52
N PRO E 77 -15.95 -17.98 7.64
CA PRO E 77 -15.64 -17.86 6.21
C PRO E 77 -16.24 -16.61 5.53
N VAL E 78 -17.50 -16.34 5.84
CA VAL E 78 -18.22 -15.18 5.25
C VAL E 78 -17.50 -13.92 5.71
N SER E 79 -17.17 -13.82 7.00
CA SER E 79 -16.49 -12.62 7.56
C SER E 79 -15.13 -12.47 6.87
N PHE E 80 -14.38 -13.55 6.69
CA PHE E 80 -13.08 -13.52 5.97
C PHE E 80 -13.27 -12.96 4.57
N VAL E 81 -14.11 -13.59 3.79
CA VAL E 81 -14.19 -13.22 2.35
C VAL E 81 -14.82 -11.83 2.20
N LEU E 82 -15.81 -11.49 3.01
CA LEU E 82 -16.37 -10.11 2.98
C LEU E 82 -15.24 -9.15 3.31
N GLY E 83 -14.47 -9.43 4.36
CA GLY E 83 -13.42 -8.51 4.84
C GLY E 83 -12.49 -8.18 3.69
N PHE E 84 -11.97 -9.23 3.06
CA PHE E 84 -10.97 -9.08 1.99
C PHE E 84 -11.59 -8.39 0.77
N TYR E 85 -12.77 -8.83 0.34
CA TYR E 85 -13.42 -8.27 -0.88
C TYR E 85 -13.81 -6.81 -0.66
N VAL E 86 -14.40 -6.52 0.48
CA VAL E 86 -14.91 -5.15 0.71
C VAL E 86 -13.71 -4.22 0.95
N THR E 87 -12.64 -4.73 1.54
CA THR E 87 -11.40 -3.93 1.71
C THR E 87 -10.88 -3.59 0.33
N LEU E 88 -10.87 -4.57 -0.57
CA LEU E 88 -10.44 -4.33 -1.98
C LEU E 88 -11.33 -3.25 -2.59
N VAL E 89 -12.64 -3.33 -2.38
CA VAL E 89 -13.60 -2.46 -3.08
C VAL E 89 -13.44 -1.05 -2.51
N VAL E 90 -13.19 -0.93 -1.21
CA VAL E 90 -13.09 0.42 -0.58
C VAL E 90 -11.81 1.08 -1.04
N ASN E 91 -10.73 0.30 -1.10
CA ASN E 91 -9.44 0.86 -1.54
C ASN E 91 -9.59 1.32 -2.99
N ARG E 92 -10.25 0.50 -3.81
CA ARG E 92 -10.44 0.82 -5.24
C ARG E 92 -11.30 2.09 -5.33
N TRP E 93 -12.27 2.20 -4.44
CA TRP E 93 -13.21 3.35 -4.44
C TRP E 93 -12.43 4.63 -4.17
N TRP E 94 -11.58 4.64 -3.14
CA TRP E 94 -10.76 5.83 -2.82
C TRP E 94 -9.76 6.14 -3.94
N SER E 95 -9.19 5.10 -4.55
CA SER E 95 -8.28 5.28 -5.70
C SER E 95 -9.06 5.94 -6.84
N GLN E 96 -10.28 5.50 -7.09
CA GLN E 96 -11.09 6.06 -8.18
C GLN E 96 -11.38 7.52 -7.86
N TYR E 97 -11.65 7.87 -6.60
CA TYR E 97 -11.91 9.28 -6.23
C TYR E 97 -10.66 10.10 -6.50
N LEU E 98 -9.50 9.58 -6.10
CA LEU E 98 -8.24 10.31 -6.35
C LEU E 98 -7.91 10.40 -7.84
N CYS E 99 -8.44 9.51 -8.68
CA CYS E 99 -8.17 9.47 -10.13
C CYS E 99 -9.14 10.36 -10.88
N MET E 100 -10.03 11.07 -10.20
CA MET E 100 -10.91 12.03 -10.90
C MET E 100 -10.09 13.25 -11.26
N PRO E 101 -10.18 13.77 -12.50
CA PRO E 101 -9.34 14.88 -12.90
C PRO E 101 -9.82 16.20 -12.30
N LEU E 102 -8.87 17.02 -11.85
CA LEU E 102 -9.14 18.41 -11.39
C LEU E 102 -8.17 19.33 -12.12
N PRO E 103 -8.60 20.55 -12.46
CA PRO E 103 -7.72 21.51 -13.12
C PRO E 103 -6.82 22.40 -12.22
N ASP E 104 -6.74 22.08 -10.93
CA ASP E 104 -6.14 22.95 -9.92
C ASP E 104 -4.65 23.13 -10.24
N ALA E 105 -3.90 22.05 -10.49
CA ALA E 105 -2.46 22.18 -10.87
C ALA E 105 -2.35 22.92 -12.18
N LEU E 106 -3.24 22.57 -13.11
CA LEU E 106 -3.21 23.22 -14.43
C LEU E 106 -3.56 24.69 -14.28
N MET E 107 -4.49 25.06 -13.41
CA MET E 107 -4.92 26.48 -13.38
C MET E 107 -3.83 27.31 -12.75
N CYS E 108 -3.12 26.75 -11.78
CA CYS E 108 -1.99 27.47 -11.16
C CYS E 108 -0.94 27.70 -12.24
N VAL E 109 -0.61 26.63 -12.99
CA VAL E 109 0.42 26.69 -14.07
C VAL E 109 -0.02 27.62 -15.20
N VAL E 110 -1.29 27.61 -15.61
CA VAL E 110 -1.75 28.43 -16.75
C VAL E 110 -1.81 29.88 -16.33
N ALA E 111 -2.24 30.18 -15.11
CA ALA E 111 -2.28 31.58 -14.63
C ALA E 111 -0.84 32.09 -14.53
N GLY E 112 0.10 31.20 -14.21
CA GLY E 112 1.50 31.55 -14.01
C GLY E 112 2.30 31.57 -15.29
N THR E 113 1.82 30.96 -16.36
CA THR E 113 2.70 30.70 -17.54
C THR E 113 2.09 31.25 -18.81
N VAL E 114 0.78 31.12 -19.05
CA VAL E 114 0.18 31.63 -20.31
C VAL E 114 -0.27 33.08 -20.11
N HIS E 115 0.43 34.00 -20.75
CA HIS E 115 0.38 35.43 -20.37
C HIS E 115 -0.41 36.24 -21.39
N GLY E 116 -0.75 37.46 -21.00
CA GLY E 116 -1.43 38.46 -21.85
C GLY E 116 -2.66 38.96 -21.16
N ARG E 117 -2.80 40.27 -21.02
CA ARG E 117 -4.05 40.86 -20.46
C ARG E 117 -5.11 41.03 -21.56
N ASP E 118 -4.70 40.94 -22.82
CA ASP E 118 -5.57 41.22 -23.98
C ASP E 118 -6.51 40.06 -24.21
N ASP E 119 -7.38 40.17 -25.21
CA ASP E 119 -8.43 39.15 -25.45
C ASP E 119 -7.76 37.86 -25.90
N ARG E 120 -6.64 37.93 -26.60
CA ARG E 120 -5.99 36.70 -27.11
C ARG E 120 -5.48 35.86 -25.93
N GLY E 121 -4.85 36.51 -24.96
CA GLY E 121 -4.32 35.83 -23.77
C GLY E 121 -5.44 35.25 -22.97
N ARG E 122 -6.51 36.00 -22.81
CA ARG E 122 -7.74 35.43 -22.15
C ARG E 122 -8.19 34.20 -22.94
N LEU E 123 -8.29 34.31 -24.29
CA LEU E 123 -8.70 33.16 -25.12
C LEU E 123 -7.80 31.97 -24.83
N TYR E 124 -6.49 32.15 -24.89
CA TYR E 124 -5.53 31.02 -24.71
C TYR E 124 -5.73 30.37 -23.32
N ARG E 125 -5.78 31.18 -22.27
CA ARG E 125 -5.89 30.61 -20.92
C ARG E 125 -7.23 29.90 -20.76
N ARG E 126 -8.30 30.59 -21.14
CA ARG E 126 -9.67 30.04 -20.99
C ARG E 126 -9.80 28.78 -21.86
N THR E 127 -9.16 28.77 -23.03
CA THR E 127 -9.29 27.63 -23.96
C THR E 127 -8.53 26.44 -23.43
N LEU E 128 -7.35 26.66 -22.84
CA LEU E 128 -6.58 25.53 -22.24
C LEU E 128 -7.33 24.84 -21.10
N MET E 129 -7.96 25.64 -20.22
CA MET E 129 -8.76 25.06 -19.11
C MET E 129 -10.05 24.45 -19.67
N ARG E 130 -10.59 24.98 -20.77
CA ARG E 130 -11.89 24.50 -21.27
C ARG E 130 -11.54 23.15 -21.84
N TYR E 131 -10.39 23.02 -22.50
CA TYR E 131 -9.95 21.70 -23.04
C TYR E 131 -9.85 20.73 -21.87
N ALA E 132 -9.22 21.12 -20.77
CA ALA E 132 -9.05 20.23 -19.62
C ALA E 132 -10.44 19.85 -19.09
N GLY E 133 -11.30 20.82 -18.87
CA GLY E 133 -12.68 20.56 -18.42
C GLY E 133 -13.44 19.69 -19.38
N LEU E 134 -13.21 19.84 -20.68
CA LEU E 134 -13.91 19.06 -21.75
C LEU E 134 -13.44 17.64 -21.72
N SER E 135 -12.15 17.42 -21.54
CA SER E 135 -11.61 16.05 -21.41
C SER E 135 -12.22 15.38 -20.18
N ALA E 136 -12.33 16.12 -19.10
CA ALA E 136 -12.94 15.61 -17.85
C ALA E 136 -14.41 15.27 -18.12
N VAL E 137 -15.13 16.14 -18.82
CA VAL E 137 -16.58 15.93 -19.04
C VAL E 137 -16.76 14.72 -19.93
N LEU E 138 -15.91 14.53 -20.92
CA LEU E 138 -16.11 13.40 -21.86
C LEU E 138 -15.86 12.12 -21.08
N ILE E 139 -14.80 12.04 -20.31
CA ILE E 139 -14.53 10.78 -19.60
C ILE E 139 -15.62 10.55 -18.55
N LEU E 140 -16.12 11.60 -17.92
CA LEU E 140 -17.13 11.42 -16.85
C LEU E 140 -18.44 10.95 -17.47
N ARG E 141 -18.88 11.58 -18.57
CA ARG E 141 -20.09 11.10 -19.25
C ARG E 141 -19.88 9.68 -19.77
N SER E 142 -18.63 9.25 -19.95
CA SER E 142 -18.35 7.85 -20.33
C SER E 142 -18.50 6.93 -19.10
N VAL E 143 -18.20 7.41 -17.91
CA VAL E 143 -18.03 6.50 -16.75
C VAL E 143 -19.09 6.80 -15.70
N SER E 144 -19.69 7.97 -15.74
CA SER E 144 -20.69 8.40 -14.74
C SER E 144 -22.08 8.31 -15.34
N THR E 145 -23.03 7.74 -14.63
CA THR E 145 -24.45 7.69 -15.10
C THR E 145 -25.06 9.08 -14.97
N ALA E 146 -24.77 9.76 -13.87
CA ALA E 146 -25.32 11.07 -13.54
C ALA E 146 -24.87 12.13 -14.55
N VAL E 147 -23.62 12.07 -15.01
CA VAL E 147 -23.09 13.00 -16.04
C VAL E 147 -23.64 12.59 -17.41
N PHE E 148 -23.84 11.29 -17.66
CA PHE E 148 -24.45 10.85 -18.92
C PHE E 148 -25.90 11.40 -19.03
N LYS E 149 -26.66 11.36 -17.94
CA LYS E 149 -28.03 11.90 -17.94
C LYS E 149 -27.99 13.40 -18.10
N ARG E 150 -26.90 14.02 -17.68
CA ARG E 150 -26.73 15.47 -17.89
C ARG E 150 -26.30 15.72 -19.33
N PHE E 151 -25.43 14.87 -19.90
CA PHE E 151 -24.87 15.07 -21.26
C PHE E 151 -25.13 13.83 -22.08
N PRO E 152 -26.40 13.56 -22.41
CA PRO E 152 -26.72 12.33 -23.14
C PRO E 152 -26.12 12.33 -24.56
N THR E 153 -25.86 13.50 -25.12
CA THR E 153 -25.29 13.62 -26.46
C THR E 153 -24.10 14.60 -26.44
N ILE E 154 -23.25 14.55 -27.45
CA ILE E 154 -22.21 15.59 -27.62
C ILE E 154 -22.88 16.93 -27.84
N ASP E 155 -24.09 16.95 -28.43
CA ASP E 155 -24.82 18.23 -28.60
C ASP E 155 -25.03 18.86 -27.23
N HIS E 156 -25.25 18.05 -26.20
CA HIS E 156 -25.46 18.57 -24.83
C HIS E 156 -24.19 19.20 -24.30
N VAL E 157 -23.05 18.60 -24.59
CA VAL E 157 -21.74 19.15 -24.19
C VAL E 157 -21.52 20.44 -24.95
N VAL E 158 -21.92 20.52 -26.21
CA VAL E 158 -21.72 21.74 -27.03
C VAL E 158 -22.61 22.86 -26.46
N GLU E 159 -23.86 22.54 -26.10
CA GLU E 159 -24.79 23.55 -25.55
C GLU E 159 -24.31 24.00 -24.18
N ALA E 160 -23.63 23.13 -23.44
CA ALA E 160 -23.17 23.49 -22.08
C ALA E 160 -21.94 24.40 -22.11
N GLY E 161 -21.34 24.65 -23.27
CA GLY E 161 -20.21 25.59 -23.40
C GLY E 161 -18.86 24.92 -23.28
N PHE E 162 -18.81 23.61 -23.01
CA PHE E 162 -17.54 22.87 -22.89
C PHE E 162 -16.91 22.71 -24.27
N MET E 163 -17.70 22.52 -25.33
CA MET E 163 -17.14 22.30 -26.67
C MET E 163 -17.81 23.27 -27.60
N THR E 164 -17.02 23.90 -28.47
CA THR E 164 -17.58 24.81 -29.49
C THR E 164 -18.16 23.98 -30.65
N ARG E 165 -18.91 24.61 -31.52
CA ARG E 165 -19.43 23.93 -32.73
C ARG E 165 -18.25 23.54 -33.63
N GLU E 166 -17.26 24.41 -33.76
CA GLU E 166 -16.11 24.10 -34.62
C GLU E 166 -15.36 22.91 -34.02
N GLU E 167 -15.22 22.92 -32.72
CA GLU E 167 -14.50 21.84 -32.02
C GLU E 167 -15.33 20.58 -32.17
N ARG E 168 -16.65 20.69 -32.22
CA ARG E 168 -17.53 19.51 -32.38
C ARG E 168 -17.29 18.93 -33.77
N LYS E 169 -17.14 19.78 -34.78
CA LYS E 169 -16.92 19.30 -36.18
C LYS E 169 -15.60 18.57 -36.21
N LYS E 170 -14.56 19.15 -35.60
CA LYS E 170 -13.20 18.52 -35.58
C LYS E 170 -13.28 17.21 -34.83
N PHE E 171 -14.01 17.19 -33.72
CA PHE E 171 -14.10 16.02 -32.82
C PHE E 171 -14.85 14.91 -33.52
N GLU E 172 -15.88 15.20 -34.28
CA GLU E 172 -16.65 14.14 -34.97
C GLU E 172 -15.89 13.68 -36.21
N ASN E 173 -15.12 14.56 -36.81
CA ASN E 173 -14.46 14.21 -38.09
C ASN E 173 -13.29 13.29 -37.82
N LEU E 174 -12.89 13.08 -36.55
CA LEU E 174 -11.80 12.12 -36.23
C LEU E 174 -12.30 10.72 -36.54
N ASN E 175 -11.55 9.98 -37.34
CA ASN E 175 -11.96 8.60 -37.67
C ASN E 175 -11.36 7.74 -36.56
N SER E 176 -12.01 7.72 -35.41
CA SER E 176 -11.66 6.82 -34.31
C SER E 176 -12.91 6.11 -33.82
N SER E 177 -12.82 4.81 -33.63
CA SER E 177 -13.90 3.99 -33.07
C SER E 177 -13.68 3.84 -31.59
N TYR E 178 -12.63 4.45 -31.03
CA TYR E 178 -12.34 4.36 -29.58
C TYR E 178 -12.76 5.65 -28.89
N ASN E 179 -13.03 5.58 -27.58
CA ASN E 179 -13.50 6.74 -26.78
C ASN E 179 -12.51 7.90 -26.98
N LYS E 180 -13.05 9.09 -27.25
CA LYS E 180 -12.23 10.24 -27.68
C LYS E 180 -12.00 11.22 -26.53
N TYR E 181 -12.11 10.77 -25.29
CA TYR E 181 -11.83 11.65 -24.14
C TYR E 181 -10.42 12.27 -24.24
N TRP E 182 -9.46 11.60 -24.87
CA TRP E 182 -8.06 12.07 -25.01
C TRP E 182 -7.96 13.24 -26.00
N VAL E 183 -9.01 13.50 -26.79
CA VAL E 183 -8.89 14.47 -27.92
C VAL E 183 -8.64 15.89 -27.41
N PRO E 184 -9.38 16.38 -26.41
CA PRO E 184 -9.06 17.71 -25.89
C PRO E 184 -7.63 17.77 -25.34
N CYS E 185 -7.09 16.68 -24.83
CA CYS E 185 -5.73 16.68 -24.24
C CYS E 185 -4.70 16.89 -25.35
N VAL E 186 -4.91 16.28 -26.52
CA VAL E 186 -4.00 16.52 -27.66
C VAL E 186 -4.23 17.95 -28.18
N TRP E 187 -5.45 18.47 -28.11
CA TRP E 187 -5.71 19.88 -28.45
C TRP E 187 -4.95 20.78 -27.46
N PHE E 188 -4.93 20.40 -26.20
CA PHE E 188 -4.26 21.20 -25.16
C PHE E 188 -2.78 21.19 -25.45
N SER E 189 -2.23 20.03 -25.76
CA SER E 189 -0.78 19.93 -26.11
C SER E 189 -0.50 20.87 -27.28
N ASN E 190 -1.27 20.74 -28.37
CA ASN E 190 -1.03 21.59 -29.56
C ASN E 190 -1.19 23.06 -29.23
N LEU E 191 -2.17 23.43 -28.43
CA LEU E 191 -2.41 24.87 -28.19
C LEU E 191 -1.30 25.38 -27.31
N ALA E 192 -0.82 24.59 -26.34
CA ALA E 192 0.26 25.06 -25.45
C ALA E 192 1.51 25.24 -26.32
N ALA E 193 1.74 24.34 -27.27
CA ALA E 193 2.87 24.50 -28.19
C ALA E 193 2.71 25.82 -28.97
N GLN E 194 1.51 26.12 -29.44
CA GLN E 194 1.24 27.32 -30.28
C GLN E 194 1.46 28.55 -29.42
N ALA E 195 1.02 28.50 -28.16
CA ALA E 195 1.16 29.63 -27.22
C ALA E 195 2.65 29.87 -27.05
N ARG E 196 3.43 28.82 -26.82
CA ARG E 196 4.89 28.94 -26.63
C ARG E 196 5.53 29.47 -27.91
N ARG E 197 5.07 29.08 -29.08
CA ARG E 197 5.61 29.61 -30.36
C ARG E 197 5.26 31.09 -30.52
N GLU E 198 4.09 31.52 -30.10
CA GLU E 198 3.67 32.95 -30.21
C GLU E 198 4.28 33.79 -29.10
N GLY E 199 4.94 33.15 -28.14
CA GLY E 199 5.63 33.82 -27.02
C GLY E 199 4.69 34.11 -25.87
N ARG E 200 3.46 33.60 -25.92
CA ARG E 200 2.51 33.77 -24.80
C ARG E 200 3.03 32.97 -23.61
N ILE E 201 3.60 31.80 -23.83
CA ILE E 201 4.43 31.15 -22.79
C ILE E 201 5.88 31.63 -22.91
N ARG E 202 6.42 32.27 -21.90
CA ARG E 202 7.64 33.10 -22.07
C ARG E 202 8.88 32.21 -22.06
N ASP E 203 8.79 30.94 -21.69
CA ASP E 203 9.99 30.08 -21.55
C ASP E 203 9.65 28.63 -21.78
N ASN E 204 10.63 27.85 -22.21
CA ASN E 204 10.48 26.43 -22.65
C ASN E 204 10.21 25.52 -21.45
N SER E 205 10.71 25.91 -20.29
CA SER E 205 10.48 25.18 -19.02
C SER E 205 9.02 25.34 -18.63
N ALA E 206 8.41 26.50 -18.87
CA ALA E 206 6.98 26.72 -18.55
C ALA E 206 6.11 25.88 -19.48
N LEU E 207 6.53 25.75 -20.73
CA LEU E 207 5.80 24.85 -21.64
C LEU E 207 5.90 23.42 -21.10
N LYS E 208 7.09 23.03 -20.63
CA LYS E 208 7.33 21.67 -20.12
C LYS E 208 6.45 21.47 -18.91
N LEU E 209 6.32 22.50 -18.09
CA LEU E 209 5.48 22.43 -16.85
C LEU E 209 4.02 22.25 -17.22
N LEU E 210 3.56 22.98 -18.23
CA LEU E 210 2.15 22.82 -18.72
C LEU E 210 1.98 21.39 -19.20
N LEU E 211 2.92 20.87 -19.97
CA LEU E 211 2.71 19.55 -20.58
C LEU E 211 2.76 18.48 -19.51
N GLU E 212 3.58 18.68 -18.46
CA GLU E 212 3.66 17.74 -17.32
C GLU E 212 2.32 17.68 -16.62
N GLU E 213 1.76 18.87 -16.38
CA GLU E 213 0.48 18.97 -15.65
C GLU E 213 -0.66 18.44 -16.51
N LEU E 214 -0.59 18.68 -17.81
CA LEU E 214 -1.56 18.12 -18.77
C LEU E 214 -1.46 16.60 -18.69
N ASN E 215 -0.24 16.07 -18.63
CA ASN E 215 -0.08 14.60 -18.68
C ASN E 215 -0.67 14.02 -17.41
N VAL E 216 -0.53 14.72 -16.30
CA VAL E 216 -1.12 14.22 -15.04
C VAL E 216 -2.65 14.19 -15.16
N PHE E 217 -3.20 15.27 -15.71
CA PHE E 217 -4.65 15.43 -15.89
C PHE E 217 -5.16 14.30 -16.80
N ARG E 218 -4.48 14.11 -17.92
CA ARG E 218 -4.91 13.12 -18.94
C ARG E 218 -4.79 11.74 -18.30
N GLY E 219 -3.77 11.51 -17.50
CA GLY E 219 -3.59 10.25 -16.79
C GLY E 219 -4.77 9.95 -15.90
N LYS E 220 -5.24 10.95 -15.20
CA LYS E 220 -6.41 10.79 -14.32
C LYS E 220 -7.62 10.41 -15.16
N CYS E 221 -7.85 11.06 -16.28
CA CYS E 221 -9.00 10.75 -17.17
C CYS E 221 -8.88 9.32 -17.68
N GLY E 222 -7.70 8.93 -18.14
CA GLY E 222 -7.48 7.55 -18.59
C GLY E 222 -7.68 6.53 -17.47
N MET E 223 -7.30 6.92 -16.27
CA MET E 223 -7.40 6.01 -15.10
C MET E 223 -8.87 5.80 -14.82
N LEU E 224 -9.66 6.85 -14.98
CA LEU E 224 -11.12 6.73 -14.78
C LEU E 224 -11.63 5.72 -15.78
N PHE E 225 -11.17 5.82 -17.01
CA PHE E 225 -11.60 4.90 -18.09
C PHE E 225 -11.23 3.47 -17.72
N HIS E 226 -10.02 3.26 -17.20
CA HIS E 226 -9.50 1.89 -16.91
C HIS E 226 -10.27 1.29 -15.73
N TYR E 227 -10.59 2.09 -14.75
CA TYR E 227 -11.34 1.61 -13.58
C TYR E 227 -12.74 1.26 -14.02
N ASP E 228 -13.28 2.02 -14.98
CA ASP E 228 -14.64 1.76 -15.50
C ASP E 228 -14.65 0.43 -16.25
N TRP E 229 -13.65 0.24 -17.08
CA TRP E 229 -13.59 -0.93 -17.98
C TRP E 229 -13.20 -2.16 -17.19
N ILE E 230 -12.13 -2.07 -16.40
CA ILE E 230 -11.59 -3.24 -15.67
C ILE E 230 -12.31 -3.30 -14.33
N SER E 231 -13.46 -3.95 -14.31
CA SER E 231 -14.29 -4.15 -13.10
C SER E 231 -13.52 -5.02 -12.11
N VAL E 232 -13.92 -4.97 -10.83
CA VAL E 232 -13.46 -5.99 -9.83
C VAL E 232 -13.92 -7.32 -10.38
N PRO E 233 -13.04 -8.32 -10.51
CA PRO E 233 -13.38 -9.52 -11.29
C PRO E 233 -14.73 -10.12 -10.91
N LEU E 234 -15.48 -10.48 -11.93
CA LEU E 234 -16.88 -10.88 -11.72
C LEU E 234 -16.88 -12.21 -10.97
N VAL E 235 -15.86 -13.04 -11.18
CA VAL E 235 -15.77 -14.32 -10.41
C VAL E 235 -15.65 -13.96 -8.92
N TYR E 236 -14.79 -12.99 -8.59
CA TYR E 236 -14.56 -12.61 -7.18
C TYR E 236 -15.86 -12.09 -6.56
N THR E 237 -16.61 -11.29 -7.32
CA THR E 237 -17.89 -10.73 -6.81
C THR E 237 -18.88 -11.87 -6.61
N GLN E 238 -19.08 -12.71 -7.63
CA GLN E 238 -20.04 -13.85 -7.54
C GLN E 238 -19.66 -14.72 -6.34
N VAL E 239 -18.37 -14.91 -6.08
CA VAL E 239 -17.91 -15.72 -4.92
C VAL E 239 -18.41 -15.10 -3.62
N VAL E 240 -18.30 -13.81 -3.46
CA VAL E 240 -18.68 -13.17 -2.16
CA VAL E 240 -18.68 -13.17 -2.16
C VAL E 240 -20.20 -13.13 -2.07
N THR E 241 -20.89 -12.93 -3.19
CA THR E 241 -22.36 -12.86 -3.15
C THR E 241 -22.87 -14.25 -2.79
N ILE E 242 -22.28 -15.27 -3.40
CA ILE E 242 -22.69 -16.68 -3.13
C ILE E 242 -22.36 -17.05 -1.69
N ALA E 243 -21.24 -16.59 -1.17
CA ALA E 243 -20.86 -16.83 0.23
C ALA E 243 -21.97 -16.28 1.12
N LEU E 244 -22.33 -15.04 0.88
CA LEU E 244 -23.23 -14.36 1.81
C LEU E 244 -24.60 -15.01 1.72
N TYR E 245 -25.01 -15.38 0.52
CA TYR E 245 -26.35 -15.92 0.29
C TYR E 245 -26.40 -17.33 0.87
N SER E 246 -25.31 -18.10 0.80
CA SER E 246 -25.21 -19.45 1.40
C SER E 246 -25.38 -19.35 2.92
N TYR E 247 -24.69 -18.39 3.52
CA TYR E 247 -24.81 -18.14 4.96
C TYR E 247 -26.24 -17.76 5.29
N PHE E 248 -26.87 -16.92 4.46
CA PHE E 248 -28.22 -16.43 4.80
C PHE E 248 -29.22 -17.53 4.56
N LEU E 249 -28.99 -18.48 3.66
CA LEU E 249 -29.93 -19.62 3.48
C LEU E 249 -29.79 -20.54 4.70
N ALA E 250 -28.55 -20.76 5.15
CA ALA E 250 -28.33 -21.60 6.33
C ALA E 250 -28.97 -20.90 7.54
N CYS E 251 -28.90 -19.57 7.64
CA CYS E 251 -29.51 -18.80 8.76
C CYS E 251 -31.02 -18.73 8.58
N LEU E 252 -31.50 -18.88 7.37
CA LEU E 252 -32.94 -18.70 7.10
C LEU E 252 -33.60 -19.99 7.53
N ILE E 253 -32.92 -21.12 7.39
CA ILE E 253 -33.52 -22.42 7.82
C ILE E 253 -33.09 -22.74 9.26
N GLY E 254 -31.85 -22.57 9.60
CA GLY E 254 -31.34 -23.04 10.89
C GLY E 254 -31.68 -22.16 12.06
N ARG E 255 -32.04 -20.92 11.79
CA ARG E 255 -32.42 -19.97 12.88
C ARG E 255 -33.94 -19.99 13.08
N GLN E 256 -34.64 -20.95 12.48
CA GLN E 256 -36.07 -21.10 12.70
C GLN E 256 -36.30 -21.56 14.12
N PHE E 257 -37.24 -20.95 14.81
CA PHE E 257 -37.45 -21.28 16.24
C PHE E 257 -38.27 -22.56 16.29
N LEU E 258 -37.73 -23.56 16.98
CA LEU E 258 -38.42 -24.86 17.10
C LEU E 258 -39.27 -24.83 18.36
N ASP E 259 -40.20 -25.78 18.46
CA ASP E 259 -41.07 -25.95 19.65
C ASP E 259 -40.18 -26.29 20.83
N PRO E 260 -40.21 -25.54 21.94
CA PRO E 260 -39.55 -25.97 23.15
C PRO E 260 -40.09 -27.31 23.68
N ALA E 261 -41.33 -27.65 23.31
CA ALA E 261 -42.00 -28.93 23.64
C ALA E 261 -41.14 -30.11 23.23
N GLN E 262 -40.55 -30.06 22.04
CA GLN E 262 -39.76 -31.18 21.48
C GLN E 262 -38.49 -31.38 22.30
N GLY E 263 -38.07 -30.35 23.04
CA GLY E 263 -36.92 -30.45 23.97
C GLY E 263 -35.63 -30.64 23.21
N TYR E 264 -35.50 -30.01 22.05
CA TYR E 264 -34.23 -30.03 21.29
C TYR E 264 -33.22 -29.20 22.06
N LYS E 265 -31.98 -29.66 22.11
CA LYS E 265 -30.88 -28.89 22.75
C LYS E 265 -30.75 -27.57 21.98
N ASP E 266 -30.50 -26.47 22.69
CA ASP E 266 -30.20 -25.17 22.04
C ASP E 266 -31.49 -24.55 21.49
N HIS E 267 -32.62 -25.27 21.53
CA HIS E 267 -33.93 -24.79 21.04
C HIS E 267 -34.93 -25.01 22.15
N ASP E 268 -34.97 -24.11 23.13
CA ASP E 268 -35.84 -24.23 24.33
C ASP E 268 -36.57 -22.92 24.60
N LEU E 269 -36.35 -21.90 23.78
CA LEU E 269 -37.01 -20.59 23.89
C LEU E 269 -37.47 -20.19 22.50
N ASP E 270 -38.69 -19.67 22.42
CA ASP E 270 -39.31 -19.30 21.12
C ASP E 270 -39.67 -17.82 21.18
N LEU E 271 -38.85 -16.99 20.54
CA LEU E 271 -39.01 -15.52 20.55
C LEU E 271 -39.89 -15.08 19.37
N CYS E 272 -40.10 -15.96 18.41
CA CYS E 272 -41.03 -15.77 17.26
C CYS E 272 -40.38 -14.79 16.29
N VAL E 273 -39.34 -14.05 16.68
CA VAL E 273 -38.60 -13.14 15.76
C VAL E 273 -37.14 -13.23 16.12
N PRO E 274 -36.26 -13.60 15.14
CA PRO E 274 -34.83 -13.78 15.42
C PRO E 274 -34.11 -12.42 15.41
N ILE E 275 -34.22 -11.71 16.52
CA ILE E 275 -33.61 -10.39 16.74
C ILE E 275 -32.13 -10.47 16.34
N PHE E 276 -31.42 -11.48 16.86
CA PHE E 276 -29.95 -11.53 16.73
C PHE E 276 -29.64 -11.97 15.32
N THR E 277 -30.41 -12.88 14.77
CA THR E 277 -30.21 -13.35 13.37
C THR E 277 -30.52 -12.19 12.42
N LEU E 278 -31.56 -11.40 12.67
CA LEU E 278 -31.85 -10.20 11.84
C LEU E 278 -30.70 -9.21 11.98
N LEU E 279 -30.13 -9.03 13.17
CA LEU E 279 -28.97 -8.11 13.34
C LEU E 279 -27.77 -8.67 12.59
N GLN E 280 -27.53 -9.98 12.61
CA GLN E 280 -26.40 -10.58 11.87
C GLN E 280 -26.65 -10.32 10.39
N PHE E 281 -27.88 -10.53 9.95
CA PHE E 281 -28.23 -10.34 8.52
C PHE E 281 -27.95 -8.88 8.18
N PHE E 282 -28.40 -7.98 9.03
CA PHE E 282 -28.24 -6.52 8.81
C PHE E 282 -26.76 -6.14 8.75
N PHE E 283 -25.97 -6.61 9.71
CA PHE E 283 -24.48 -6.49 9.73
C PHE E 283 -23.84 -7.04 8.45
N TYR E 284 -24.02 -8.30 8.12
CA TYR E 284 -23.31 -8.92 6.97
C TYR E 284 -23.83 -8.38 5.64
N ALA E 285 -25.13 -8.19 5.50
CA ALA E 285 -25.68 -7.68 4.24
C ALA E 285 -25.27 -6.22 4.08
N GLY E 286 -25.19 -5.45 5.17
CA GLY E 286 -24.70 -4.06 5.10
C GLY E 286 -23.26 -4.06 4.71
N TRP E 287 -22.49 -5.00 5.22
CA TRP E 287 -21.06 -5.09 4.88
C TRP E 287 -20.94 -5.33 3.37
N LEU E 288 -21.78 -6.18 2.80
CA LEU E 288 -21.71 -6.40 1.35
C LEU E 288 -22.28 -5.18 0.64
N LYS E 289 -23.28 -4.52 1.21
CA LYS E 289 -23.87 -3.28 0.61
C LYS E 289 -22.84 -2.15 0.55
N VAL E 290 -21.87 -2.14 1.43
CA VAL E 290 -20.76 -1.18 1.32
C VAL E 290 -20.09 -1.41 -0.02
N ALA E 291 -19.74 -2.65 -0.36
CA ALA E 291 -19.09 -2.96 -1.67
C ALA E 291 -20.07 -2.62 -2.79
N GLU E 292 -21.34 -2.93 -2.61
CA GLU E 292 -22.34 -2.73 -3.67
C GLU E 292 -22.42 -1.23 -4.00
N GLN E 293 -22.43 -0.39 -2.98
CA GLN E 293 -22.50 1.07 -3.20
C GLN E 293 -21.17 1.59 -3.77
N LEU E 294 -20.05 1.07 -3.28
CA LEU E 294 -18.73 1.61 -3.66
C LEU E 294 -18.17 0.95 -4.92
N ILE E 295 -18.79 -0.10 -5.45
CA ILE E 295 -18.17 -0.87 -6.57
C ILE E 295 -18.14 -0.02 -7.83
N ASN E 296 -19.17 0.77 -8.05
CA ASN E 296 -19.19 1.79 -9.12
C ASN E 296 -19.54 3.11 -8.45
N PRO E 297 -18.55 3.92 -8.05
CA PRO E 297 -18.82 5.14 -7.34
C PRO E 297 -19.31 6.31 -8.19
N PHE E 298 -19.55 6.06 -9.45
CA PHE E 298 -19.92 7.17 -10.32
C PHE E 298 -21.35 6.95 -10.74
N GLY E 299 -22.08 6.11 -10.01
CA GLY E 299 -23.52 5.97 -10.24
C GLY E 299 -24.24 7.17 -9.65
N GLU E 300 -25.45 6.98 -9.19
CA GLU E 300 -26.31 8.05 -8.68
C GLU E 300 -26.82 7.57 -7.33
N ASP E 301 -25.90 7.13 -6.48
CA ASP E 301 -26.30 6.67 -5.13
C ASP E 301 -26.34 7.88 -4.20
N ASP E 302 -25.90 7.69 -2.96
CA ASP E 302 -25.84 8.80 -1.98
C ASP E 302 -24.41 8.93 -1.56
N ASP E 303 -23.67 7.85 -1.52
CA ASP E 303 -22.21 7.89 -1.27
C ASP E 303 -21.44 7.86 -2.59
N ASP E 304 -22.17 7.72 -3.70
CA ASP E 304 -21.53 7.81 -5.03
C ASP E 304 -20.97 9.23 -5.14
N PHE E 305 -19.94 9.42 -5.95
CA PHE E 305 -19.26 10.72 -6.05
C PHE E 305 -20.19 11.73 -6.68
N GLU E 306 -20.12 12.99 -6.25
CA GLU E 306 -20.96 14.04 -6.82
C GLU E 306 -20.21 14.58 -8.04
N THR E 307 -20.39 13.95 -9.19
CA THR E 307 -19.56 14.22 -10.37
C THR E 307 -20.08 15.45 -11.08
N ASN E 308 -21.34 15.80 -10.87
CA ASN E 308 -21.93 16.94 -11.59
C ASN E 308 -21.54 18.21 -10.82
N PHE E 309 -21.51 18.14 -9.49
CA PHE E 309 -21.04 19.24 -8.63
C PHE E 309 -19.58 19.52 -8.95
N LEU E 310 -18.78 18.46 -9.10
CA LEU E 310 -17.32 18.64 -9.34
C LEU E 310 -17.14 19.23 -10.71
N ILE E 311 -17.94 18.83 -11.71
CA ILE E 311 -17.85 19.41 -13.08
C ILE E 311 -18.09 20.92 -12.99
N ASP E 312 -19.17 21.33 -12.32
CA ASP E 312 -19.55 22.75 -12.22
C ASP E 312 -18.49 23.53 -11.43
N ARG E 313 -18.01 22.97 -10.35
CA ARG E 313 -16.99 23.67 -9.52
C ARG E 313 -15.74 23.82 -10.35
N ASN E 314 -15.30 22.72 -10.97
CA ASN E 314 -13.99 22.72 -11.68
C ASN E 314 -14.05 23.75 -12.78
N PHE E 315 -15.16 23.81 -13.50
CA PHE E 315 -15.28 24.76 -14.63
C PHE E 315 -15.19 26.18 -14.10
N GLN E 316 -16.03 26.52 -13.13
CA GLN E 316 -16.17 27.91 -12.61
C GLN E 316 -14.83 28.35 -12.04
N VAL E 317 -14.22 27.48 -11.25
CA VAL E 317 -12.99 27.84 -10.53
C VAL E 317 -11.87 28.03 -11.53
N SER E 318 -11.74 27.10 -12.48
CA SER E 318 -10.64 27.17 -13.48
C SER E 318 -10.78 28.48 -14.25
N MET E 319 -11.99 28.78 -14.70
CA MET E 319 -12.21 30.04 -15.46
C MET E 319 -11.91 31.28 -14.62
N LEU E 320 -12.28 31.27 -13.34
CA LEU E 320 -11.89 32.38 -12.43
C LEU E 320 -10.36 32.46 -12.40
N ALA E 321 -9.70 31.32 -12.24
CA ALA E 321 -8.27 31.31 -11.92
C ALA E 321 -7.52 31.89 -13.11
N VAL E 322 -7.93 31.53 -14.33
CA VAL E 322 -7.13 31.95 -15.52
C VAL E 322 -7.64 33.26 -16.13
N ASP E 323 -8.88 33.67 -15.82
CA ASP E 323 -9.39 34.87 -16.52
C ASP E 323 -9.48 36.04 -15.56
N GLU E 324 -10.19 35.91 -14.43
CA GLU E 324 -10.44 37.08 -13.53
C GLU E 324 -9.24 37.29 -12.63
N MET E 325 -8.53 36.23 -12.25
CA MET E 325 -7.43 36.40 -11.27
C MET E 325 -6.04 36.41 -11.95
N TYR E 326 -6.00 36.48 -13.28
CA TYR E 326 -4.69 36.58 -13.93
C TYR E 326 -4.14 37.99 -13.71
N ASP E 327 -2.92 38.06 -13.17
CA ASP E 327 -2.12 39.29 -13.05
C ASP E 327 -2.97 40.31 -12.32
N ASP E 328 -3.69 39.84 -11.30
CA ASP E 328 -4.64 40.67 -10.51
C ASP E 328 -4.24 40.53 -9.05
N LEU E 329 -3.00 40.90 -8.77
CA LEU E 329 -2.45 40.83 -7.40
C LEU E 329 -2.83 42.12 -6.69
N ALA E 330 -3.10 42.06 -5.39
CA ALA E 330 -3.05 43.27 -4.53
C ALA E 330 -1.61 43.76 -4.47
N VAL E 331 -1.39 45.05 -4.33
CA VAL E 331 -0.01 45.62 -4.38
C VAL E 331 0.79 45.02 -3.23
N LEU E 332 2.02 44.54 -3.51
CA LEU E 332 2.96 44.04 -2.46
C LEU E 332 3.05 45.11 -1.35
N GLU E 333 2.46 44.83 -0.20
CA GLU E 333 2.60 45.70 0.98
C GLU E 333 3.01 44.83 2.16
N LYS E 334 3.77 45.45 3.06
CA LYS E 334 4.34 44.82 4.25
C LYS E 334 3.21 44.19 5.08
N ASP E 335 3.38 42.94 5.45
CA ASP E 335 2.39 42.18 6.25
C ASP E 335 2.49 42.65 7.69
N LEU E 336 1.65 42.06 8.54
CA LEU E 336 1.47 42.49 9.94
C LEU E 336 2.76 42.24 10.73
N TYR E 337 3.53 41.20 10.36
CA TYR E 337 4.71 40.75 11.13
C TYR E 337 5.99 41.16 10.43
N TRP E 338 6.01 42.29 9.74
CA TRP E 338 7.23 42.71 9.00
C TRP E 338 8.36 43.02 9.98
N ASP E 339 8.07 43.76 11.05
CA ASP E 339 9.12 44.27 11.96
C ASP E 339 9.33 43.30 13.13
N ALA E 340 8.53 42.23 13.23
CA ALA E 340 8.59 41.28 14.37
C ALA E 340 9.52 40.12 14.00
N ALA E 341 10.55 39.87 14.82
CA ALA E 341 11.50 38.74 14.66
C ALA E 341 10.73 37.42 14.72
N GLU E 342 9.83 37.28 15.68
CA GLU E 342 8.92 36.10 15.80
C GLU E 342 7.59 36.43 15.13
N ALA E 343 6.75 35.43 14.90
CA ALA E 343 5.51 35.62 14.11
C ALA E 343 4.42 34.71 14.66
N ARG E 344 3.33 35.29 15.17
CA ARG E 344 2.26 34.48 15.79
C ARG E 344 0.95 35.24 15.72
N ALA E 345 -0.02 34.66 15.01
CA ALA E 345 -1.38 35.19 14.91
C ALA E 345 -2.04 35.13 16.28
N PRO E 346 -2.99 36.04 16.57
CA PRO E 346 -3.75 35.95 17.81
C PRO E 346 -4.62 34.69 17.85
N TYR E 347 -4.91 34.26 19.07
CA TYR E 347 -5.80 33.11 19.37
C TYR E 347 -7.08 33.66 19.99
N THR E 348 -8.22 33.03 19.68
CA THR E 348 -9.54 33.38 20.24
C THR E 348 -9.65 32.86 21.67
N ALA E 349 -10.64 33.36 22.41
CA ALA E 349 -10.97 32.90 23.78
C ALA E 349 -11.27 31.40 23.78
N ALA E 350 -11.95 30.91 22.74
CA ALA E 350 -12.32 29.48 22.57
C ALA E 350 -11.06 28.61 22.50
N THR E 351 -10.05 29.00 21.73
CA THR E 351 -8.86 28.16 21.46
C THR E 351 -7.60 28.71 22.15
N VAL E 352 -7.73 29.68 23.06
CA VAL E 352 -6.55 30.22 23.78
C VAL E 352 -6.00 29.12 24.70
N PHE E 353 -6.82 28.14 25.07
CA PHE E 353 -6.40 27.02 25.95
C PHE E 353 -5.33 26.19 25.26
N GLN E 354 -5.29 26.20 23.93
CA GLN E 354 -4.32 25.38 23.17
C GLN E 354 -2.93 25.94 23.45
N LEU E 355 -2.84 27.26 23.64
CA LEU E 355 -1.58 27.87 24.11
C LEU E 355 -1.18 27.28 25.47
N ARG E 356 0.03 27.59 25.93
CA ARG E 356 0.62 27.20 27.24
C ARG E 356 0.81 25.68 27.34
N GLN E 357 0.36 24.91 26.33
CA GLN E 357 0.77 23.50 26.17
C GLN E 357 2.18 23.49 25.62
N PRO E 358 3.12 22.72 26.19
CA PRO E 358 4.52 22.74 25.73
C PRO E 358 4.66 22.46 24.22
N SER E 359 5.44 23.30 23.54
CA SER E 359 5.76 23.17 22.10
C SER E 359 6.65 21.94 21.91
N PHE E 360 6.24 21.02 21.06
CA PHE E 360 6.97 19.76 20.81
C PHE E 360 8.29 20.07 20.09
N GLN E 361 9.40 19.56 20.62
CA GLN E 361 10.73 19.75 20.00
C GLN E 361 11.30 18.43 19.48
N GLY E 362 10.85 17.29 20.02
CA GLY E 362 11.42 15.94 19.76
C GLY E 362 11.32 15.08 21.00
N SER E 363 11.33 13.76 20.83
CA SER E 363 11.22 12.78 21.95
C SER E 363 12.44 12.82 22.89
N THR E 364 13.61 13.26 22.42
CA THR E 364 14.90 13.07 23.14
C THR E 364 15.22 14.25 24.06
N PHE E 365 14.33 15.25 24.21
CA PHE E 365 14.67 16.51 24.89
C PHE E 365 14.25 16.48 26.36
N ASP E 366 14.15 15.29 26.97
CA ASP E 366 13.84 15.13 28.41
C ASP E 366 14.70 14.03 29.03
N ILE E 367 15.81 13.66 28.39
CA ILE E 367 16.60 12.46 28.81
C ILE E 367 17.35 12.79 30.11
N THR E 368 17.94 13.98 30.21
CA THR E 368 18.64 14.46 31.44
C THR E 368 19.78 13.50 31.79
N LEU E 369 20.78 13.40 30.91
CA LEU E 369 21.97 12.54 31.12
C LEU E 369 22.78 13.03 32.33
N ALA E 370 23.76 12.23 32.75
CA ALA E 370 24.76 12.60 33.77
C ALA E 370 25.90 13.42 33.11
N LYS E 371 26.61 14.18 33.93
CA LYS E 371 27.73 15.06 33.47
C LYS E 371 28.83 14.19 32.84
N GLU E 372 29.15 13.06 33.44
CA GLU E 372 30.27 12.18 33.00
C GLU E 372 29.92 11.55 31.65
N ASP E 373 28.65 11.21 31.42
CA ASP E 373 28.23 10.52 30.18
C ASP E 373 28.17 11.50 29.00
N MET E 374 28.17 12.80 29.28
CA MET E 374 28.11 13.84 28.21
C MET E 374 29.49 14.07 27.60
N GLN E 375 30.58 13.67 28.25
CA GLN E 375 31.95 13.93 27.75
C GLN E 375 32.24 13.01 26.56
N PHE E 376 32.75 13.59 25.46
CA PHE E 376 33.26 12.83 24.29
C PHE E 376 34.45 11.98 24.72
N GLN E 377 34.68 10.89 23.99
CA GLN E 377 35.79 9.92 24.21
C GLN E 377 37.14 10.64 24.09
#